data_1QWH
# 
_entry.id   1QWH 
# 
_audit_conform.dict_name       mmcif_pdbx.dic 
_audit_conform.dict_version    5.376 
_audit_conform.dict_location   http://mmcif.pdb.org/dictionaries/ascii/mmcif_pdbx.dic 
# 
loop_
_database_2.database_id 
_database_2.database_code 
_database_2.pdbx_database_accession 
_database_2.pdbx_DOI 
PDB   1QWH         pdb_00001qwh 10.2210/pdb1qwh/pdb 
RCSB  RCSB020151   ?            ?                   
WWPDB D_1000020151 ?            ?                   
# 
_pdbx_database_status.status_code                     REL 
_pdbx_database_status.entry_id                        1QWH 
_pdbx_database_status.recvd_initial_deposition_date   2003-09-02 
_pdbx_database_status.deposit_site                    RCSB 
_pdbx_database_status.process_site                    RCSB 
_pdbx_database_status.status_code_sf                  REL 
_pdbx_database_status.SG_entry                        . 
_pdbx_database_status.pdb_format_compatible           Y 
_pdbx_database_status.status_code_mr                  ? 
_pdbx_database_status.status_code_cs                  ? 
_pdbx_database_status.status_code_nmr_data            ? 
_pdbx_database_status.methods_development_category    ? 
# 
loop_
_audit_author.name 
_audit_author.pdbx_ordinal 
'Foss, T.'     1 
'Kelker, M.S.' 2 
'Wilson, I.A.' 3 
# 
_citation.id                        primary 
_citation.title                     
'Kinetic stabilization of the native state by protein engineering: implications for inhibition of transthyretin amyloidogenesis.' 
_citation.journal_abbrev            J.Mol.Biol. 
_citation.journal_volume            347 
_citation.page_first                841 
_citation.page_last                 854 
_citation.year                      2005 
_citation.journal_id_ASTM           JMOBAK 
_citation.country                   UK 
_citation.journal_id_ISSN           0022-2836 
_citation.journal_id_CSD            0070 
_citation.book_publisher            ? 
_citation.pdbx_database_id_PubMed   15769474 
_citation.pdbx_database_id_DOI      10.1016/j.jmb.2005.01.050 
# 
loop_
_citation_author.citation_id 
_citation_author.name 
_citation_author.ordinal 
_citation_author.identifier_ORCID 
primary 'Foss, T.R.'    1 ? 
primary 'Kelker, M.S.'  2 ? 
primary 'Wiseman, R.L.' 3 ? 
primary 'Wilson, I.A.'  4 ? 
primary 'Kelly, J.W.'   5 ? 
# 
_cell.entry_id           1QWH 
_cell.length_a           43.630 
_cell.length_b           86.050 
_cell.length_c           63.830 
_cell.angle_alpha        90.00 
_cell.angle_beta         90.00 
_cell.angle_gamma        90.00 
_cell.Z_PDB              8 
_cell.pdbx_unique_axis   ? 
# 
_symmetry.entry_id                         1QWH 
_symmetry.space_group_name_H-M             'P 21 21 2' 
_symmetry.pdbx_full_space_group_name_H-M   ? 
_symmetry.cell_setting                     ? 
_symmetry.Int_Tables_number                18 
_symmetry.space_group_name_Hall            ? 
# 
loop_
_entity.id 
_entity.type 
_entity.src_method 
_entity.pdbx_description 
_entity.formula_weight 
_entity.pdbx_number_of_molecules 
_entity.pdbx_ec 
_entity.pdbx_mutation 
_entity.pdbx_fragment 
_entity.details 
1 polymer man Transthyretin 12858.368 2   ? ? ? 
'A linker, not seen in the density, was used to link chain A and B, see remark 999.' 
2 water   nat water         18.015    125 ? ? ? ? 
# 
_entity_name_com.entity_id   1 
_entity_name_com.name        'Prealbumin, TBPA, TTR, ATTR' 
# 
_entity_poly.entity_id                      1 
_entity_poly.type                           'polypeptide(L)' 
_entity_poly.nstd_linkage                   no 
_entity_poly.nstd_monomer                   no 
_entity_poly.pdbx_seq_one_letter_code       
;PLMVKVLDAVRGSPAINVAVHVFRKAADDTWEPFASGKTSESGELHGLTTEEEFVEGIYKVEIDTKSYWKALGISPFHEH
AEVVFTANDSGPRRYTIAALLSPYSYSTTAVVTNPKE
;
_entity_poly.pdbx_seq_one_letter_code_can   
;PLMVKVLDAVRGSPAINVAVHVFRKAADDTWEPFASGKTSESGELHGLTTEEEFVEGIYKVEIDTKSYWKALGISPFHEH
AEVVFTANDSGPRRYTIAALLSPYSYSTTAVVTNPKE
;
_entity_poly.pdbx_strand_id                 A,B 
_entity_poly.pdbx_target_identifier         ? 
# 
loop_
_entity_poly_seq.entity_id 
_entity_poly_seq.num 
_entity_poly_seq.mon_id 
_entity_poly_seq.hetero 
1 1   PRO n 
1 2   LEU n 
1 3   MET n 
1 4   VAL n 
1 5   LYS n 
1 6   VAL n 
1 7   LEU n 
1 8   ASP n 
1 9   ALA n 
1 10  VAL n 
1 11  ARG n 
1 12  GLY n 
1 13  SER n 
1 14  PRO n 
1 15  ALA n 
1 16  ILE n 
1 17  ASN n 
1 18  VAL n 
1 19  ALA n 
1 20  VAL n 
1 21  HIS n 
1 22  VAL n 
1 23  PHE n 
1 24  ARG n 
1 25  LYS n 
1 26  ALA n 
1 27  ALA n 
1 28  ASP n 
1 29  ASP n 
1 30  THR n 
1 31  TRP n 
1 32  GLU n 
1 33  PRO n 
1 34  PHE n 
1 35  ALA n 
1 36  SER n 
1 37  GLY n 
1 38  LYS n 
1 39  THR n 
1 40  SER n 
1 41  GLU n 
1 42  SER n 
1 43  GLY n 
1 44  GLU n 
1 45  LEU n 
1 46  HIS n 
1 47  GLY n 
1 48  LEU n 
1 49  THR n 
1 50  THR n 
1 51  GLU n 
1 52  GLU n 
1 53  GLU n 
1 54  PHE n 
1 55  VAL n 
1 56  GLU n 
1 57  GLY n 
1 58  ILE n 
1 59  TYR n 
1 60  LYS n 
1 61  VAL n 
1 62  GLU n 
1 63  ILE n 
1 64  ASP n 
1 65  THR n 
1 66  LYS n 
1 67  SER n 
1 68  TYR n 
1 69  TRP n 
1 70  LYS n 
1 71  ALA n 
1 72  LEU n 
1 73  GLY n 
1 74  ILE n 
1 75  SER n 
1 76  PRO n 
1 77  PHE n 
1 78  HIS n 
1 79  GLU n 
1 80  HIS n 
1 81  ALA n 
1 82  GLU n 
1 83  VAL n 
1 84  VAL n 
1 85  PHE n 
1 86  THR n 
1 87  ALA n 
1 88  ASN n 
1 89  ASP n 
1 90  SER n 
1 91  GLY n 
1 92  PRO n 
1 93  ARG n 
1 94  ARG n 
1 95  TYR n 
1 96  THR n 
1 97  ILE n 
1 98  ALA n 
1 99  ALA n 
1 100 LEU n 
1 101 LEU n 
1 102 SER n 
1 103 PRO n 
1 104 TYR n 
1 105 SER n 
1 106 TYR n 
1 107 SER n 
1 108 THR n 
1 109 THR n 
1 110 ALA n 
1 111 VAL n 
1 112 VAL n 
1 113 THR n 
1 114 ASN n 
1 115 PRO n 
1 116 LYS n 
1 117 GLU n 
# 
_entity_src_gen.entity_id                          1 
_entity_src_gen.pdbx_src_id                        1 
_entity_src_gen.pdbx_alt_source_flag               sample 
_entity_src_gen.pdbx_seq_type                      ? 
_entity_src_gen.pdbx_beg_seq_num                   ? 
_entity_src_gen.pdbx_end_seq_num                   ? 
_entity_src_gen.gene_src_common_name               human 
_entity_src_gen.gene_src_genus                     Homo 
_entity_src_gen.pdbx_gene_src_gene                 ? 
_entity_src_gen.gene_src_species                   ? 
_entity_src_gen.gene_src_strain                    ? 
_entity_src_gen.gene_src_tissue                    ? 
_entity_src_gen.gene_src_tissue_fraction           ? 
_entity_src_gen.gene_src_details                   ? 
_entity_src_gen.pdbx_gene_src_fragment             ? 
_entity_src_gen.pdbx_gene_src_scientific_name      'Homo sapiens' 
_entity_src_gen.pdbx_gene_src_ncbi_taxonomy_id     9606 
_entity_src_gen.pdbx_gene_src_variant              ? 
_entity_src_gen.pdbx_gene_src_cell_line            ? 
_entity_src_gen.pdbx_gene_src_atcc                 ? 
_entity_src_gen.pdbx_gene_src_organ                ? 
_entity_src_gen.pdbx_gene_src_organelle            ? 
_entity_src_gen.pdbx_gene_src_cell                 ? 
_entity_src_gen.pdbx_gene_src_cellular_location    ? 
_entity_src_gen.host_org_common_name               ? 
_entity_src_gen.pdbx_host_org_scientific_name      'Escherichia coli BL21(DE3)' 
_entity_src_gen.pdbx_host_org_ncbi_taxonomy_id     469008 
_entity_src_gen.host_org_genus                     Escherichia 
_entity_src_gen.pdbx_host_org_gene                 ? 
_entity_src_gen.pdbx_host_org_organ                ? 
_entity_src_gen.host_org_species                   'Escherichia coli' 
_entity_src_gen.pdbx_host_org_tissue               ? 
_entity_src_gen.pdbx_host_org_tissue_fraction      ? 
_entity_src_gen.pdbx_host_org_strain               'BL21 (DE3)' 
_entity_src_gen.pdbx_host_org_variant              ? 
_entity_src_gen.pdbx_host_org_cell_line            ? 
_entity_src_gen.pdbx_host_org_atcc                 ? 
_entity_src_gen.pdbx_host_org_culture_collection   ? 
_entity_src_gen.pdbx_host_org_cell                 ? 
_entity_src_gen.pdbx_host_org_organelle            ? 
_entity_src_gen.pdbx_host_org_cellular_location    ? 
_entity_src_gen.pdbx_host_org_vector_type          plasmid 
_entity_src_gen.pdbx_host_org_vector               ? 
_entity_src_gen.host_org_details                   ? 
_entity_src_gen.expression_system_id               ? 
_entity_src_gen.plasmid_name                       'pET29b(+)' 
_entity_src_gen.plasmid_details                    ? 
_entity_src_gen.pdbx_description                   ? 
# 
_struct_ref.id                         1 
_struct_ref.db_name                    UNP 
_struct_ref.db_code                    TTHY_HUMAN 
_struct_ref.pdbx_db_accession          P02766 
_struct_ref.entity_id                  1 
_struct_ref.pdbx_seq_one_letter_code   
;PLMVKVLDAVRGSPAINVAVHVFRKAADDTWEPFASGKTSESGELHGLTTEEEFVEGIYKVEIDTKSYWKALGISPFHEH
AEVVFTANDSGPRRYTIAALLSPYSYSTTAVVTNPKE
;
_struct_ref.pdbx_align_begin           31 
_struct_ref.pdbx_db_isoform            ? 
# 
loop_
_struct_ref_seq.align_id 
_struct_ref_seq.ref_id 
_struct_ref_seq.pdbx_PDB_id_code 
_struct_ref_seq.pdbx_strand_id 
_struct_ref_seq.seq_align_beg 
_struct_ref_seq.pdbx_seq_align_beg_ins_code 
_struct_ref_seq.seq_align_end 
_struct_ref_seq.pdbx_seq_align_end_ins_code 
_struct_ref_seq.pdbx_db_accession 
_struct_ref_seq.db_align_beg 
_struct_ref_seq.pdbx_db_align_beg_ins_code 
_struct_ref_seq.db_align_end 
_struct_ref_seq.pdbx_db_align_end_ins_code 
_struct_ref_seq.pdbx_auth_seq_align_beg 
_struct_ref_seq.pdbx_auth_seq_align_end 
1 1 1QWH A 1 ? 117 ? P02766 31 ? 147 ? 11 127 
2 1 1QWH B 1 ? 117 ? P02766 31 ? 147 ? 11 127 
# 
loop_
_chem_comp.id 
_chem_comp.type 
_chem_comp.mon_nstd_flag 
_chem_comp.name 
_chem_comp.pdbx_synonyms 
_chem_comp.formula 
_chem_comp.formula_weight 
ALA 'L-peptide linking' y ALANINE         ? 'C3 H7 N O2'     89.093  
ARG 'L-peptide linking' y ARGININE        ? 'C6 H15 N4 O2 1' 175.209 
ASN 'L-peptide linking' y ASPARAGINE      ? 'C4 H8 N2 O3'    132.118 
ASP 'L-peptide linking' y 'ASPARTIC ACID' ? 'C4 H7 N O4'     133.103 
GLU 'L-peptide linking' y 'GLUTAMIC ACID' ? 'C5 H9 N O4'     147.129 
GLY 'peptide linking'   y GLYCINE         ? 'C2 H5 N O2'     75.067  
HIS 'L-peptide linking' y HISTIDINE       ? 'C6 H10 N3 O2 1' 156.162 
HOH non-polymer         . WATER           ? 'H2 O'           18.015  
ILE 'L-peptide linking' y ISOLEUCINE      ? 'C6 H13 N O2'    131.173 
LEU 'L-peptide linking' y LEUCINE         ? 'C6 H13 N O2'    131.173 
LYS 'L-peptide linking' y LYSINE          ? 'C6 H15 N2 O2 1' 147.195 
MET 'L-peptide linking' y METHIONINE      ? 'C5 H11 N O2 S'  149.211 
PHE 'L-peptide linking' y PHENYLALANINE   ? 'C9 H11 N O2'    165.189 
PRO 'L-peptide linking' y PROLINE         ? 'C5 H9 N O2'     115.130 
SER 'L-peptide linking' y SERINE          ? 'C3 H7 N O3'     105.093 
THR 'L-peptide linking' y THREONINE       ? 'C4 H9 N O3'     119.119 
TRP 'L-peptide linking' y TRYPTOPHAN      ? 'C11 H12 N2 O2'  204.225 
TYR 'L-peptide linking' y TYROSINE        ? 'C9 H11 N O3'    181.189 
VAL 'L-peptide linking' y VALINE          ? 'C5 H11 N O2'    117.146 
# 
_exptl.entry_id          1QWH 
_exptl.method            'X-RAY DIFFRACTION' 
_exptl.crystals_number   1 
# 
_exptl_crystal.id                    1 
_exptl_crystal.density_meas          ? 
_exptl_crystal.density_Matthews      2.33 
_exptl_crystal.density_percent_sol   47.20 
_exptl_crystal.description           ? 
_exptl_crystal.F_000                 ? 
_exptl_crystal.preparation           ? 
# 
_exptl_crystal_grow.crystal_id      1 
_exptl_crystal_grow.method          'VAPOR DIFFUSION, SITTING DROP' 
_exptl_crystal_grow.temp            298 
_exptl_crystal_grow.temp_details    ? 
_exptl_crystal_grow.pH              5.8 
_exptl_crystal_grow.pdbx_details    'PEG 4000, 0.2 M Magnesium Nitrate , pH 5.8, VAPOR DIFFUSION, SITTING DROP, temperature 298K' 
_exptl_crystal_grow.pdbx_pH_range   . 
# 
_diffrn.id                     1 
_diffrn.ambient_temp           93 
_diffrn.ambient_temp_details   ? 
_diffrn.crystal_id             1 
# 
_diffrn_detector.diffrn_id              1 
_diffrn_detector.detector               CCD 
_diffrn_detector.type                   'ADSC QUANTUM 315' 
_diffrn_detector.pdbx_collection_date   2003-03-28 
_diffrn_detector.details                
'Flat mirror (vertical focusing); single crystal Si(311) bent monochromator (ho rizontal focusing)' 
# 
_diffrn_radiation.diffrn_id                        1 
_diffrn_radiation.wavelength_id                    1 
_diffrn_radiation.pdbx_monochromatic_or_laue_m_l   M 
_diffrn_radiation.monochromator                    'single crystal Si(311)' 
_diffrn_radiation.pdbx_diffrn_protocol             'SINGLE WAVELENGTH' 
_diffrn_radiation.pdbx_scattering_type             x-ray 
# 
_diffrn_radiation_wavelength.id           1 
_diffrn_radiation_wavelength.wavelength   0.97945 
_diffrn_radiation_wavelength.wt           1.0 
# 
_diffrn_source.diffrn_id                   1 
_diffrn_source.source                      SYNCHROTRON 
_diffrn_source.type                        'SSRL BEAMLINE BL9-2' 
_diffrn_source.pdbx_synchrotron_site       SSRL 
_diffrn_source.pdbx_synchrotron_beamline   BL9-2 
_diffrn_source.pdbx_wavelength             ? 
_diffrn_source.pdbx_wavelength_list        0.97945 
# 
_reflns.entry_id                     1QWH 
_reflns.observed_criterion_sigma_I   -3 
_reflns.observed_criterion_sigma_F   0 
_reflns.d_resolution_low             30.0 
_reflns.d_resolution_high            1.36 
_reflns.number_obs                   48411 
_reflns.number_all                   48411 
_reflns.percent_possible_obs         92.4 
_reflns.pdbx_Rmerge_I_obs            ? 
_reflns.pdbx_Rsym_value              0.053 
_reflns.pdbx_netI_over_sigmaI        24.5 
_reflns.B_iso_Wilson_estimate        ? 
_reflns.pdbx_redundancy              3.8 
_reflns.R_free_details               ? 
_reflns.limit_h_max                  ? 
_reflns.limit_h_min                  ? 
_reflns.limit_k_max                  ? 
_reflns.limit_k_min                  ? 
_reflns.limit_l_max                  ? 
_reflns.limit_l_min                  ? 
_reflns.observed_criterion_F_max     ? 
_reflns.observed_criterion_F_min     ? 
_reflns.pdbx_chi_squared             ? 
_reflns.pdbx_scaling_rejects         ? 
_reflns.pdbx_ordinal                 1 
_reflns.pdbx_diffrn_id               1 
# 
_reflns_shell.d_res_high             1.36 
_reflns_shell.d_res_low              29.88 
_reflns_shell.percent_possible_all   96.9 
_reflns_shell.Rmerge_I_obs           ? 
_reflns_shell.pdbx_Rsym_value        0.539 
_reflns_shell.meanI_over_sigI_obs    2.8 
_reflns_shell.pdbx_redundancy        3.7 
_reflns_shell.percent_possible_obs   ? 
_reflns_shell.number_unique_all      ? 
_reflns_shell.number_measured_all    ? 
_reflns_shell.number_measured_obs    ? 
_reflns_shell.number_unique_obs      ? 
_reflns_shell.pdbx_chi_squared       ? 
_reflns_shell.pdbx_ordinal           1 
_reflns_shell.pdbx_diffrn_id         1 
# 
_refine.entry_id                                 1QWH 
_refine.ls_number_reflns_obs                     48380 
_refine.ls_number_reflns_all                     48411 
_refine.pdbx_ls_sigma_I                          ? 
_refine.pdbx_ls_sigma_F                          ? 
_refine.pdbx_data_cutoff_high_absF               ? 
_refine.pdbx_data_cutoff_low_absF                ? 
_refine.pdbx_data_cutoff_high_rms_absF           ? 
_refine.ls_d_res_low                             29.88 
_refine.ls_d_res_high                            1.36 
_refine.ls_percent_reflns_obs                    92.34 
_refine.ls_R_factor_obs                          0.21571 
_refine.ls_R_factor_all                          ? 
_refine.ls_R_factor_R_work                       0.21534 
_refine.ls_R_factor_R_free                       0.22246 
_refine.ls_R_factor_R_free_error                 ? 
_refine.ls_R_factor_R_free_error_details         ? 
_refine.ls_percent_reflns_R_free                 5.0 
_refine.ls_number_reflns_R_free                  2427 
_refine.ls_number_parameters                     ? 
_refine.ls_number_restraints                     ? 
_refine.occupancy_min                            ? 
_refine.occupancy_max                            ? 
_refine.correlation_coeff_Fo_to_Fc               0.941 
_refine.correlation_coeff_Fo_to_Fc_free          0.946 
_refine.B_iso_mean                               14.855 
_refine.aniso_B[1][1]                            -0.12 
_refine.aniso_B[2][2]                            -0.19 
_refine.aniso_B[3][3]                            0.31 
_refine.aniso_B[1][2]                            0.00 
_refine.aniso_B[1][3]                            0.00 
_refine.aniso_B[2][3]                            0.00 
_refine.solvent_model_details                    'BABINET MODEL WITH MASK' 
_refine.solvent_model_param_ksol                 ? 
_refine.solvent_model_param_bsol                 ? 
_refine.pdbx_solvent_vdw_probe_radii             1.40 
_refine.pdbx_solvent_ion_probe_radii             0.80 
_refine.pdbx_solvent_shrinkage_radii             0.80 
_refine.pdbx_ls_cross_valid_method               THROUGHOUT 
_refine.details                                  ? 
_refine.pdbx_starting_model                      'PDB ENTRY 1DVQ.pdb' 
_refine.pdbx_method_to_determine_struct          'MOLECULAR REPLACEMENT' 
_refine.pdbx_isotropic_thermal_model             ? 
_refine.pdbx_stereochemistry_target_values       'MAXIMUM LIKELIHOOD' 
_refine.pdbx_stereochem_target_val_spec_case     ? 
_refine.pdbx_R_Free_selection_details            RANDOM 
_refine.pdbx_overall_ESU_R                       0.064 
_refine.pdbx_overall_ESU_R_Free                  0.063 
_refine.overall_SU_ML                            0.038 
_refine.overall_SU_B                             0.914 
_refine.ls_redundancy_reflns_obs                 ? 
_refine.B_iso_min                                ? 
_refine.B_iso_max                                ? 
_refine.overall_SU_R_Cruickshank_DPI             ? 
_refine.overall_SU_R_free                        ? 
_refine.ls_wR_factor_R_free                      ? 
_refine.ls_wR_factor_R_work                      ? 
_refine.overall_FOM_free_R_set                   ? 
_refine.overall_FOM_work_R_set                   ? 
_refine.pdbx_refine_id                           'X-RAY DIFFRACTION' 
_refine.pdbx_diffrn_id                           1 
_refine.pdbx_TLS_residual_ADP_flag               ? 
_refine.pdbx_overall_phase_error                 ? 
_refine.pdbx_overall_SU_R_free_Cruickshank_DPI   ? 
_refine.pdbx_overall_SU_R_Blow_DPI               ? 
_refine.pdbx_overall_SU_R_free_Blow_DPI          ? 
# 
_refine_hist.pdbx_refine_id                   'X-RAY DIFFRACTION' 
_refine_hist.cycle_id                         LAST 
_refine_hist.pdbx_number_atoms_protein        1674 
_refine_hist.pdbx_number_atoms_nucleic_acid   0 
_refine_hist.pdbx_number_atoms_ligand         0 
_refine_hist.number_atoms_solvent             125 
_refine_hist.number_atoms_total               1799 
_refine_hist.d_res_high                       1.36 
_refine_hist.d_res_low                        29.88 
# 
loop_
_refine_ls_restr.type 
_refine_ls_restr.dev_ideal 
_refine_ls_restr.dev_ideal_target 
_refine_ls_restr.weight 
_refine_ls_restr.number 
_refine_ls_restr.pdbx_refine_id 
_refine_ls_restr.pdbx_restraint_function 
r_bond_refined_d         0.016 0.021 ? 1717 'X-RAY DIFFRACTION' ? 
r_bond_other_d           ?     ?     ? ?    'X-RAY DIFFRACTION' ? 
r_angle_refined_deg      1.560 1.934 ? 2334 'X-RAY DIFFRACTION' ? 
r_angle_other_deg        ?     ?     ? ?    'X-RAY DIFFRACTION' ? 
r_dihedral_angle_1_deg   5.987 5.000 ? 210  'X-RAY DIFFRACTION' ? 
r_dihedral_angle_2_deg   ?     ?     ? ?    'X-RAY DIFFRACTION' ? 
r_dihedral_angle_3_deg   ?     ?     ? ?    'X-RAY DIFFRACTION' ? 
r_dihedral_angle_4_deg   ?     ?     ? ?    'X-RAY DIFFRACTION' ? 
r_chiral_restr           0.099 0.200 ? 271  'X-RAY DIFFRACTION' ? 
r_gen_planes_refined     0.008 0.020 ? 1273 'X-RAY DIFFRACTION' ? 
r_gen_planes_other       ?     ?     ? ?    'X-RAY DIFFRACTION' ? 
r_nbd_refined            0.207 0.200 ? 655  'X-RAY DIFFRACTION' ? 
r_nbd_other              ?     ?     ? ?    'X-RAY DIFFRACTION' ? 
r_nbtor_refined          ?     ?     ? ?    'X-RAY DIFFRACTION' ? 
r_nbtor_other            ?     ?     ? ?    'X-RAY DIFFRACTION' ? 
r_xyhbond_nbd_refined    0.102 0.200 ? 95   'X-RAY DIFFRACTION' ? 
r_xyhbond_nbd_other      ?     ?     ? ?    'X-RAY DIFFRACTION' ? 
r_metal_ion_refined      ?     ?     ? ?    'X-RAY DIFFRACTION' ? 
r_metal_ion_other        ?     ?     ? ?    'X-RAY DIFFRACTION' ? 
r_symmetry_vdw_refined   0.151 0.200 ? 45   'X-RAY DIFFRACTION' ? 
r_symmetry_vdw_other     ?     ?     ? ?    'X-RAY DIFFRACTION' ? 
r_symmetry_hbond_refined 0.156 0.200 ? 7    'X-RAY DIFFRACTION' ? 
r_symmetry_hbond_other   ?     ?     ? ?    'X-RAY DIFFRACTION' ? 
r_mcbond_it              ?     ?     ? ?    'X-RAY DIFFRACTION' ? 
r_mcangle_it             ?     ?     ? ?    'X-RAY DIFFRACTION' ? 
r_scbond_it              ?     ?     ? ?    'X-RAY DIFFRACTION' ? 
r_scangle_it             ?     ?     ? ?    'X-RAY DIFFRACTION' ? 
r_rigid_bond_restr       ?     ?     ? ?    'X-RAY DIFFRACTION' ? 
r_sphericity_free        ?     ?     ? ?    'X-RAY DIFFRACTION' ? 
r_sphericity_bonded      ?     ?     ? ?    'X-RAY DIFFRACTION' ? 
# 
_refine_ls_shell.pdbx_total_number_of_bins_used   20 
_refine_ls_shell.d_res_high                       1.360 
_refine_ls_shell.d_res_low                        1.395 
_refine_ls_shell.number_reflns_R_work             3482 
_refine_ls_shell.R_factor_R_work                  0.252 
_refine_ls_shell.percent_reflns_obs               ? 
_refine_ls_shell.R_factor_R_free                  0.272 
_refine_ls_shell.R_factor_R_free_error            ? 
_refine_ls_shell.percent_reflns_R_free            ? 
_refine_ls_shell.number_reflns_R_free             166 
_refine_ls_shell.redundancy_reflns_obs            ? 
_refine_ls_shell.number_reflns_all                ? 
_refine_ls_shell.number_reflns_obs                ? 
_refine_ls_shell.pdbx_refine_id                   'X-RAY DIFFRACTION' 
_refine_ls_shell.R_factor_all                     ? 
# 
_struct.entry_id                  1QWH 
_struct.title                     'a covalent dimer of transthyretin that affects the amyloid pathway' 
_struct.pdbx_model_details        ? 
_struct.pdbx_CASP_flag            ? 
_struct.pdbx_model_type_details   ? 
# 
_struct_keywords.entry_id        1QWH 
_struct_keywords.pdbx_keywords   'HORMONE/GROWTH FACTOR' 
_struct_keywords.text            
;thyroid hormone, liver, plasma, cerebrospinal fluid, polyneuropathy, disease mutation, transport, thyroxine, binding protein, HORMONE-GROWTH FACTOR COMPLEX
;
# 
loop_
_struct_asym.id 
_struct_asym.pdbx_blank_PDB_chainid_flag 
_struct_asym.pdbx_modified 
_struct_asym.entity_id 
_struct_asym.details 
A N N 1 ? 
B N N 1 ? 
C N N 2 ? 
D N N 2 ? 
# 
_struct_biol.id   1 
# 
loop_
_struct_conf.conf_type_id 
_struct_conf.id 
_struct_conf.pdbx_PDB_helix_id 
_struct_conf.beg_label_comp_id 
_struct_conf.beg_label_asym_id 
_struct_conf.beg_label_seq_id 
_struct_conf.pdbx_beg_PDB_ins_code 
_struct_conf.end_label_comp_id 
_struct_conf.end_label_asym_id 
_struct_conf.end_label_seq_id 
_struct_conf.pdbx_end_PDB_ins_code 
_struct_conf.beg_auth_comp_id 
_struct_conf.beg_auth_asym_id 
_struct_conf.beg_auth_seq_id 
_struct_conf.end_auth_comp_id 
_struct_conf.end_auth_asym_id 
_struct_conf.end_auth_seq_id 
_struct_conf.pdbx_PDB_helix_class 
_struct_conf.details 
_struct_conf.pdbx_PDB_helix_length 
HELX_P HELX_P1 1 ASP A 64 ? LEU A 72 ? ASP A 74 LEU A 82 1 ? 9 
HELX_P HELX_P2 2 ASP B 64 ? LEU B 72 ? ASP B 74 LEU B 82 1 ? 9 
# 
_struct_conf_type.id          HELX_P 
_struct_conf_type.criteria    ? 
_struct_conf_type.reference   ? 
# 
loop_
_struct_sheet.id 
_struct_sheet.type 
_struct_sheet.number_strands 
_struct_sheet.details 
A ? 8 ? 
B ? 8 ? 
C ? 8 ? 
# 
loop_
_struct_sheet_order.sheet_id 
_struct_sheet_order.range_id_1 
_struct_sheet_order.range_id_2 
_struct_sheet_order.offset 
_struct_sheet_order.sense 
A 1 2 ? anti-parallel 
A 2 3 ? parallel      
A 3 4 ? anti-parallel 
A 4 5 ? anti-parallel 
A 5 6 ? anti-parallel 
A 6 7 ? parallel      
A 7 8 ? anti-parallel 
B 1 2 ? anti-parallel 
B 2 3 ? parallel      
B 3 4 ? anti-parallel 
B 4 5 ? anti-parallel 
B 5 6 ? anti-parallel 
B 6 7 ? parallel      
B 7 8 ? anti-parallel 
C 1 2 ? anti-parallel 
C 2 3 ? anti-parallel 
C 3 4 ? anti-parallel 
C 4 5 ? anti-parallel 
C 5 6 ? anti-parallel 
C 6 7 ? anti-parallel 
C 7 8 ? anti-parallel 
# 
loop_
_struct_sheet_range.sheet_id 
_struct_sheet_range.id 
_struct_sheet_range.beg_label_comp_id 
_struct_sheet_range.beg_label_asym_id 
_struct_sheet_range.beg_label_seq_id 
_struct_sheet_range.pdbx_beg_PDB_ins_code 
_struct_sheet_range.end_label_comp_id 
_struct_sheet_range.end_label_asym_id 
_struct_sheet_range.end_label_seq_id 
_struct_sheet_range.pdbx_end_PDB_ins_code 
_struct_sheet_range.beg_auth_comp_id 
_struct_sheet_range.beg_auth_asym_id 
_struct_sheet_range.beg_auth_seq_id 
_struct_sheet_range.end_auth_comp_id 
_struct_sheet_range.end_auth_asym_id 
_struct_sheet_range.end_auth_seq_id 
A 1 SER A 13  ? PRO A 14  ? SER A 23  PRO A 24  
A 2 LEU A 2   ? ASP A 8   ? LEU A 12  ASP A 18  
A 3 ARG A 94  ? SER A 102 ? ARG A 104 SER A 112 
A 4 SER A 105 ? THR A 113 ? SER A 115 THR A 123 
A 5 SER B 105 ? VAL B 112 ? SER B 115 VAL B 122 
A 6 TYR B 95  ? SER B 102 ? TYR B 105 SER B 112 
A 7 LEU B 2   ? ASP B 8   ? LEU B 12  ASP B 18  
A 8 SER B 13  ? PRO B 14  ? SER B 23  PRO B 24  
B 1 GLU A 44  ? LEU A 45  ? GLU A 54  LEU A 55  
B 2 LEU A 2   ? ASP A 8   ? LEU A 12  ASP A 18  
B 3 ARG A 94  ? SER A 102 ? ARG A 104 SER A 112 
B 4 SER A 105 ? THR A 113 ? SER A 115 THR A 123 
B 5 SER B 105 ? VAL B 112 ? SER B 115 VAL B 122 
B 6 TYR B 95  ? SER B 102 ? TYR B 105 SER B 112 
B 7 LEU B 2   ? ASP B 8   ? LEU B 12  ASP B 18  
B 8 GLU B 44  ? LEU B 45  ? GLU B 54  LEU B 55  
C 1 TRP A 31  ? LYS A 38  ? TRP A 41  LYS A 48  
C 2 ALA A 19  ? LYS A 25  ? ALA A 29  LYS A 35  
C 3 GLY A 57  ? ILE A 63  ? GLY A 67  ILE A 73  
C 4 HIS A 78  ? ALA A 87  ? HIS A 88  ALA A 97  
C 5 HIS B 78  ? ALA B 87  ? HIS B 88  ALA B 97  
C 6 GLY B 57  ? ILE B 63  ? GLY B 67  ILE B 73  
C 7 ALA B 19  ? LYS B 25  ? ALA B 29  LYS B 35  
C 8 TRP B 31  ? LYS B 38  ? TRP B 41  LYS B 48  
# 
loop_
_pdbx_struct_sheet_hbond.sheet_id 
_pdbx_struct_sheet_hbond.range_id_1 
_pdbx_struct_sheet_hbond.range_id_2 
_pdbx_struct_sheet_hbond.range_1_label_atom_id 
_pdbx_struct_sheet_hbond.range_1_label_comp_id 
_pdbx_struct_sheet_hbond.range_1_label_asym_id 
_pdbx_struct_sheet_hbond.range_1_label_seq_id 
_pdbx_struct_sheet_hbond.range_1_PDB_ins_code 
_pdbx_struct_sheet_hbond.range_1_auth_atom_id 
_pdbx_struct_sheet_hbond.range_1_auth_comp_id 
_pdbx_struct_sheet_hbond.range_1_auth_asym_id 
_pdbx_struct_sheet_hbond.range_1_auth_seq_id 
_pdbx_struct_sheet_hbond.range_2_label_atom_id 
_pdbx_struct_sheet_hbond.range_2_label_comp_id 
_pdbx_struct_sheet_hbond.range_2_label_asym_id 
_pdbx_struct_sheet_hbond.range_2_label_seq_id 
_pdbx_struct_sheet_hbond.range_2_PDB_ins_code 
_pdbx_struct_sheet_hbond.range_2_auth_atom_id 
_pdbx_struct_sheet_hbond.range_2_auth_comp_id 
_pdbx_struct_sheet_hbond.range_2_auth_asym_id 
_pdbx_struct_sheet_hbond.range_2_auth_seq_id 
A 1 2 O SER A 13  ? O SER A 23  N ASP A 8   ? N ASP A 18  
A 2 3 N MET A 3   ? N MET A 13  O ILE A 97  ? O ILE A 107 
A 3 4 N ALA A 98  ? N ALA A 108 O THR A 109 ? O THR A 119 
A 4 5 N THR A 108 ? N THR A 118 O TYR B 106 ? O TYR B 116 
A 5 6 O THR B 109 ? O THR B 119 N ALA B 98  ? N ALA B 108 
A 6 7 O ILE B 97  ? O ILE B 107 N MET B 3   ? N MET B 13  
A 7 8 N ASP B 8   ? N ASP B 18  O SER B 13  ? O SER B 23  
B 1 2 O LEU A 45  ? O LEU A 55  N VAL A 4   ? N VAL A 14  
B 2 3 N MET A 3   ? N MET A 13  O ILE A 97  ? O ILE A 107 
B 3 4 N ALA A 98  ? N ALA A 108 O THR A 109 ? O THR A 119 
B 4 5 N THR A 108 ? N THR A 118 O TYR B 106 ? O TYR B 116 
B 5 6 O THR B 109 ? O THR B 119 N ALA B 98  ? N ALA B 108 
B 6 7 O ILE B 97  ? O ILE B 107 N MET B 3   ? N MET B 13  
B 7 8 N VAL B 4   ? N VAL B 14  O LEU B 45  ? O LEU B 55  
C 1 2 O ALA A 35  ? O ALA A 45  N VAL A 22  ? N VAL A 32  
C 2 3 N HIS A 21  ? N HIS A 31  O GLU A 62  ? O GLU A 72  
C 3 4 N ILE A 63  ? N ILE A 73  O ALA A 81  ? O ALA A 91  
C 4 5 N VAL A 84  ? N VAL A 94  O GLU B 79  ? O GLU B 89  
C 5 6 O ALA B 81  ? O ALA B 91  N ILE B 63  ? N ILE B 73  
C 6 7 O GLU B 62  ? O GLU B 72  N HIS B 21  ? N HIS B 31  
C 7 8 N VAL B 22  ? N VAL B 32  O ALA B 35  ? O ALA B 45  
# 
_atom_sites.entry_id                    1QWH 
_atom_sites.fract_transf_matrix[1][1]   -0.00352089 
_atom_sites.fract_transf_matrix[1][2]   -0.01468494 
_atom_sites.fract_transf_matrix[1][3]   0.01724187 
_atom_sites.fract_transf_matrix[2][1]   0.00117144 
_atom_sites.fract_transf_matrix[2][2]   -0.00891899 
_atom_sites.fract_transf_matrix[2][3]   -0.00735711 
_atom_sites.fract_transf_matrix[3][1]   0.01540028 
_atom_sites.fract_transf_matrix[3][2]   -0.00033562 
_atom_sites.fract_transf_matrix[3][3]   0.00285898 
_atom_sites.fract_transf_vector[1]      0.482918 
_atom_sites.fract_transf_vector[2]      0.353071 
_atom_sites.fract_transf_vector[3]      0.243452 
# 
loop_
_atom_type.symbol 
C 
N 
O 
S 
# 
loop_
_atom_site.group_PDB 
_atom_site.id 
_atom_site.type_symbol 
_atom_site.label_atom_id 
_atom_site.label_alt_id 
_atom_site.label_comp_id 
_atom_site.label_asym_id 
_atom_site.label_entity_id 
_atom_site.label_seq_id 
_atom_site.pdbx_PDB_ins_code 
_atom_site.Cartn_x 
_atom_site.Cartn_y 
_atom_site.Cartn_z 
_atom_site.occupancy 
_atom_site.B_iso_or_equiv 
_atom_site.pdbx_formal_charge 
_atom_site.auth_seq_id 
_atom_site.auth_comp_id 
_atom_site.auth_asym_id 
_atom_site.auth_atom_id 
_atom_site.pdbx_PDB_model_num 
ATOM   1    N N   . PRO A 1 1   ? -19.191 4.642   -7.568  1.00 18.25 ? 11  PRO A N   1 
ATOM   2    C CA  . PRO A 1 1   ? -17.984 4.647   -8.428  1.00 16.18 ? 11  PRO A CA  1 
ATOM   3    C C   . PRO A 1 1   ? -16.721 4.132   -7.734  1.00 14.89 ? 11  PRO A C   1 
ATOM   4    O O   . PRO A 1 1   ? -15.704 4.146   -8.372  1.00 14.52 ? 11  PRO A O   1 
ATOM   5    C CB  . PRO A 1 1   ? -17.828 6.114   -8.771  1.00 17.79 ? 11  PRO A CB  1 
ATOM   6    C CG  . PRO A 1 1   ? -18.266 6.794   -7.499  1.00 18.43 ? 11  PRO A CG  1 
ATOM   7    C CD  . PRO A 1 1   ? -19.531 6.012   -7.136  1.00 18.76 ? 11  PRO A CD  1 
ATOM   8    N N   . LEU A 1 2   ? -16.773 3.747   -6.471  1.00 13.33 ? 12  LEU A N   1 
ATOM   9    C CA  . LEU A 1 2   ? -15.616 3.156   -5.761  1.00 12.23 ? 12  LEU A CA  1 
ATOM   10   C C   . LEU A 1 2   ? -16.054 1.804   -5.168  1.00 13.32 ? 12  LEU A C   1 
ATOM   11   O O   . LEU A 1 2   ? -17.033 1.723   -4.379  1.00 15.72 ? 12  LEU A O   1 
ATOM   12   C CB  . LEU A 1 2   ? -15.120 4.102   -4.662  1.00 13.71 ? 12  LEU A CB  1 
ATOM   13   C CG  . LEU A 1 2   ? -13.949 3.630   -3.807  1.00 14.61 ? 12  LEU A CG  1 
ATOM   14   C CD1 . LEU A 1 2   ? -12.700 3.405   -4.662  1.00 14.89 ? 12  LEU A CD1 1 
ATOM   15   C CD2 . LEU A 1 2   ? -13.644 4.642   -2.698  1.00 16.43 ? 12  LEU A CD2 1 
ATOM   16   N N   . MET A 1 3   ? -15.350 0.734   -5.517  1.00 11.93 ? 13  MET A N   1 
ATOM   17   C CA  . MET A 1 3   ? -15.597 -0.600  -4.999  1.00 11.74 ? 13  MET A CA  1 
ATOM   18   C C   . MET A 1 3   ? -14.273 -1.184  -4.565  1.00 9.99  ? 13  MET A C   1 
ATOM   19   O O   . MET A 1 3   ? -13.229 -0.897  -5.187  1.00 10.47 ? 13  MET A O   1 
ATOM   20   C CB  . MET A 1 3   ? -16.275 -1.464  -6.038  1.00 15.36 ? 13  MET A CB  1 
ATOM   21   C CG  . MET A 1 3   ? -15.501 -1.978  -7.164  1.00 22.37 ? 13  MET A CG  1 
ATOM   22   S SD  . MET A 1 3   ? -16.401 -3.326  -8.009  1.00 31.51 ? 13  MET A SD  1 
ATOM   23   C CE  . MET A 1 3   ? -15.790 -4.762  -7.199  1.00 24.65 ? 13  MET A CE  1 
ATOM   24   N N   . VAL A 1 4   ? -14.298 -1.915  -3.463  1.00 9.19  ? 14  VAL A N   1 
ATOM   25   C CA  . VAL A 1 4   ? -13.073 -2.557  -2.951  1.00 9.03  ? 14  VAL A CA  1 
ATOM   26   C C   . VAL A 1 4   ? -13.326 -4.048  -2.937  1.00 9.57  ? 14  VAL A C   1 
ATOM   27   O O   . VAL A 1 4   ? -14.397 -4.496  -2.476  1.00 11.24 ? 14  VAL A O   1 
ATOM   28   C CB  . VAL A 1 4   ? -12.719 -2.020  -1.535  1.00 9.31  ? 14  VAL A CB  1 
ATOM   29   C CG1 . VAL A 1 4   ? -11.502 -2.753  -1.010  1.00 11.06 ? 14  VAL A CG1 1 
ATOM   30   C CG2 . VAL A 1 4   ? -12.448 -0.563  -1.588  1.00 10.38 ? 14  VAL A CG2 1 
ATOM   31   N N   . LYS A 1 5   ? -12.401 -4.826  -3.464  1.00 10.16 ? 15  LYS A N   1 
ATOM   32   C CA  . LYS A 1 5   ? -12.509 -6.277  -3.499  1.00 10.12 ? 15  LYS A CA  1 
ATOM   33   C C   . LYS A 1 5   ? -11.272 -6.890  -2.842  1.00 10.04 ? 15  LYS A C   1 
ATOM   34   O O   . LYS A 1 5   ? -10.134 -6.481  -3.164  1.00 10.50 ? 15  LYS A O   1 
ATOM   35   C CB  . LYS A 1 5   ? -12.635 -6.717  -4.931  1.00 13.34 ? 15  LYS A CB  1 
ATOM   36   C CG  . LYS A 1 5   ? -12.611 -8.212  -5.112  1.00 17.84 ? 15  LYS A CG  1 
ATOM   37   C CD  . LYS A 1 5   ? -12.886 -8.569  -6.579  1.00 21.52 ? 15  LYS A CD  1 
ATOM   38   C CE  . LYS A 1 5   ? -12.490 -10.010 -6.894  1.00 24.31 ? 15  LYS A CE  1 
ATOM   39   N NZ  . LYS A 1 5   ? -13.326 -10.953 -6.122  1.00 27.42 ? 15  LYS A NZ  1 
ATOM   40   N N   . VAL A 1 6   ? -11.459 -7.851  -1.964  1.00 8.27  ? 16  VAL A N   1 
ATOM   41   C CA  . VAL A 1 6   ? -10.300 -8.437  -1.212  1.00 8.17  ? 16  VAL A CA  1 
ATOM   42   C C   . VAL A 1 6   ? -10.394 -9.959  -1.356  1.00 8.36  ? 16  VAL A C   1 
ATOM   43   O O   . VAL A 1 6   ? -11.452 -10.573 -1.126  1.00 8.41  ? 16  VAL A O   1 
ATOM   44   C CB  . VAL A 1 6   ? -10.276 -8.024  0.254   1.00 8.64  ? 16  VAL A CB  1 
ATOM   45   C CG1 . VAL A 1 6   ? -8.978  -8.446  0.936   1.00 9.37  ? 16  VAL A CG1 1 
ATOM   46   C CG2 . VAL A 1 6   ? -10.444 -6.501  0.391   1.00 10.62 ? 16  VAL A CG2 1 
ATOM   47   N N   . LEU A 1 7   ? -9.272  -10.574 -1.705  1.00 8.45  ? 17  LEU A N   1 
ATOM   48   C CA  . LEU A 1 7   ? -9.117  -12.027 -1.820  1.00 7.71  ? 17  LEU A CA  1 
ATOM   49   C C   . LEU A 1 7   ? -8.037  -12.536 -0.905  1.00 7.35  ? 17  LEU A C   1 
ATOM   50   O O   . LEU A 1 7   ? -7.073  -11.827 -0.586  1.00 8.41  ? 17  LEU A O   1 
ATOM   51   C CB  . LEU A 1 7   ? -8.716  -12.415 -3.221  1.00 8.97  ? 17  LEU A CB  1 
ATOM   52   C CG  . LEU A 1 7   ? -9.686  -12.165 -4.369  1.00 10.16 ? 17  LEU A CG  1 
ATOM   53   C CD1 . LEU A 1 7   ? -9.071  -12.569 -5.692  1.00 12.60 ? 17  LEU A CD1 1 
ATOM   54   C CD2 . LEU A 1 7   ? -10.948 -13.027 -4.154  1.00 13.39 ? 17  LEU A CD2 1 
ATOM   55   N N   . ASP A 1 8   ? -8.195  -13.770 -0.462  1.00 7.64  ? 18  ASP A N   1 
ATOM   56   C CA  . ASP A 1 8   ? -7.246  -14.475 0.425   1.00 7.00  ? 18  ASP A CA  1 
ATOM   57   C C   . ASP A 1 8   ? -6.485  -15.491 -0.449  1.00 7.75  ? 18  ASP A C   1 
ATOM   58   O O   . ASP A 1 8   ? -7.075  -16.439 -1.032  1.00 7.95  ? 18  ASP A O   1 
ATOM   59   C CB  . ASP A 1 8   ? -8.058  -15.167 1.522   1.00 8.72  ? 18  ASP A CB  1 
ATOM   60   C CG  . ASP A 1 8   ? -7.241  -15.985 2.474   1.00 7.81  ? 18  ASP A CG  1 
ATOM   61   O OD1 . ASP A 1 8   ? -6.260  -16.604 2.051   1.00 9.28  ? 18  ASP A OD1 1 
ATOM   62   O OD2 . ASP A 1 8   ? -7.612  -16.046 3.695   1.00 10.13 ? 18  ASP A OD2 1 
ATOM   63   N N   . ALA A 1 9   ? -5.188  -15.234 -0.588  1.00 6.78  ? 19  ALA A N   1 
ATOM   64   C CA  . ALA A 1 9   ? -4.311  -16.064 -1.424  1.00 7.14  ? 19  ALA A CA  1 
ATOM   65   C C   . ALA A 1 9   ? -3.892  -17.388 -0.792  1.00 6.93  ? 19  ALA A C   1 
ATOM   66   O O   . ALA A 1 9   ? -3.286  -18.212 -1.494  1.00 8.44  ? 19  ALA A O   1 
ATOM   67   C CB  . ALA A 1 9   ? -3.047  -15.272 -1.816  1.00 7.98  ? 19  ALA A CB  1 
ATOM   68   N N   . VAL A 1 10  ? -4.137  -17.555 0.487   1.00 7.34  ? 20  VAL A N   1 
ATOM   69   C CA  . VAL A 1 10  ? -3.873  -18.826 1.157   1.00 8.31  ? 20  VAL A CA  1 
ATOM   70   C C   . VAL A 1 10  ? -5.009  -19.803 0.859   1.00 9.42  ? 20  VAL A C   1 
ATOM   71   O O   . VAL A 1 10  ? -4.729  -20.965 0.545   1.00 10.31 ? 20  VAL A O   1 
ATOM   72   C CB  . VAL A 1 10  ? -3.702  -18.613 2.696   1.00 7.91  ? 20  VAL A CB  1 
ATOM   73   C CG1 . VAL A 1 10  ? -3.628  -19.949 3.408   1.00 9.55  ? 20  VAL A CG1 1 
ATOM   74   C CG2 . VAL A 1 10  ? -2.441  -17.808 2.994   1.00 10.51 ? 20  VAL A CG2 1 
ATOM   75   N N   . ARG A 1 11  ? -6.262  -19.328 0.911   1.00 9.51  ? 21  ARG A N   1 
ATOM   76   C CA  . ARG A 1 11  ? -7.427  -20.216 0.751   1.00 10.80 ? 21  ARG A CA  1 
ATOM   77   C C   . ARG A 1 11  ? -7.992  -20.183 -0.646  1.00 11.06 ? 21  ARG A C   1 
ATOM   78   O O   . ARG A 1 11  ? -8.784  -21.067 -1.010  1.00 11.21 ? 21  ARG A O   1 
ATOM   79   C CB  . ARG A 1 11  ? -8.526  -19.765 1.692   1.00 12.77 ? 21  ARG A CB  1 
ATOM   80   C CG  . ARG A 1 11  ? -8.123  -19.769 3.115   1.00 16.18 ? 21  ARG A CG  1 
ATOM   81   C CD  . ARG A 1 11  ? -9.067  -19.001 4.051   1.00 19.46 ? 21  ARG A CD  1 
ATOM   82   N NE  . ARG A 1 11  ? -8.703  -19.360 5.414   1.00 21.91 ? 21  ARG A NE  1 
ATOM   83   C CZ  . ARG A 1 11  ? -7.571  -19.011 6.026   1.00 22.58 ? 21  ARG A CZ  1 
ATOM   84   N NH1 . ARG A 1 11  ? -6.672  -18.224 5.420   1.00 19.86 ? 21  ARG A NH1 1 
ATOM   85   N NH2 . ARG A 1 11  ? -7.349  -19.462 7.268   1.00 23.45 ? 21  ARG A NH2 1 
ATOM   86   N N   . GLY A 1 12  ? -7.635  -19.198 -1.463  1.00 9.19  ? 22  GLY A N   1 
ATOM   87   C CA  . GLY A 1 12  ? -8.228  -19.051 -2.780  1.00 9.88  ? 22  GLY A CA  1 
ATOM   88   C C   . GLY A 1 12  ? -9.690  -18.721 -2.664  1.00 9.23  ? 22  GLY A C   1 
ATOM   89   O O   . GLY A 1 12  ? -10.583 -19.356 -3.275  1.00 9.49  ? 22  GLY A O   1 
ATOM   90   N N   . SER A 1 13  ? -9.979  -17.728 -1.838  1.00 9.38  ? 23  SER A N   1 
ATOM   91   C CA  . SER A 1 13  ? -11.380 -17.402 -1.505  1.00 9.92  ? 23  SER A CA  1 
ATOM   92   C C   . SER A 1 13  ? -11.523 -15.901 -1.382  1.00 10.72 ? 23  SER A C   1 
ATOM   93   O O   . SER A 1 13  ? -10.516 -15.218 -1.101  1.00 10.38 ? 23  SER A O   1 
ATOM   94   C CB  . SER A 1 13  ? -11.720 -18.018 -0.155  1.00 14.36 ? 23  SER A CB  1 
ATOM   95   O OG  . SER A 1 13  ? -10.986 -17.339 0.859   1.00 20.58 ? 23  SER A OG  1 
ATOM   96   N N   . PRO A 1 14  ? -12.737 -15.378 -1.435  1.00 9.75  ? 24  PRO A N   1 
ATOM   97   C CA  . PRO A 1 14  ? -12.973 -14.016 -0.945  1.00 10.24 ? 24  PRO A CA  1 
ATOM   98   C C   . PRO A 1 14  ? -12.475 -13.833 0.490   1.00 11.00 ? 24  PRO A C   1 
ATOM   99   O O   . PRO A 1 14  ? -12.569 -14.763 1.291   1.00 11.01 ? 24  PRO A O   1 
ATOM   100  C CB  . PRO A 1 14  ? -14.510 -13.894 -0.998  1.00 12.79 ? 24  PRO A CB  1 
ATOM   101  C CG  . PRO A 1 14  ? -14.958 -14.915 -1.956  1.00 15.52 ? 24  PRO A CG  1 
ATOM   102  C CD  . PRO A 1 14  ? -13.950 -16.044 -1.957  1.00 10.79 ? 24  PRO A CD  1 
ATOM   103  N N   . ALA A 1 15  ? -11.960 -12.650 0.817   1.00 9.33  ? 25  ALA A N   1 
ATOM   104  C CA  . ALA A 1 15  ? -11.645 -12.335 2.202   1.00 9.68  ? 25  ALA A CA  1 
ATOM   105  C C   . ALA A 1 15  ? -12.862 -11.612 2.772   1.00 9.46  ? 25  ALA A C   1 
ATOM   106  O O   . ALA A 1 15  ? -13.158 -10.472 2.387   1.00 9.16  ? 25  ALA A O   1 
ATOM   107  C CB  . ALA A 1 15  ? -10.341 -11.476 2.291   1.00 10.63 ? 25  ALA A CB  1 
ATOM   108  N N   . ILE A 1 16  ? -13.581 -12.279 3.666   1.00 10.30 ? 26  ILE A N   1 
ATOM   109  C CA  . ILE A 1 16  ? -14.888 -11.849 4.158   1.00 11.31 ? 26  ILE A CA  1 
ATOM   110  C C   . ILE A 1 16  ? -14.678 -11.046 5.460   1.00 12.69 ? 26  ILE A C   1 
ATOM   111  O O   . ILE A 1 16  ? -13.785 -11.347 6.253   1.00 12.23 ? 26  ILE A O   1 
ATOM   112  C CB  . ILE A 1 16  ? -15.782 -13.114 4.388   1.00 14.15 ? 26  ILE A CB  1 
ATOM   113  C CG1 . ILE A 1 16  ? -15.940 -13.832 3.044   1.00 14.51 ? 26  ILE A CG1 1 
ATOM   114  C CG2 . ILE A 1 16  ? -17.145 -12.721 4.943   1.00 16.52 ? 26  ILE A CG2 1 
ATOM   115  C CD1 . ILE A 1 16  ? -16.622 -15.235 3.171   1.00 18.57 ? 26  ILE A CD1 1 
ATOM   116  N N   . ASN A 1 17  ? -15.509 -10.019 5.658   1.00 12.03 ? 27  ASN A N   1 
ATOM   117  C CA  . ASN A 1 17  ? -15.537 -9.217  6.893   1.00 13.30 ? 27  ASN A CA  1 
ATOM   118  C C   . ASN A 1 17  ? -14.254 -8.427  7.139   1.00 12.41 ? 27  ASN A C   1 
ATOM   119  O O   . ASN A 1 17  ? -13.841 -8.219  8.275   1.00 14.18 ? 27  ASN A O   1 
ATOM   120  C CB  . ASN A 1 17  ? -15.855 -10.114 8.106   1.00 15.89 ? 27  ASN A CB  1 
ATOM   121  C CG  . ASN A 1 17  ? -16.332 -9.330  9.347   1.00 20.82 ? 27  ASN A CG  1 
ATOM   122  O OD1 . ASN A 1 17  ? -16.063 -9.728  10.493  1.00 24.30 ? 27  ASN A OD1 1 
ATOM   123  N ND2 . ASN A 1 17  ? -17.056 -8.267  9.122   1.00 21.85 ? 27  ASN A ND2 1 
ATOM   124  N N   . VAL A 1 18  ? -13.607 -8.005  6.072   1.00 10.53 ? 28  VAL A N   1 
ATOM   125  C CA  . VAL A 1 18  ? -12.409 -7.180  6.192   1.00 10.10 ? 28  VAL A CA  1 
ATOM   126  C C   . VAL A 1 18  ? -12.849 -5.703  6.301   1.00 9.28  ? 28  VAL A C   1 
ATOM   127  O O   . VAL A 1 18  ? -13.594 -5.206  5.435   1.00 10.18 ? 28  VAL A O   1 
ATOM   128  C CB  . VAL A 1 18  ? -11.535 -7.353  4.943   1.00 9.97  ? 28  VAL A CB  1 
ATOM   129  C CG1 . VAL A 1 18  ? -10.349 -6.419  4.987   1.00 10.99 ? 28  VAL A CG1 1 
ATOM   130  C CG2 . VAL A 1 18  ? -11.085 -8.832  4.767   1.00 9.96  ? 28  VAL A CG2 1 
ATOM   131  N N   . ALA A 1 19  ? -12.393 -5.031  7.342   1.00 8.82  ? 29  ALA A N   1 
ATOM   132  C CA  . ALA A 1 19  ? -12.739 -3.605  7.528   1.00 8.03  ? 29  ALA A CA  1 
ATOM   133  C C   . ALA A 1 19  ? -11.966 -2.759  6.559   1.00 8.72  ? 29  ALA A C   1 
ATOM   134  O O   . ALA A 1 19  ? -10.755 -3.000  6.311   1.00 8.69  ? 29  ALA A O   1 
ATOM   135  C CB  . ALA A 1 19  ? -12.431 -3.181  9.000   1.00 9.32  ? 29  ALA A CB  1 
ATOM   136  N N   . VAL A 1 20  ? -12.620 -1.725  6.032   1.00 8.90  ? 30  VAL A N   1 
ATOM   137  C CA  . VAL A 1 20  ? -12.024 -0.847  5.041   1.00 8.85  ? 30  VAL A CA  1 
ATOM   138  C C   . VAL A 1 20  ? -12.384 0.589   5.399   1.00 8.25  ? 30  VAL A C   1 
ATOM   139  O O   . VAL A 1 20  ? -13.555 0.884   5.650   1.00 9.08  ? 30  VAL A O   1 
ATOM   140  C CB  . VAL A 1 20  ? -12.556 -1.163  3.653   1.00 8.52  ? 30  VAL A CB  1 
ATOM   141  C CG1 . VAL A 1 20  ? -11.997 -0.186  2.645   1.00 10.61 ? 30  VAL A CG1 1 
ATOM   142  C CG2 . VAL A 1 20  ? -12.215 -2.627  3.224   1.00 9.13  ? 30  VAL A CG2 1 
ATOM   143  N N   . HIS A 1 21  ? -11.409 1.475   5.470   1.00 8.50  ? 31  HIS A N   1 
ATOM   144  C CA  . HIS A 1 21  ? -11.667 2.880   5.793   1.00 10.16 ? 31  HIS A CA  1 
ATOM   145  C C   . HIS A 1 21  ? -11.117 3.681   4.666   1.00 10.70 ? 31  HIS A C   1 
ATOM   146  O O   . HIS A 1 21  ? -9.984  3.452   4.231   1.00 10.77 ? 31  HIS A O   1 
ATOM   147  C CB  . HIS A 1 21  ? -10.947 3.296   7.098   1.00 11.55 ? 31  HIS A CB  1 
ATOM   148  C CG  . HIS A 1 21  ? -11.488 2.610   8.318   1.00 13.30 ? 31  HIS A CG  1 
ATOM   149  N ND1 . HIS A 1 21  ? -12.276 3.253   9.257   1.00 16.18 ? 31  HIS A ND1 1 
ATOM   150  C CD2 . HIS A 1 21  ? -11.381 1.327   8.730   1.00 15.78 ? 31  HIS A CD2 1 
ATOM   151  C CE1 . HIS A 1 21  ? -12.613 2.393   10.202  1.00 16.93 ? 31  HIS A CE1 1 
ATOM   152  N NE2 . HIS A 1 21  ? -12.088 1.220   9.906   1.00 17.61 ? 31  HIS A NE2 1 
ATOM   153  N N   . VAL A 1 22  ? -11.873 4.647   4.174   1.00 9.31  ? 32  VAL A N   1 
ATOM   154  C CA  . VAL A 1 22  ? -11.450 5.522   3.050   1.00 9.67  ? 32  VAL A CA  1 
ATOM   155  C C   . VAL A 1 22  ? -11.309 6.942   3.574   1.00 9.24  ? 32  VAL A C   1 
ATOM   156  O O   . VAL A 1 22  ? -12.145 7.408   4.384   1.00 10.16 ? 32  VAL A O   1 
ATOM   157  C CB  . VAL A 1 22  ? -12.452 5.516   1.900   1.00 10.14 ? 32  VAL A CB  1 
ATOM   158  C CG1 . VAL A 1 22  ? -11.939 6.303   0.704   1.00 10.99 ? 32  VAL A CG1 1 
ATOM   159  C CG2 . VAL A 1 22  ? -12.799 4.050   1.481   1.00 10.31 ? 32  VAL A CG2 1 
ATOM   160  N N   . PHE A 1 23  ? -10.243 7.598   3.180   1.00 9.01  ? 33  PHE A N   1 
ATOM   161  C CA  . PHE A 1 23  ? -9.969  8.985   3.557   1.00 10.52 ? 33  PHE A CA  1 
ATOM   162  C C   . PHE A 1 23  ? -9.759  9.807   2.326   1.00 10.33 ? 33  PHE A C   1 
ATOM   163  O O   . PHE A 1 23  ? -9.383  9.301   1.273   1.00 10.26 ? 33  PHE A O   1 
ATOM   164  C CB  . PHE A 1 23  ? -8.712  9.055   4.422   1.00 10.64 ? 33  PHE A CB  1 
ATOM   165  C CG  . PHE A 1 23  ? -8.782  8.173   5.635   1.00 11.40 ? 33  PHE A CG  1 
ATOM   166  C CD1 . PHE A 1 23  ? -8.419  6.818   5.557   1.00 11.58 ? 33  PHE A CD1 1 
ATOM   167  C CD2 . PHE A 1 23  ? -9.228  8.678   6.868   1.00 11.29 ? 33  PHE A CD2 1 
ATOM   168  C CE1 . PHE A 1 23  ? -8.511  5.991   6.688   1.00 12.46 ? 33  PHE A CE1 1 
ATOM   169  C CE2 . PHE A 1 23  ? -9.339  7.813   7.993   1.00 13.91 ? 33  PHE A CE2 1 
ATOM   170  C CZ  . PHE A 1 23  ? -8.974  6.486   7.891   1.00 14.06 ? 33  PHE A CZ  1 
ATOM   171  N N   . ARG A 1 24  ? -9.968  11.123  2.434   1.00 10.64 ? 34  ARG A N   1 
ATOM   172  C CA  . ARG A 1 24  ? -9.686  12.050  1.326   1.00 11.14 ? 34  ARG A CA  1 
ATOM   173  C C   . ARG A 1 24  ? -8.804  13.136  1.876   1.00 12.06 ? 34  ARG A C   1 
ATOM   174  O O   . ARG A 1 24  ? -9.066  13.692  2.963   1.00 12.05 ? 34  ARG A O   1 
ATOM   175  C CB  . ARG A 1 24  ? -10.983 12.651  0.778   1.00 12.38 ? 34  ARG A CB  1 
ATOM   176  C CG  . ARG A 1 24  ? -10.740 13.558  -0.425  1.00 12.16 ? 34  ARG A CG  1 
ATOM   177  C CD  . ARG A 1 24  ? -12.014 14.205  -0.967  1.00 13.38 ? 34  ARG A CD  1 
ATOM   178  N NE  . ARG A 1 24  ? -11.762 15.154  -2.042  1.00 14.65 ? 34  ARG A NE  1 
ATOM   179  C CZ  . ARG A 1 24  ? -11.399 16.425  -1.880  1.00 15.54 ? 34  ARG A CZ  1 
ATOM   180  N NH1 . ARG A 1 24  ? -11.262 16.957  -0.667  1.00 15.31 ? 34  ARG A NH1 1 
ATOM   181  N NH2 . ARG A 1 24  ? -11.196 17.168  -2.948  1.00 15.89 ? 34  ARG A NH2 1 
ATOM   182  N N   . LYS A 1 25  ? -7.751  13.479  1.162   1.00 11.69 ? 35  LYS A N   1 
ATOM   183  C CA  . LYS A 1 25  ? -6.824  14.535  1.599   1.00 14.20 ? 35  LYS A CA  1 
ATOM   184  C C   . LYS A 1 25  ? -7.488  15.929  1.488   1.00 13.17 ? 35  LYS A C   1 
ATOM   185  O O   . LYS A 1 25  ? -8.039  16.301  0.457   1.00 15.12 ? 35  LYS A O   1 
ATOM   186  C CB  . LYS A 1 25  ? -5.576  14.486  0.718   1.00 15.71 ? 35  LYS A CB  1 
ATOM   187  C CG  . LYS A 1 25  ? -4.290  15.037  1.370   1.00 21.07 ? 35  LYS A CG  1 
ATOM   188  C CD  . LYS A 1 25  ? -3.073  14.439  0.579   1.00 22.82 ? 35  LYS A CD  1 
ATOM   189  C CE  . LYS A 1 25  ? -1.714  14.667  1.230   1.00 25.67 ? 35  LYS A CE  1 
ATOM   190  N NZ  . LYS A 1 25  ? -0.616  14.788  0.219   1.00 27.39 ? 35  LYS A NZ  1 
ATOM   191  N N   . ALA A 1 26  ? -7.482  16.699  2.576   1.00 16.72 ? 36  ALA A N   1 
ATOM   192  C CA  . ALA A 1 26  ? -8.166  18.012  2.566   1.00 17.61 ? 36  ALA A CA  1 
ATOM   193  C C   . ALA A 1 26  ? -7.224  19.087  2.040   1.00 18.51 ? 36  ALA A C   1 
ATOM   194  O O   . ALA A 1 26  ? -6.025  18.844  1.909   1.00 18.76 ? 36  ALA A O   1 
ATOM   195  C CB  . ALA A 1 26  ? -8.640  18.371  3.963   1.00 18.96 ? 36  ALA A CB  1 
ATOM   196  N N   . ASP A 1 29  ? -4.080  19.487  4.023   1.00 28.23 ? 39  ASP A N   1 
ATOM   197  C CA  . ASP A 1 29  ? -3.171  18.357  3.871   1.00 28.22 ? 39  ASP A CA  1 
ATOM   198  C C   . ASP A 1 29  ? -3.405  17.196  4.873   1.00 27.25 ? 39  ASP A C   1 
ATOM   199  O O   . ASP A 1 29  ? -2.648  16.220  4.913   1.00 27.74 ? 39  ASP A O   1 
ATOM   200  C CB  . ASP A 1 29  ? -1.718  18.836  3.889   1.00 30.86 ? 39  ASP A CB  1 
ATOM   201  C CG  . ASP A 1 29  ? -0.807  17.931  3.096   1.00 32.97 ? 39  ASP A CG  1 
ATOM   202  O OD1 . ASP A 1 29  ? 0.036   17.247  3.715   1.00 34.48 ? 39  ASP A OD1 1 
ATOM   203  O OD2 . ASP A 1 29  ? -0.867  17.821  1.850   1.00 34.09 ? 39  ASP A OD2 1 
ATOM   204  N N   . THR A 1 30  ? -4.465  17.300  5.662   1.00 25.27 ? 40  THR A N   1 
ATOM   205  C CA  . THR A 1 30  ? -4.871  16.245  6.583   1.00 24.06 ? 40  THR A CA  1 
ATOM   206  C C   . THR A 1 30  ? -5.722  15.187  5.846   1.00 22.04 ? 40  THR A C   1 
ATOM   207  O O   . THR A 1 30  ? -6.354  15.501  4.819   1.00 22.87 ? 40  THR A O   1 
ATOM   208  C CB  . THR A 1 30  ? -5.635  16.909  7.762   1.00 24.01 ? 40  THR A CB  1 
ATOM   209  O OG1 . THR A 1 30  ? -6.126  15.934  8.678   1.00 27.25 ? 40  THR A OG1 1 
ATOM   210  C CG2 . THR A 1 30  ? -6.890  17.580  7.285   1.00 23.33 ? 40  THR A CG2 1 
ATOM   211  N N   . TRP A 1 31  ? -5.748  13.964  6.379   1.00 20.67 ? 41  TRP A N   1 
ATOM   212  C CA  . TRP A 1 31  ? -6.625  12.884  5.906   1.00 18.88 ? 41  TRP A CA  1 
ATOM   213  C C   . TRP A 1 31  ? -7.983  12.906  6.578   1.00 18.66 ? 41  TRP A C   1 
ATOM   214  O O   . TRP A 1 31  ? -8.148  12.489  7.752   1.00 20.99 ? 41  TRP A O   1 
ATOM   215  C CB  . TRP A 1 31  ? -5.993  11.513  6.166   1.00 18.89 ? 41  TRP A CB  1 
ATOM   216  C CG  . TRP A 1 31  ? -4.825  11.251  5.291   1.00 18.90 ? 41  TRP A CG  1 
ATOM   217  C CD1 . TRP A 1 31  ? -3.514  11.199  5.676   1.00 19.93 ? 41  TRP A CD1 1 
ATOM   218  C CD2 . TRP A 1 31  ? -4.836  11.050  3.874   1.00 18.28 ? 41  TRP A CD2 1 
ATOM   219  N NE1 . TRP A 1 31  ? -2.710  10.946  4.589   1.00 21.22 ? 41  TRP A NE1 1 
ATOM   220  C CE2 . TRP A 1 31  ? -3.499  10.848  3.466   1.00 19.11 ? 41  TRP A CE2 1 
ATOM   221  C CE3 . TRP A 1 31  ? -5.848  10.990  2.911   1.00 16.50 ? 41  TRP A CE3 1 
ATOM   222  C CZ2 . TRP A 1 31  ? -3.147  10.616  2.121   1.00 19.27 ? 41  TRP A CZ2 1 
ATOM   223  C CZ3 . TRP A 1 31  ? -5.507  10.754  1.592   1.00 16.51 ? 41  TRP A CZ3 1 
ATOM   224  C CH2 . TRP A 1 31  ? -4.170  10.566  1.213   1.00 18.55 ? 41  TRP A CH2 1 
ATOM   225  N N   . GLU A 1 32  ? -8.980  13.331  5.841   1.00 16.26 ? 42  GLU A N   1 
ATOM   226  C CA  . GLU A 1 32  ? -10.339 13.396  6.384   1.00 16.88 ? 42  GLU A CA  1 
ATOM   227  C C   . GLU A 1 32  ? -11.074 12.090  6.158   1.00 15.79 ? 42  GLU A C   1 
ATOM   228  O O   . GLU A 1 32  ? -11.090 11.591  5.037   1.00 14.99 ? 42  GLU A O   1 
ATOM   229  C CB  . GLU A 1 32  ? -11.110 14.522  5.718   1.00 18.96 ? 42  GLU A CB  1 
ATOM   230  C CG  . GLU A 1 32  ? -10.568 15.901  6.043   1.00 24.47 ? 42  GLU A CG  1 
ATOM   231  C CD  . GLU A 1 32  ? -11.457 17.015  5.522   1.00 27.49 ? 42  GLU A CD  1 
ATOM   232  O OE1 . GLU A 1 32  ? -12.078 16.849  4.437   1.00 29.28 ? 42  GLU A OE1 1 
ATOM   233  O OE2 . GLU A 1 32  ? -11.514 18.070  6.207   1.00 29.17 ? 42  GLU A OE2 1 
ATOM   234  N N   . PRO A 1 33  ? -11.720 11.527  7.179   1.00 15.32 ? 43  PRO A N   1 
ATOM   235  C CA  . PRO A 1 33  ? -12.544 10.329  6.952   1.00 14.87 ? 43  PRO A CA  1 
ATOM   236  C C   . PRO A 1 33  ? -13.604 10.558  5.877   1.00 14.94 ? 43  PRO A C   1 
ATOM   237  O O   . PRO A 1 33  ? -14.262 11.616  5.881   1.00 15.53 ? 43  PRO A O   1 
ATOM   238  C CB  . PRO A 1 33  ? -13.215 10.114  8.309   1.00 15.90 ? 43  PRO A CB  1 
ATOM   239  C CG  . PRO A 1 33  ? -12.156 10.640  9.273   1.00 16.85 ? 43  PRO A CG  1 
ATOM   240  C CD  . PRO A 1 33  ? -11.702 11.938  8.609   1.00 16.90 ? 43  PRO A CD  1 
ATOM   241  N N   . PHE A 1 34  ? -13.744 9.631   4.934   1.00 13.47 ? 44  PHE A N   1 
ATOM   242  C CA  . PHE A 1 34  ? -14.588 9.796   3.774   1.00 12.25 ? 44  PHE A CA  1 
ATOM   243  C C   . PHE A 1 34  ? -15.677 8.752   3.754   1.00 12.61 ? 44  PHE A C   1 
ATOM   244  O O   . PHE A 1 34  ? -16.809 9.068   3.499   1.00 13.66 ? 44  PHE A O   1 
ATOM   245  C CB  . PHE A 1 34  ? -13.714 9.734   2.505   1.00 11.81 ? 44  PHE A CB  1 
ATOM   246  C CG  . PHE A 1 34  ? -14.479 9.982   1.223   1.00 12.98 ? 44  PHE A CG  1 
ATOM   247  C CD1 . PHE A 1 34  ? -14.858 11.283  0.852   1.00 13.32 ? 44  PHE A CD1 1 
ATOM   248  C CD2 . PHE A 1 34  ? -14.833 8.941   0.384   1.00 14.18 ? 44  PHE A CD2 1 
ATOM   249  C CE1 . PHE A 1 34  ? -15.588 11.502  -0.320  1.00 14.73 ? 44  PHE A CE1 1 
ATOM   250  C CE2 . PHE A 1 34  ? -15.578 9.153   -0.791  1.00 15.61 ? 44  PHE A CE2 1 
ATOM   251  C CZ  . PHE A 1 34  ? -15.942 10.468  -1.139  1.00 14.53 ? 44  PHE A CZ  1 
ATOM   252  N N   . ALA A 1 35  ? -15.355 7.483   4.033   1.00 10.71 ? 45  ALA A N   1 
ATOM   253  C CA  . ALA A 1 35  ? -16.338 6.411   4.084   1.00 10.35 ? 45  ALA A CA  1 
ATOM   254  C C   . ALA A 1 35  ? -15.713 5.183   4.694   1.00 9.76  ? 45  ALA A C   1 
ATOM   255  O O   . ALA A 1 35  ? -14.487 5.094   4.715   1.00 11.13 ? 45  ALA A O   1 
ATOM   256  C CB  . ALA A 1 35  ? -16.775 6.060   2.677   1.00 11.06 ? 45  ALA A CB  1 
ATOM   257  N N   . SER A 1 36  ? -16.525 4.240   5.137   1.00 9.60  ? 46  SER A N   1 
ATOM   258  C CA  . SER A 1 36  ? -15.981 2.970   5.630   1.00 9.22  ? 46  SER A CA  1 
ATOM   259  C C   . SER A 1 36  ? -16.986 1.857   5.496   1.00 9.69  ? 46  SER A C   1 
ATOM   260  O O   . SER A 1 36  ? -18.177 2.102   5.226   1.00 10.69 ? 46  SER A O   1 
ATOM   261  C CB  . SER A 1 36  ? -15.426 3.090   7.037   1.00 9.79  ? 46  SER A CB  1 
ATOM   262  O OG  . SER A 1 36  ? -16.532 3.271   7.960   1.00 10.68 ? 46  SER A OG  1 
ATOM   263  N N   . GLY A 1 37  ? -16.538 0.613   5.629   1.00 8.91  ? 47  GLY A N   1 
ATOM   264  C CA  . GLY A 1 37  ? -17.408 -0.553  5.519   1.00 9.69  ? 47  GLY A CA  1 
ATOM   265  C C   . GLY A 1 37  ? -16.632 -1.817  5.701   1.00 9.74  ? 47  GLY A C   1 
ATOM   266  O O   . GLY A 1 37  ? -15.449 -1.765  6.101   1.00 10.60 ? 47  GLY A O   1 
ATOM   267  N N   . LYS A 1 38  ? -17.282 -2.928  5.472   1.00 10.10 ? 48  LYS A N   1 
ATOM   268  C CA  . LYS A 1 38  ? -16.571 -4.208  5.564   1.00 11.23 ? 48  LYS A CA  1 
ATOM   269  C C   . LYS A 1 38  ? -16.948 -5.058  4.379   1.00 10.40 ? 48  LYS A C   1 
ATOM   270  O O   . LYS A 1 38  ? -18.029 -4.926  3.808   1.00 11.78 ? 48  LYS A O   1 
ATOM   271  C CB  . LYS A 1 38  ? -16.781 -4.936  6.880   1.00 16.35 ? 48  LYS A CB  1 
ATOM   272  C CG  . LYS A 1 38  ? -18.187 -5.063  7.229   1.00 21.18 ? 48  LYS A CG  1 
ATOM   273  C CD  . LYS A 1 38  ? -18.460 -6.278  8.069   1.00 26.26 ? 48  LYS A CD  1 
ATOM   274  C CE  . LYS A 1 38  ? -19.599 -7.069  7.452   1.00 27.73 ? 48  LYS A CE  1 
ATOM   275  N NZ  . LYS A 1 38  ? -19.831 -8.382  8.102   1.00 29.60 ? 48  LYS A NZ  1 
ATOM   276  N N   . THR A 1 39  ? -16.025 -5.936  3.971   1.00 9.77  ? 49  THR A N   1 
ATOM   277  C CA  . THR A 1 39  ? -16.301 -6.766  2.793   1.00 9.93  ? 49  THR A CA  1 
ATOM   278  C C   . THR A 1 39  ? -17.383 -7.807  3.117   1.00 10.69 ? 49  THR A C   1 
ATOM   279  O O   . THR A 1 39  ? -17.480 -8.328  4.233   1.00 12.77 ? 49  THR A O   1 
ATOM   280  C CB  . THR A 1 39  ? -15.044 -7.460  2.250   1.00 9.50  ? 49  THR A CB  1 
ATOM   281  O OG1 . THR A 1 39  ? -14.479 -8.272  3.288   1.00 9.17  ? 49  THR A OG1 1 
ATOM   282  C CG2 . THR A 1 39  ? -13.985 -6.423  1.797   1.00 9.08  ? 49  THR A CG2 1 
ATOM   283  N N   . SER A 1 40  ? -18.153 -8.115  2.092   1.00 10.29 ? 50  SER A N   1 
ATOM   284  C CA  . SER A 1 40  ? -19.277 -9.047  2.222   1.00 12.22 ? 50  SER A CA  1 
ATOM   285  C C   . SER A 1 40  ? -18.757 -10.481 2.015   1.00 12.74 ? 50  SER A C   1 
ATOM   286  O O   . SER A 1 40  ? -17.535 -10.723 1.908   1.00 12.24 ? 50  SER A O   1 
ATOM   287  C CB  . SER A 1 40  ? -20.263 -8.734  1.123   1.00 13.77 ? 50  SER A CB  1 
ATOM   288  O OG  . SER A 1 40  ? -19.675 -9.095  -0.112  1.00 16.04 ? 50  SER A OG  1 
ATOM   289  N N   . GLU A 1 41  ? -19.684 -11.441 1.906   1.00 14.17 ? 51  GLU A N   1 
ATOM   290  C CA  . GLU A 1 41  ? -19.330 -12.822 1.588   1.00 16.19 ? 51  GLU A CA  1 
ATOM   291  C C   . GLU A 1 41  ? -18.658 -12.996 0.231   1.00 14.86 ? 51  GLU A C   1 
ATOM   292  O O   . GLU A 1 41  ? -17.958 -13.990 0.027   1.00 15.77 ? 51  GLU A O   1 
ATOM   293  C CB  . GLU A 1 41  ? -20.564 -13.758 1.669   1.00 18.36 ? 51  GLU A CB  1 
ATOM   294  C CG  . GLU A 1 41  ? -21.309 -13.729 3.017   1.00 26.67 ? 51  GLU A CG  1 
ATOM   295  C CD  . GLU A 1 41  ? -20.652 -14.543 4.142   1.00 29.66 ? 51  GLU A CD  1 
ATOM   296  O OE1 . GLU A 1 41  ? -20.245 -13.945 5.169   1.00 32.95 ? 51  GLU A OE1 1 
ATOM   297  O OE2 . GLU A 1 41  ? -20.569 -15.794 4.021   1.00 33.67 ? 51  GLU A OE2 1 
ATOM   298  N N   . SER A 1 42  ? -18.826 -12.051 -0.686  1.00 12.89 ? 52  SER A N   1 
ATOM   299  C CA  . SER A 1 42  ? -18.158 -12.104 -1.983  1.00 11.85 ? 52  SER A CA  1 
ATOM   300  C C   . SER A 1 42  ? -16.748 -11.474 -1.902  1.00 10.59 ? 52  SER A C   1 
ATOM   301  O O   . SER A 1 42  ? -16.056 -11.422 -2.913  1.00 11.15 ? 52  SER A O   1 
ATOM   302  C CB  . SER A 1 42  ? -18.986 -11.327 -3.012  1.00 13.48 ? 52  SER A CB  1 
ATOM   303  O OG  . SER A 1 42  ? -18.973 -9.945  -2.689  1.00 17.85 ? 52  SER A OG  1 
ATOM   304  N N   . GLY A 1 43  ? -16.384 -10.961 -0.726  1.00 9.86  ? 53  GLY A N   1 
ATOM   305  C CA  . GLY A 1 43  ? -15.091 -10.268 -0.604  1.00 9.98  ? 53  GLY A CA  1 
ATOM   306  C C   . GLY A 1 43  ? -15.179 -8.823  -1.117  1.00 9.49  ? 53  GLY A C   1 
ATOM   307  O O   . GLY A 1 43  ? -14.173 -8.162  -1.237  1.00 9.59  ? 53  GLY A O   1 
ATOM   308  N N   . GLU A 1 44  ? -16.378 -8.327  -1.430  1.00 9.54  ? 54  GLU A N   1 
ATOM   309  C CA  . GLU A 1 44  ? -16.549 -7.008  -2.005  1.00 10.36 ? 54  GLU A CA  1 
ATOM   310  C C   . GLU A 1 44  ? -17.219 -6.029  -1.079  1.00 10.61 ? 54  GLU A C   1 
ATOM   311  O O   . GLU A 1 44  ? -17.965 -6.411  -0.169  1.00 10.79 ? 54  GLU A O   1 
ATOM   312  C CB  . GLU A 1 44  ? -17.302 -7.091  -3.334  1.00 12.85 ? 54  GLU A CB  1 
ATOM   313  C CG  . GLU A 1 44  ? -16.663 -8.017  -4.371  1.00 16.66 ? 54  GLU A CG  1 
ATOM   314  C CD  . GLU A 1 44  ? -17.353 -8.033  -5.716  1.00 19.98 ? 54  GLU A CD  1 
ATOM   315  O OE1 . GLU A 1 44  ? -16.860 -8.737  -6.626  1.00 22.79 ? 54  GLU A OE1 1 
ATOM   316  O OE2 . GLU A 1 44  ? -18.391 -7.357  -5.879  1.00 22.85 ? 54  GLU A OE2 1 
ATOM   317  N N   . LEU A 1 45  ? -16.930 -4.757  -1.283  1.00 10.02 ? 55  LEU A N   1 
ATOM   318  C CA  . LEU A 1 45  ? -17.526 -3.661  -0.559  1.00 9.36  ? 55  LEU A CA  1 
ATOM   319  C C   . LEU A 1 45  ? -17.922 -2.620  -1.566  1.00 10.66 ? 55  LEU A C   1 
ATOM   320  O O   . LEU A 1 45  ? -17.093 -2.043  -2.250  1.00 11.40 ? 55  LEU A O   1 
ATOM   321  C CB  . LEU A 1 45  ? -16.538 -3.117  0.461   1.00 10.30 ? 55  LEU A CB  1 
ATOM   322  C CG  . LEU A 1 45  ? -16.914 -1.834  1.190   1.00 9.42  ? 55  LEU A CG  1 
ATOM   323  C CD1 . LEU A 1 45  ? -18.266 -2.003  1.893   1.00 10.33 ? 55  LEU A CD1 1 
ATOM   324  C CD2 . LEU A 1 45  ? -15.847 -1.494  2.215   1.00 10.24 ? 55  LEU A CD2 1 
ATOM   325  N N   . HIS A 1 46  ? -19.236 -2.416  -1.613  1.00 12.13 ? 56  HIS A N   1 
ATOM   326  C CA  . HIS A 1 46  ? -19.948 -1.532  -2.537  1.00 13.94 ? 56  HIS A CA  1 
ATOM   327  C C   . HIS A 1 46  ? -20.627 -0.423  -1.752  1.00 13.32 ? 56  HIS A C   1 
ATOM   328  O O   . HIS A 1 46  ? -20.740 -0.494  -0.544  1.00 14.40 ? 56  HIS A O   1 
ATOM   329  C CB  . HIS A 1 46  ? -21.062 -2.301  -3.295  1.00 17.10 ? 56  HIS A CB  1 
ATOM   330  C CG  . HIS A 1 46  ? -20.555 -3.303  -4.276  1.00 19.62 ? 56  HIS A CG  1 
ATOM   331  N ND1 . HIS A 1 46  ? -20.182 -4.582  -3.924  1.00 21.66 ? 56  HIS A ND1 1 
ATOM   332  C CD2 . HIS A 1 46  ? -20.348 -3.208  -5.608  1.00 19.63 ? 56  HIS A CD2 1 
ATOM   333  C CE1 . HIS A 1 46  ? -19.789 -5.238  -5.003  1.00 21.41 ? 56  HIS A CE1 1 
ATOM   334  N NE2 . HIS A 1 46  ? -19.882 -4.428  -6.039  1.00 22.02 ? 56  HIS A NE2 1 
ATOM   335  N N   . GLY A 1 47  ? -21.030 0.615   -2.486  1.00 14.51 ? 57  GLY A N   1 
ATOM   336  C CA  . GLY A 1 47  ? -21.854 1.676   -1.897  1.00 14.50 ? 57  GLY A CA  1 
ATOM   337  C C   . GLY A 1 47  ? -21.104 2.625   -0.982  1.00 14.86 ? 57  GLY A C   1 
ATOM   338  O O   . GLY A 1 47  ? -21.701 3.329   -0.172  1.00 15.87 ? 57  GLY A O   1 
ATOM   339  N N   . LEU A 1 48  ? -19.781 2.698   -1.114  1.00 14.69 ? 58  LEU A N   1 
ATOM   340  C CA  . LEU A 1 48  ? -18.967 3.585   -0.288  1.00 14.08 ? 58  LEU A CA  1 
ATOM   341  C C   . LEU A 1 48  ? -19.264 5.061   -0.569  1.00 14.98 ? 58  LEU A C   1 
ATOM   342  O O   . LEU A 1 48  ? -19.237 5.880   0.362   1.00 16.07 ? 58  LEU A O   1 
ATOM   343  C CB  . LEU A 1 48  ? -17.474 3.300   -0.488  1.00 13.51 ? 58  LEU A CB  1 
ATOM   344  C CG  . LEU A 1 48  ? -16.978 2.007   0.228   1.00 13.72 ? 58  LEU A CG  1 
ATOM   345  C CD1 . LEU A 1 48  ? -15.540 1.678   -0.268  1.00 15.15 ? 58  LEU A CD1 1 
ATOM   346  C CD2 . LEU A 1 48  ? -16.986 2.176   1.729   1.00 16.03 ? 58  LEU A CD2 1 
ATOM   347  N N   . THR A 1 49  ? -19.557 5.380   -1.824  1.00 13.97 ? 59  THR A N   1 
ATOM   348  C CA  . THR A 1 49  ? -19.773 6.779   -2.167  1.00 15.04 ? 59  THR A CA  1 
ATOM   349  C C   . THR A 1 49  ? -20.709 6.927   -3.340  1.00 15.97 ? 59  THR A C   1 
ATOM   350  O O   . THR A 1 49  ? -21.288 5.963   -3.851  1.00 17.32 ? 59  THR A O   1 
ATOM   351  C CB  . THR A 1 49  ? -18.409 7.504   -2.372  1.00 15.05 ? 59  THR A CB  1 
ATOM   352  O OG1 . THR A 1 49  ? -18.611 8.922   -2.509  1.00 15.12 ? 59  THR A OG1 1 
ATOM   353  C CG2 . THR A 1 49  ? -17.720 7.063   -3.664  1.00 15.16 ? 59  THR A CG2 1 
ATOM   354  N N   . THR A 1 50  ? -20.911 8.182   -3.726  1.00 18.16 ? 60  THR A N   1 
ATOM   355  C CA  . THR A 1 50  ? -21.756 8.526   -4.871  1.00 19.26 ? 60  THR A CA  1 
ATOM   356  C C   . THR A 1 50  ? -20.955 9.270   -5.892  1.00 20.15 ? 60  THR A C   1 
ATOM   357  O O   . THR A 1 50  ? -19.978 9.929   -5.552  1.00 18.46 ? 60  THR A O   1 
ATOM   358  C CB  . THR A 1 50  ? -22.990 9.357   -4.449  1.00 20.86 ? 60  THR A CB  1 
ATOM   359  O OG1 . THR A 1 50  ? -22.577 10.555  -3.768  1.00 21.97 ? 60  THR A OG1 1 
ATOM   360  C CG2 . THR A 1 50  ? -23.805 8.597   -3.381  1.00 22.15 ? 60  THR A CG2 1 
ATOM   361  N N   . GLU A 1 52  ? -21.863 12.188  -6.857  1.00 23.23 ? 62  GLU A N   1 
ATOM   362  C CA  . GLU A 1 52  ? -21.871 13.587  -6.420  1.00 22.41 ? 62  GLU A CA  1 
ATOM   363  C C   . GLU A 1 52  ? -20.724 13.823  -5.438  1.00 19.59 ? 62  GLU A C   1 
ATOM   364  O O   . GLU A 1 52  ? -19.995 14.832  -5.477  1.00 17.40 ? 62  GLU A O   1 
ATOM   365  C CB  . GLU A 1 52  ? -23.210 13.968  -5.749  1.00 26.31 ? 62  GLU A CB  1 
ATOM   366  C CG  . GLU A 1 52  ? -24.411 14.050  -6.700  1.00 30.57 ? 62  GLU A CG  1 
ATOM   367  C CD  . GLU A 1 52  ? -25.271 12.779  -6.749  1.00 32.85 ? 62  GLU A CD  1 
ATOM   368  O OE1 . GLU A 1 52  ? -24.740 11.634  -6.644  1.00 35.13 ? 62  GLU A OE1 1 
ATOM   369  O OE2 . GLU A 1 52  ? -26.509 12.927  -6.910  1.00 34.41 ? 62  GLU A OE2 1 
ATOM   370  N N   . GLU A 1 53  ? -20.555 12.863  -4.543  1.00 16.78 ? 63  GLU A N   1 
ATOM   371  C CA  . GLU A 1 53  ? -19.674 13.074  -3.414  1.00 14.66 ? 63  GLU A CA  1 
ATOM   372  C C   . GLU A 1 53  ? -18.205 12.810  -3.759  1.00 12.15 ? 63  GLU A C   1 
ATOM   373  O O   . GLU A 1 53  ? -17.327 13.435  -3.214  1.00 12.13 ? 63  GLU A O   1 
ATOM   374  C CB  . GLU A 1 53  ? -20.077 12.094  -2.313  1.00 16.60 ? 63  GLU A CB  1 
ATOM   375  C CG  . GLU A 1 53  ? -19.263 12.316  -1.085  1.00 19.97 ? 63  GLU A CG  1 
ATOM   376  C CD  . GLU A 1 53  ? -19.632 11.379  0.055   1.00 21.51 ? 63  GLU A CD  1 
ATOM   377  O OE1 . GLU A 1 53  ? -19.897 11.840  1.172   1.00 24.29 ? 63  GLU A OE1 1 
ATOM   378  O OE2 . GLU A 1 53  ? -19.649 10.071  -0.216  1.00 20.50 ? 63  GLU A OE2 1 
ATOM   379  N N   . PHE A 1 54  ? -17.991 11.902  -4.708  1.00 12.02 ? 64  PHE A N   1 
ATOM   380  C CA  . PHE A 1 54  ? -16.656 11.426  -5.069  1.00 12.51 ? 64  PHE A CA  1 
ATOM   381  C C   . PHE A 1 54  ? -15.982 12.374  -6.060  1.00 12.42 ? 64  PHE A C   1 
ATOM   382  O O   . PHE A 1 54  ? -15.837 12.062  -7.270  1.00 13.43 ? 64  PHE A O   1 
ATOM   383  C CB  . PHE A 1 54  ? -16.815 10.022  -5.643  1.00 12.65 ? 64  PHE A CB  1 
ATOM   384  C CG  . PHE A 1 54  ? -15.550 9.242   -5.755  1.00 12.84 ? 64  PHE A CG  1 
ATOM   385  C CD1 . PHE A 1 54  ? -14.559 9.321   -4.786  1.00 14.01 ? 64  PHE A CD1 1 
ATOM   386  C CD2 . PHE A 1 54  ? -15.352 8.440   -6.873  1.00 15.53 ? 64  PHE A CD2 1 
ATOM   387  C CE1 . PHE A 1 54  ? -13.352 8.571   -4.924  1.00 15.20 ? 64  PHE A CE1 1 
ATOM   388  C CE2 . PHE A 1 54  ? -14.186 7.685   -7.007  1.00 16.66 ? 64  PHE A CE2 1 
ATOM   389  C CZ  . PHE A 1 54  ? -13.211 7.748   -6.047  1.00 15.48 ? 64  PHE A CZ  1 
ATOM   390  N N   . VAL A 1 55  ? -15.569 13.516  -5.542  1.00 11.67 ? 65  VAL A N   1 
ATOM   391  C CA  . VAL A 1 55  ? -15.019 14.579  -6.380  1.00 11.55 ? 65  VAL A CA  1 
ATOM   392  C C   . VAL A 1 55  ? -13.548 14.313  -6.616  1.00 11.82 ? 65  VAL A C   1 
ATOM   393  O O   . VAL A 1 55  ? -12.993 13.345  -6.024  1.00 12.85 ? 65  VAL A O   1 
ATOM   394  C CB  . VAL A 1 55  ? -15.226 15.968  -5.726  1.00 11.03 ? 65  VAL A CB  1 
ATOM   395  C CG1 . VAL A 1 55  ? -16.731 16.331  -5.702  1.00 14.30 ? 65  VAL A CG1 1 
ATOM   396  C CG2 . VAL A 1 55  ? -14.649 16.034  -4.327  1.00 13.07 ? 65  VAL A CG2 1 
ATOM   397  N N   . GLU A 1 56  ? -12.896 15.108  -7.464  1.00 11.85 ? 66  GLU A N   1 
ATOM   398  C CA  . GLU A 1 56  ? -11.437 15.002  -7.646  1.00 12.45 ? 66  GLU A CA  1 
ATOM   399  C C   . GLU A 1 56  ? -10.745 15.117  -6.313  1.00 12.22 ? 66  GLU A C   1 
ATOM   400  O O   . GLU A 1 56  ? -11.202 15.857  -5.410  1.00 13.05 ? 66  GLU A O   1 
ATOM   401  C CB  . GLU A 1 56  ? -10.916 16.177  -8.478  1.00 15.55 ? 66  GLU A CB  1 
ATOM   402  C CG  . GLU A 1 56  ? -11.277 16.074  -9.918  1.00 21.48 ? 66  GLU A CG  1 
ATOM   403  C CD  . GLU A 1 56  ? -10.384 16.880  -10.820 1.00 23.60 ? 66  GLU A CD  1 
ATOM   404  O OE1 . GLU A 1 56  ? -10.873 17.184  -11.952 1.00 27.24 ? 66  GLU A OE1 1 
ATOM   405  O OE2 . GLU A 1 56  ? -9.208  17.133  -10.463 1.00 28.96 ? 66  GLU A OE2 1 
ATOM   406  N N   . GLY A 1 57  ? -9.646  14.386  -6.124  1.00 11.22 ? 67  GLY A N   1 
ATOM   407  C CA  . GLY A 1 57  ? -8.924  14.453  -4.889  1.00 11.42 ? 67  GLY A CA  1 
ATOM   408  C C   . GLY A 1 57  ? -7.921  13.318  -4.770  1.00 10.33 ? 67  GLY A C   1 
ATOM   409  O O   . GLY A 1 57  ? -7.879  12.462  -5.660  1.00 10.44 ? 67  GLY A O   1 
ATOM   410  N N   . ILE A 1 58  ? -7.144  13.344  -3.706  1.00 9.79  ? 68  ILE A N   1 
ATOM   411  C CA  . ILE A 1 58  ? -6.274  12.224  -3.338  1.00 10.29 ? 68  ILE A CA  1 
ATOM   412  C C   . ILE A 1 58  ? -7.004  11.457  -2.251  1.00 10.20 ? 68  ILE A C   1 
ATOM   413  O O   . ILE A 1 58  ? -7.403  12.013  -1.216  1.00 11.06 ? 68  ILE A O   1 
ATOM   414  C CB  . ILE A 1 58  ? -4.900  12.718  -2.855  1.00 11.66 ? 68  ILE A CB  1 
ATOM   415  C CG1 . ILE A 1 58  ? -4.208  13.467  -3.982  1.00 13.09 ? 68  ILE A CG1 1 
ATOM   416  C CG2 . ILE A 1 58  ? -4.030  11.517  -2.411  1.00 12.51 ? 68  ILE A CG2 1 
ATOM   417  C CD1 . ILE A 1 58  ? -2.934  14.190  -3.609  1.00 15.22 ? 68  ILE A CD1 1 
ATOM   418  N N   . TYR A 1 59  ? -7.179  10.170  -2.513  1.00 8.82  ? 69  TYR A N   1 
ATOM   419  C CA  . TYR A 1 59  ? -7.880  9.267   -1.626  1.00 9.11  ? 69  TYR A CA  1 
ATOM   420  C C   . TYR A 1 59  ? -6.966  8.200   -1.085  1.00 9.07  ? 69  TYR A C   1 
ATOM   421  O O   . TYR A 1 59  ? -5.987  7.781   -1.744  1.00 9.15  ? 69  TYR A O   1 
ATOM   422  C CB  . TYR A 1 59  ? -9.058  8.616   -2.364  1.00 8.84  ? 69  TYR A CB  1 
ATOM   423  C CG  . TYR A 1 59  ? -10.146 9.619   -2.696  1.00 10.12 ? 69  TYR A CG  1 
ATOM   424  C CD1 . TYR A 1 59  ? -10.091 10.386  -3.845  1.00 9.87  ? 69  TYR A CD1 1 
ATOM   425  C CD2 . TYR A 1 59  ? -11.242 9.780   -1.830  1.00 10.79 ? 69  TYR A CD2 1 
ATOM   426  C CE1 . TYR A 1 59  ? -11.095 11.333  -4.131  1.00 9.97  ? 69  TYR A CE1 1 
ATOM   427  C CE2 . TYR A 1 59  ? -12.251 10.706  -2.098  1.00 10.24 ? 69  TYR A CE2 1 
ATOM   428  C CZ  . TYR A 1 59  ? -12.162 11.440  -3.271  1.00 10.33 ? 69  TYR A CZ  1 
ATOM   429  O OH  . TYR A 1 59  ? -13.162 12.371  -3.545  1.00 11.56 ? 69  TYR A OH  1 
ATOM   430  N N   . LYS A 1 60  ? -7.263  7.747   0.124   1.00 8.92  ? 70  LYS A N   1 
ATOM   431  C CA  . LYS A 1 60  ? -6.548  6.633   0.729   1.00 9.61  ? 70  LYS A CA  1 
ATOM   432  C C   . LYS A 1 60  ? -7.533  5.593   1.124   1.00 8.91  ? 70  LYS A C   1 
ATOM   433  O O   . LYS A 1 60  ? -8.503  5.859   1.853   1.00 9.61  ? 70  LYS A O   1 
ATOM   434  C CB  . LYS A 1 60  ? -5.796  7.102   1.962   1.00 10.97 ? 70  LYS A CB  1 
ATOM   435  C CG  . LYS A 1 60  ? -5.079  5.957   2.716   1.00 14.74 ? 70  LYS A CG  1 
ATOM   436  C CD  . LYS A 1 60  ? -4.514  6.454   4.032   1.00 19.14 ? 70  LYS A CD  1 
ATOM   437  C CE  . LYS A 1 60  ? -3.360  7.372   3.812   1.00 20.92 ? 70  LYS A CE  1 
ATOM   438  N NZ  . LYS A 1 60  ? -2.879  7.812   5.179   1.00 23.26 ? 70  LYS A NZ  1 
ATOM   439  N N   . VAL A 1 61  ? -7.309  4.365   0.670   1.00 9.14  ? 71  VAL A N   1 
ATOM   440  C CA  . VAL A 1 61  ? -8.120  3.218   1.049   1.00 9.33  ? 71  VAL A CA  1 
ATOM   441  C C   . VAL A 1 61  ? -7.302  2.364   1.998   1.00 8.58  ? 71  VAL A C   1 
ATOM   442  O O   . VAL A 1 61  ? -6.275  1.796   1.580   1.00 10.03 ? 71  VAL A O   1 
ATOM   443  C CB  . VAL A 1 61  ? -8.579  2.406   -0.181  1.00 9.63  ? 71  VAL A CB  1 
ATOM   444  C CG1 . VAL A 1 61  ? -9.309  1.108   0.244   1.00 10.23 ? 71  VAL A CG1 1 
ATOM   445  C CG2 . VAL A 1 61  ? -9.504  3.236   -1.081  1.00 10.46 ? 71  VAL A CG2 1 
ATOM   446  N N   . GLU A 1 62  ? -7.673  2.284   3.261   1.00 8.76  ? 72  GLU A N   1 
ATOM   447  C CA  . GLU A 1 62  ? -6.927  1.478   4.233   1.00 9.41  ? 72  GLU A CA  1 
ATOM   448  C C   . GLU A 1 62  ? -7.691  0.191   4.482   1.00 9.55  ? 72  GLU A C   1 
ATOM   449  O O   . GLU A 1 62  ? -8.850  0.211   4.902   1.00 10.37 ? 72  GLU A O   1 
ATOM   450  C CB  . GLU A 1 62  ? -6.810  2.256   5.528   1.00 11.94 ? 72  GLU A CB  1 
ATOM   451  C CG  . GLU A 1 62  ? -5.973  1.612   6.625   1.00 17.84 ? 72  GLU A CG  1 
ATOM   452  C CD  . GLU A 1 62  ? -5.604  2.598   7.722   1.00 23.21 ? 72  GLU A CD  1 
ATOM   453  O OE1 . GLU A 1 62  ? -6.490  3.254   8.307   1.00 26.71 ? 72  GLU A OE1 1 
ATOM   454  O OE2 . GLU A 1 62  ? -4.407  2.735   7.974   1.00 26.20 ? 72  GLU A OE2 1 
ATOM   455  N N   . ILE A 1 63  ? -7.035  -0.945  4.269   1.00 8.76  ? 73  ILE A N   1 
ATOM   456  C CA  . ILE A 1 63  ? -7.678  -2.246  4.356   1.00 8.37  ? 73  ILE A CA  1 
ATOM   457  C C   . ILE A 1 63  ? -7.085  -2.911  5.582   1.00 8.86  ? 73  ILE A C   1 
ATOM   458  O O   . ILE A 1 63  ? -5.845  -3.091  5.680   1.00 9.44  ? 73  ILE A O   1 
ATOM   459  C CB  . ILE A 1 63  ? -7.405  -3.046  3.071   1.00 9.29  ? 73  ILE A CB  1 
ATOM   460  C CG1 . ILE A 1 63  ? -7.978  -2.296  1.841   1.00 10.89 ? 73  ILE A CG1 1 
ATOM   461  C CG2 . ILE A 1 63  ? -7.959  -4.461  3.208   1.00 10.03 ? 73  ILE A CG2 1 
ATOM   462  C CD1 . ILE A 1 63  ? -7.616  -2.883  0.459   1.00 12.69 ? 73  ILE A CD1 1 
ATOM   463  N N   . ASP A 1 64  ? -7.907  -3.303  6.535   1.00 9.93  ? 74  ASP A N   1 
ATOM   464  C CA  . ASP A 1 64  ? -7.405  -3.796  7.836   1.00 10.33 ? 74  ASP A CA  1 
ATOM   465  C C   . ASP A 1 64  ? -7.043  -5.279  7.760   1.00 9.96  ? 74  ASP A C   1 
ATOM   466  O O   . ASP A 1 64  ? -7.760  -6.170  8.223   1.00 10.24 ? 74  ASP A O   1 
ATOM   467  C CB  . ASP A 1 64  ? -8.395  -3.592  8.967   1.00 13.88 ? 74  ASP A CB  1 
ATOM   468  C CG  . ASP A 1 64  ? -7.829  -4.081  10.314  1.00 17.86 ? 74  ASP A CG  1 
ATOM   469  O OD1 . ASP A 1 64  ? -8.649  -4.192  11.278  1.00 20.94 ? 74  ASP A OD1 1 
ATOM   470  O OD2 . ASP A 1 64  ? -6.605  -4.408  10.503  1.00 18.75 ? 74  ASP A OD2 1 
ATOM   471  N N   . THR A 1 65  ? -5.928  -5.526  7.099   1.00 8.96  ? 75  THR A N   1 
ATOM   472  C CA  . THR A 1 65  ? -5.477  -6.895  6.879   1.00 9.50  ? 75  THR A CA  1 
ATOM   473  C C   . THR A 1 65  ? -5.017  -7.560  8.164   1.00 8.58  ? 75  THR A C   1 
ATOM   474  O O   . THR A 1 65  ? -5.187  -8.761  8.310   1.00 9.89  ? 75  THR A O   1 
ATOM   475  C CB  . THR A 1 65  ? -4.326  -6.922  5.878   1.00 8.57  ? 75  THR A CB  1 
ATOM   476  O OG1 . THR A 1 65  ? -3.264  -6.076  6.324   1.00 9.72  ? 75  THR A OG1 1 
ATOM   477  C CG2 . THR A 1 65  ? -4.789  -6.332  4.514   1.00 10.19 ? 75  THR A CG2 1 
ATOM   478  N N   . LYS A 1 66  ? -4.463  -6.814  9.119   1.00 9.25  ? 76  LYS A N   1 
ATOM   479  C CA  . LYS A 1 66  ? -3.970  -7.486  10.313  1.00 9.19  ? 76  LYS A CA  1 
ATOM   480  C C   . LYS A 1 66  ? -5.105  -8.116  11.104  1.00 10.07 ? 76  LYS A C   1 
ATOM   481  O O   . LYS A 1 66  ? -4.960  -9.237  11.572  1.00 9.62  ? 76  LYS A O   1 
ATOM   482  C CB  . LYS A 1 66  ? -3.161  -6.521  11.166  1.00 11.13 ? 76  LYS A CB  1 
ATOM   483  C CG  . LYS A 1 66  ? -2.524  -7.156  12.405  1.00 12.76 ? 76  LYS A CG  1 
ATOM   484  C CD  . LYS A 1 66  ? -1.686  -6.121  13.120  1.00 14.30 ? 76  LYS A CD  1 
ATOM   485  C CE  . LYS A 1 66  ? -1.113  -6.700  14.404  1.00 16.98 ? 76  LYS A CE  1 
ATOM   486  N NZ  . LYS A 1 66  ? -0.453  -5.652  15.229  1.00 17.79 ? 76  LYS A NZ  1 
ATOM   487  N N   . SER A 1 67  ? -6.223  -7.407  11.265  1.00 10.69 ? 77  SER A N   1 
ATOM   488  C CA  . SER A 1 67  ? -7.350  -7.985  12.024  1.00 12.09 ? 77  SER A CA  1 
ATOM   489  C C   . SER A 1 67  ? -7.909  -9.211  11.329  1.00 11.69 ? 77  SER A C   1 
ATOM   490  O O   . SER A 1 67  ? -8.319  -10.185 11.939  1.00 12.17 ? 77  SER A O   1 
ATOM   491  C CB  . SER A 1 67  ? -8.482  -6.988  12.294  1.00 13.14 ? 77  SER A CB  1 
ATOM   492  O OG  . SER A 1 67  ? -8.004  -5.941  13.080  1.00 15.48 ? 77  SER A OG  1 
ATOM   493  N N   . TYR A 1 68  ? -7.937  -9.180  9.995   1.00 10.66 ? 78  TYR A N   1 
ATOM   494  C CA  . TYR A 1 68  ? -8.343  -10.329 9.212   1.00 9.96  ? 78  TYR A CA  1 
ATOM   495  C C   . TYR A 1 68  ? -7.525  -11.574 9.523   1.00 10.11 ? 78  TYR A C   1 
ATOM   496  O O   . TYR A 1 68  ? -8.067  -12.632 9.835   1.00 11.45 ? 78  TYR A O   1 
ATOM   497  C CB  . TYR A 1 68  ? -8.292  -9.987  7.696   1.00 9.77  ? 78  TYR A CB  1 
ATOM   498  C CG  . TYR A 1 68  ? -8.601  -11.167 6.837   1.00 9.15  ? 78  TYR A CG  1 
ATOM   499  C CD1 . TYR A 1 68  ? -9.936  -11.568 6.603   1.00 9.44  ? 78  TYR A CD1 1 
ATOM   500  C CD2 . TYR A 1 68  ? -7.570  -11.912 6.219   1.00 9.65  ? 78  TYR A CD2 1 
ATOM   501  C CE1 . TYR A 1 68  ? -10.230 -12.675 5.809   1.00 9.85  ? 78  TYR A CE1 1 
ATOM   502  C CE2 . TYR A 1 68  ? -7.864  -13.018 5.458   1.00 10.48 ? 78  TYR A CE2 1 
ATOM   503  C CZ  . TYR A 1 68  ? -9.182  -13.406 5.247   1.00 11.19 ? 78  TYR A CZ  1 
ATOM   504  O OH  . TYR A 1 68  ? -9.532  -14.495 4.483   1.00 11.65 ? 78  TYR A OH  1 
ATOM   505  N N   . TRP A 1 69  ? -6.200  -11.430 9.427   1.00 9.13  ? 79  TRP A N   1 
ATOM   506  C CA  . TRP A 1 69  ? -5.304  -12.547 9.700   1.00 9.39  ? 79  TRP A CA  1 
ATOM   507  C C   . TRP A 1 69  ? -5.363  -12.973 11.138  1.00 9.55  ? 79  TRP A C   1 
ATOM   508  O O   . TRP A 1 69  ? -5.406  -14.191 11.409  1.00 9.77  ? 79  TRP A O   1 
ATOM   509  C CB  . TRP A 1 69  ? -3.862  -12.216 9.312   1.00 8.59  ? 79  TRP A CB  1 
ATOM   510  C CG  . TRP A 1 69  ? -3.672  -12.128 7.824   1.00 7.74  ? 79  TRP A CG  1 
ATOM   511  C CD1 . TRP A 1 69  ? -3.331  -11.024 7.119   1.00 7.41  ? 79  TRP A CD1 1 
ATOM   512  C CD2 . TRP A 1 69  ? -3.874  -13.168 6.860   1.00 8.03  ? 79  TRP A CD2 1 
ATOM   513  N NE1 . TRP A 1 69  ? -3.272  -11.301 5.764   1.00 7.37  ? 79  TRP A NE1 1 
ATOM   514  C CE2 . TRP A 1 69  ? -3.618  -12.620 5.576   1.00 8.36  ? 79  TRP A CE2 1 
ATOM   515  C CE3 . TRP A 1 69  ? -4.244  -14.526 6.942   1.00 9.20  ? 79  TRP A CE3 1 
ATOM   516  C CZ2 . TRP A 1 69  ? -3.724  -13.369 4.416   1.00 8.13  ? 79  TRP A CZ2 1 
ATOM   517  C CZ3 . TRP A 1 69  ? -4.332  -15.251 5.765   1.00 10.62 ? 79  TRP A CZ3 1 
ATOM   518  C CH2 . TRP A 1 69  ? -4.103  -14.675 4.538   1.00 9.32  ? 79  TRP A CH2 1 
ATOM   519  N N   . LYS A 1 70  ? -5.402  -12.011 12.062  1.00 10.54 ? 80  LYS A N   1 
ATOM   520  C CA  . LYS A 1 70  ? -5.401  -12.374 13.498  1.00 11.14 ? 80  LYS A CA  1 
ATOM   521  C C   . LYS A 1 70  ? -6.635  -13.233 13.859  1.00 11.86 ? 80  LYS A C   1 
ATOM   522  O O   . LYS A 1 70  ? -6.528  -14.165 14.681  1.00 12.99 ? 80  LYS A O   1 
ATOM   523  C CB  . LYS A 1 70  ? -5.357  -11.117 14.363  1.00 12.89 ? 80  LYS A CB  1 
ATOM   524  C CG  . LYS A 1 70  ? -3.991  -10.437 14.479  1.00 14.64 ? 80  LYS A CG  1 
ATOM   525  C CD  . LYS A 1 70  ? -2.994  -11.246 15.347  1.00 16.78 ? 80  LYS A CD  1 
ATOM   526  C CE  . LYS A 1 70  ? -1.722  -10.498 15.671  1.00 17.98 ? 80  LYS A CE  1 
ATOM   527  N NZ  . LYS A 1 70  ? -0.862  -11.351 16.586  1.00 19.71 ? 80  LYS A NZ  1 
ATOM   528  N N   . ALA A 1 71  ? -7.763  -12.937 13.232  1.00 12.13 ? 81  ALA A N   1 
ATOM   529  C CA  . ALA A 1 71  ? -8.982  -13.696 13.488  1.00 13.78 ? 81  ALA A CA  1 
ATOM   530  C C   . ALA A 1 71  ? -8.892  -15.106 12.949  1.00 14.10 ? 81  ALA A C   1 
ATOM   531  O O   . ALA A 1 71  ? -9.665  -15.980 13.365  1.00 16.08 ? 81  ALA A O   1 
ATOM   532  C CB  . ALA A 1 71  ? -10.165 -12.973 12.894  1.00 13.78 ? 81  ALA A CB  1 
ATOM   533  N N   . LEU A 1 72  ? -7.929  -15.372 12.060  1.00 13.65 ? 82  LEU A N   1 
ATOM   534  C CA  . LEU A 1 72  ? -7.660  -16.706 11.538  1.00 13.82 ? 82  LEU A CA  1 
ATOM   535  C C   . LEU A 1 72  ? -6.458  -17.353 12.223  1.00 13.27 ? 82  LEU A C   1 
ATOM   536  O O   . LEU A 1 72  ? -5.954  -18.397 11.770  1.00 15.06 ? 82  LEU A O   1 
ATOM   537  C CB  . LEU A 1 72  ? -7.401  -16.643 10.026  1.00 15.07 ? 82  LEU A CB  1 
ATOM   538  C CG  . LEU A 1 72  ? -8.590  -16.178 9.227   1.00 15.66 ? 82  LEU A CG  1 
ATOM   539  C CD1 . LEU A 1 72  ? -8.104  -15.903 7.806   1.00 16.47 ? 82  LEU A CD1 1 
ATOM   540  C CD2 . LEU A 1 72  ? -9.654  -17.261 9.232   1.00 17.78 ? 82  LEU A CD2 1 
ATOM   541  N N   . GLY A 1 73  ? -5.983  -16.730 13.306  1.00 11.82 ? 83  GLY A N   1 
ATOM   542  C CA  . GLY A 1 73  ? -4.910  -17.326 14.083  1.00 12.00 ? 83  GLY A CA  1 
ATOM   543  C C   . GLY A 1 73  ? -3.513  -16.969 13.640  1.00 11.42 ? 83  GLY A C   1 
ATOM   544  O O   . GLY A 1 73  ? -2.533  -17.477 14.204  1.00 11.57 ? 83  GLY A O   1 
ATOM   545  N N   . ILE A 1 74  ? -3.427  -16.043 12.680  1.00 10.94 ? 84  ILE A N   1 
ATOM   546  C CA  . ILE A 1 74  ? -2.167  -15.701 12.013  1.00 11.08 ? 84  ILE A CA  1 
ATOM   547  C C   . ILE A 1 74  ? -1.660  -14.336 12.480  1.00 10.99 ? 84  ILE A C   1 
ATOM   548  O O   . ILE A 1 74  ? -2.456  -13.392 12.617  1.00 10.81 ? 84  ILE A O   1 
ATOM   549  C CB  . ILE A 1 74  ? -2.360  -15.701 10.476  1.00 12.60 ? 84  ILE A CB  1 
ATOM   550  C CG1 . ILE A 1 74  ? -2.757  -17.113 9.955   1.00 14.25 ? 84  ILE A CG1 1 
ATOM   551  C CG2 . ILE A 1 74  ? -1.121  -15.120 9.742   1.00 12.67 ? 84  ILE A CG2 1 
ATOM   552  C CD1 . ILE A 1 74  ? -1.755  -18.131 10.128  1.00 16.42 ? 84  ILE A CD1 1 
ATOM   553  N N   . SER A 1 75  ? -0.346  -14.232 12.727  1.00 10.47 ? 85  SER A N   1 
ATOM   554  C CA  . SER A 1 75  ? 0.306   -12.959 13.040  1.00 10.48 ? 85  SER A CA  1 
ATOM   555  C C   . SER A 1 75  ? 1.009   -12.484 11.797  1.00 9.65  ? 85  SER A C   1 
ATOM   556  O O   . SER A 1 75  ? 2.096   -12.977 11.456  1.00 11.46 ? 85  SER A O   1 
ATOM   557  C CB  . SER A 1 75  ? 1.306   -13.188 14.167  1.00 12.20 ? 85  SER A CB  1 
ATOM   558  O OG  . SER A 1 75  ? 0.567   -13.448 15.374  1.00 15.40 ? 85  SER A OG  1 
ATOM   559  N N   . PRO A 1 76  ? 0.361   -11.593 11.044  1.00 8.81  ? 86  PRO A N   1 
ATOM   560  C CA  . PRO A 1 76  ? 0.901   -11.229 9.731   1.00 9.17  ? 86  PRO A CA  1 
ATOM   561  C C   . PRO A 1 76  ? 1.917   -10.117 9.838   1.00 8.86  ? 86  PRO A C   1 
ATOM   562  O O   . PRO A 1 76  ? 2.083   -9.516  10.926  1.00 9.99  ? 86  PRO A O   1 
ATOM   563  C CB  . PRO A 1 76  ? -0.337  -10.708 8.994   1.00 9.27  ? 86  PRO A CB  1 
ATOM   564  C CG  . PRO A 1 76  ? -1.099  -10.003 10.078  1.00 9.67  ? 86  PRO A CG  1 
ATOM   565  C CD  . PRO A 1 76  ? -0.891  -10.864 11.318  1.00 8.87  ? 86  PRO A CD  1 
ATOM   566  N N   . PHE A 1 77  ? 2.580   -9.838  8.743   1.00 9.15  ? 87  PHE A N   1 
ATOM   567  C CA  . PHE A 1 77  ? 3.588   -8.795  8.778   1.00 9.04  ? 87  PHE A CA  1 
ATOM   568  C C   . PHE A 1 77  ? 3.020   -7.408  8.837   1.00 8.90  ? 87  PHE A C   1 
ATOM   569  O O   . PHE A 1 77  ? 3.510   -6.571  9.625   1.00 9.95  ? 87  PHE A O   1 
ATOM   570  C CB  . PHE A 1 77  ? 4.498   -8.933  7.577   1.00 10.81 ? 87  PHE A CB  1 
ATOM   571  C CG  . PHE A 1 77  ? 5.634   -7.947  7.585   1.00 9.89  ? 87  PHE A CG  1 
ATOM   572  C CD1 . PHE A 1 77  ? 6.752   -8.171  8.395   1.00 12.21 ? 87  PHE A CD1 1 
ATOM   573  C CD2 . PHE A 1 77  ? 5.568   -6.800  6.804   1.00 11.54 ? 87  PHE A CD2 1 
ATOM   574  C CE1 . PHE A 1 77  ? 7.811   -7.278  8.407   1.00 11.35 ? 87  PHE A CE1 1 
ATOM   575  C CE2 . PHE A 1 77  ? 6.662   -5.900  6.807   1.00 11.86 ? 87  PHE A CE2 1 
ATOM   576  C CZ  . PHE A 1 77  ? 7.740   -6.171  7.613   1.00 11.51 ? 87  PHE A CZ  1 
ATOM   577  N N   . HIS A 1 78  ? 2.063   -7.102  7.977   1.00 7.90  ? 88  HIS A N   1 
ATOM   578  C CA  . HIS A 1 78  ? 1.621   -5.730  7.779   1.00 8.30  ? 88  HIS A CA  1 
ATOM   579  C C   . HIS A 1 78  ? 0.546   -5.336  8.774   1.00 8.07  ? 88  HIS A C   1 
ATOM   580  O O   . HIS A 1 78  ? -0.317  -6.134  9.155   1.00 9.86  ? 88  HIS A O   1 
ATOM   581  C CB  . HIS A 1 78  ? 1.074   -5.558  6.372   1.00 8.26  ? 88  HIS A CB  1 
ATOM   582  C CG  . HIS A 1 78  ? 2.081   -5.889  5.333   1.00 9.75  ? 88  HIS A CG  1 
ATOM   583  N ND1 . HIS A 1 78  ? 2.187   -7.148  4.763   1.00 9.55  ? 88  HIS A ND1 1 
ATOM   584  C CD2 . HIS A 1 78  ? 3.099   -5.153  4.840   1.00 11.18 ? 88  HIS A CD2 1 
ATOM   585  C CE1 . HIS A 1 78  ? 3.227   -7.153  3.943   1.00 11.03 ? 88  HIS A CE1 1 
ATOM   586  N NE2 . HIS A 1 78  ? 3.790   -5.953  3.967   1.00 10.98 ? 88  HIS A NE2 1 
ATOM   587  N N   . GLU A 1 79  ? 0.553   -4.080  9.167   1.00 9.08  ? 89  GLU A N   1 
ATOM   588  C CA  . GLU A 1 79  ? -0.546  -3.539  9.978   1.00 9.74  ? 89  GLU A CA  1 
ATOM   589  C C   . GLU A 1 79  ? -1.830  -3.413  9.154   1.00 11.39 ? 89  GLU A C   1 
ATOM   590  O O   . GLU A 1 79  ? -2.932  -3.611  9.674   1.00 13.19 ? 89  GLU A O   1 
ATOM   591  C CB  . GLU A 1 79  ? -0.163  -2.142  10.513  1.00 11.05 ? 89  GLU A CB  1 
ATOM   592  C CG  . GLU A 1 79  ? 0.897   -2.196  11.602  1.00 14.83 ? 89  GLU A CG  1 
ATOM   593  C CD  . GLU A 1 79  ? 0.395   -2.907  12.853  1.00 14.56 ? 89  GLU A CD  1 
ATOM   594  O OE1 . GLU A 1 79  ? -0.682  -2.521  13.403  1.00 19.08 ? 89  GLU A OE1 1 
ATOM   595  O OE2 . GLU A 1 79  ? 1.033   -3.891  13.207  1.00 15.91 ? 89  GLU A OE2 1 
ATOM   596  N N   . HIS A 1 80  ? -1.667  -3.034  7.900   1.00 9.99  ? 90  HIS A N   1 
ATOM   597  C CA  . HIS A 1 80  ? -2.805  -2.790  7.008   1.00 11.84 ? 90  HIS A CA  1 
ATOM   598  C C   . HIS A 1 80  ? -2.232  -2.699  5.648   1.00 12.62 ? 90  HIS A C   1 
ATOM   599  O O   . HIS A 1 80  ? -1.006  -2.716  5.471   1.00 14.33 ? 90  HIS A O   1 
ATOM   600  C CB  . HIS A 1 80  ? -3.622  -1.531  7.405   1.00 15.50 ? 90  HIS A CB  1 
ATOM   601  C CG  . HIS A 1 80  ? -2.829  -0.269  7.458   1.00 19.73 ? 90  HIS A CG  1 
ATOM   602  N ND1 . HIS A 1 80  ? -2.460  0.344   8.635   1.00 22.75 ? 90  HIS A ND1 1 
ATOM   603  C CD2 . HIS A 1 80  ? -2.371  0.525   6.461   1.00 21.92 ? 90  HIS A CD2 1 
ATOM   604  C CE1 . HIS A 1 80  ? -1.774  1.440   8.364   1.00 22.68 ? 90  HIS A CE1 1 
ATOM   605  N NE2 . HIS A 1 80  ? -1.723  1.587   7.052   1.00 23.75 ? 90  HIS A NE2 1 
ATOM   606  N N   . ALA A 1 81  ? -3.091  -2.687  4.655   1.00 12.51 ? 91  ALA A N   1 
ATOM   607  C CA  . ALA A 1 81  ? -2.682  -2.394  3.289   1.00 13.13 ? 91  ALA A CA  1 
ATOM   608  C C   . ALA A 1 81  ? -3.281  -1.046  2.973   1.00 14.56 ? 91  ALA A C   1 
ATOM   609  O O   . ALA A 1 81  ? -4.487  -0.914  3.135   1.00 15.13 ? 91  ALA A O   1 
ATOM   610  C CB  . ALA A 1 81  ? -3.195  -3.435  2.382   1.00 13.98 ? 91  ALA A CB  1 
ATOM   611  N N   . GLU A 1 82  ? -2.509  -0.072  2.523   1.00 14.72 ? 92  GLU A N   1 
ATOM   612  C CA  . GLU A 1 82  ? -2.985  1.279   2.233   1.00 16.08 ? 92  GLU A CA  1 
ATOM   613  C C   . GLU A 1 82  ? -2.840  1.506   0.757   1.00 14.77 ? 92  GLU A C   1 
ATOM   614  O O   . GLU A 1 82  ? -1.781  1.185   0.214   1.00 17.83 ? 92  GLU A O   1 
ATOM   615  C CB  . GLU A 1 82  ? -2.040  2.260   2.911   1.00 20.59 ? 92  GLU A CB  1 
ATOM   616  C CG  . GLU A 1 82  ? -2.705  3.548   3.291   1.00 26.33 ? 92  GLU A CG  1 
ATOM   617  C CD  . GLU A 1 82  ? -1.757  4.519   3.972   1.00 30.05 ? 92  GLU A CD  1 
ATOM   618  O OE1 . GLU A 1 82  ? -1.412  4.316   5.169   1.00 32.00 ? 92  GLU A OE1 1 
ATOM   619  O OE2 . GLU A 1 82  ? -1.364  5.503   3.301   1.00 32.08 ? 92  GLU A OE2 1 
ATOM   620  N N   . VAL A 1 83  ? -3.857  2.047   0.091   1.00 10.66 ? 93  VAL A N   1 
ATOM   621  C CA  . VAL A 1 83  ? -3.821  2.283   -1.337  1.00 9.74  ? 93  VAL A CA  1 
ATOM   622  C C   . VAL A 1 83  ? -4.117  3.778   -1.528  1.00 8.83  ? 93  VAL A C   1 
ATOM   623  O O   . VAL A 1 83  ? -5.197  4.237   -1.102  1.00 9.93  ? 93  VAL A O   1 
ATOM   624  C CB  . VAL A 1 83  ? -4.859  1.437   -2.065  1.00 10.86 ? 93  VAL A CB  1 
ATOM   625  C CG1 . VAL A 1 83  ? -4.801  1.678   -3.555  1.00 12.21 ? 93  VAL A CG1 1 
ATOM   626  C CG2 . VAL A 1 83  ? -4.660  -0.050  -1.782  1.00 11.48 ? 93  VAL A CG2 1 
ATOM   627  N N   . VAL A 1 84  ? -3.194  4.558   -2.046  1.00 7.99  ? 94  VAL A N   1 
ATOM   628  C CA  . VAL A 1 84  ? -3.307  6.017   -2.132  1.00 8.53  ? 94  VAL A CA  1 
ATOM   629  C C   . VAL A 1 84  ? -3.256  6.442   -3.592  1.00 8.05  ? 94  VAL A C   1 
ATOM   630  O O   . VAL A 1 84  ? -2.352  6.030   -4.339  1.00 7.92  ? 94  VAL A O   1 
ATOM   631  C CB  . VAL A 1 84  ? -2.169  6.716   -1.347  1.00 9.85  ? 94  VAL A CB  1 
ATOM   632  C CG1 . VAL A 1 84  ? -2.348  8.222   -1.349  1.00 11.23 ? 94  VAL A CG1 1 
ATOM   633  C CG2 . VAL A 1 84  ? -2.141  6.216   0.125   1.00 13.54 ? 94  VAL A CG2 1 
ATOM   634  N N   . PHE A 1 85  ? -4.189  7.280   -4.042  1.00 8.04  ? 95  PHE A N   1 
ATOM   635  C CA  . PHE A 1 85  ? -4.342  7.530   -5.476  1.00 8.35  ? 95  PHE A CA  1 
ATOM   636  C C   . PHE A 1 85  ? -5.112  8.823   -5.694  1.00 9.28  ? 95  PHE A C   1 
ATOM   637  O O   . PHE A 1 85  ? -5.954  9.181   -4.876  1.00 9.28  ? 95  PHE A O   1 
ATOM   638  C CB  . PHE A 1 85  ? -5.056  6.383   -6.215  1.00 8.73  ? 95  PHE A CB  1 
ATOM   639  C CG  . PHE A 1 85  ? -6.407  6.081   -5.710  1.00 10.30 ? 95  PHE A CG  1 
ATOM   640  C CD1 . PHE A 1 85  ? -6.561  5.270   -4.594  1.00 11.99 ? 95  PHE A CD1 1 
ATOM   641  C CD2 . PHE A 1 85  ? -7.527  6.543   -6.378  1.00 11.59 ? 95  PHE A CD2 1 
ATOM   642  C CE1 . PHE A 1 85  ? -7.819  4.953   -4.120  1.00 13.63 ? 95  PHE A CE1 1 
ATOM   643  C CE2 . PHE A 1 85  ? -8.808  6.192   -5.879  1.00 12.99 ? 95  PHE A CE2 1 
ATOM   644  C CZ  . PHE A 1 85  ? -8.905  5.412   -4.744  1.00 12.69 ? 95  PHE A CZ  1 
ATOM   645  N N   . THR A 1 86  ? -4.826  9.490   -6.787  1.00 10.40 ? 96  THR A N   1 
ATOM   646  C CA  . THR A 1 86  ? -5.641  10.607  -7.230  1.00 10.53 ? 96  THR A CA  1 
ATOM   647  C C   . THR A 1 86  ? -6.789  10.058  -8.038  1.00 11.66 ? 96  THR A C   1 
ATOM   648  O O   . THR A 1 86  ? -6.626  9.199   -8.893  1.00 12.62 ? 96  THR A O   1 
ATOM   649  C CB  . THR A 1 86  ? -4.780  11.503  -8.093  1.00 11.06 ? 96  THR A CB  1 
ATOM   650  O OG1 . THR A 1 86  ? -3.757  12.073  -7.296  1.00 13.20 ? 96  THR A OG1 1 
ATOM   651  C CG2 . THR A 1 86  ? -5.552  12.711  -8.634  1.00 13.70 ? 96  THR A CG2 1 
ATOM   652  N N   . ALA A 1 87  ? -7.978  10.579  -7.786  1.00 10.72 ? 97  ALA A N   1 
ATOM   653  C CA  . ALA A 1 87  ? -9.172  10.104  -8.481  1.00 11.76 ? 97  ALA A CA  1 
ATOM   654  C C   . ALA A 1 87  ? -9.845  11.237  -9.178  1.00 12.20 ? 97  ALA A C   1 
ATOM   655  O O   . ALA A 1 87  ? -9.833  12.379  -8.691  1.00 13.27 ? 97  ALA A O   1 
ATOM   656  C CB  . ALA A 1 87  ? -10.171 9.532   -7.472  1.00 13.38 ? 97  ALA A CB  1 
ATOM   657  N N   . ASN A 1 88  ? -10.443 10.907  -10.315 1.00 13.93 ? 98  ASN A N   1 
ATOM   658  C CA  . ASN A 1 88  ? -11.373 11.792  -11.046 1.00 16.81 ? 98  ASN A CA  1 
ATOM   659  C C   . ASN A 1 88  ? -10.691 13.010  -11.633 1.00 18.95 ? 98  ASN A C   1 
ATOM   660  O O   . ASN A 1 88  ? -11.378 13.993  -11.961 1.00 21.37 ? 98  ASN A O   1 
ATOM   661  C CB  . ASN A 1 88  ? -12.616 12.151  -10.201 1.00 16.99 ? 98  ASN A CB  1 
ATOM   662  C CG  . ASN A 1 88  ? -13.270 10.935  -9.627  1.00 16.34 ? 98  ASN A CG  1 
ATOM   663  O OD1 . ASN A 1 88  ? -13.661 10.030  -10.366 1.00 16.27 ? 98  ASN A OD1 1 
ATOM   664  N ND2 . ASN A 1 88  ? -13.365 10.874  -8.316  1.00 15.32 ? 98  ASN A ND2 1 
ATOM   665  N N   . ASP A 1 89  ? -9.375  12.935  -11.824 1.00 20.76 ? 99  ASP A N   1 
ATOM   666  C CA  . ASP A 1 89  ? -8.564  14.057  -12.322 1.00 24.47 ? 99  ASP A CA  1 
ATOM   667  C C   . ASP A 1 89  ? -8.910  14.462  -13.762 1.00 25.40 ? 99  ASP A C   1 
ATOM   668  O O   . ASP A 1 89  ? -8.632  15.596  -14.195 1.00 25.93 ? 99  ASP A O   1 
ATOM   669  C CB  . ASP A 1 89  ? -7.053  13.763  -12.158 1.00 26.98 ? 99  ASP A CB  1 
ATOM   670  C CG  . ASP A 1 89  ? -6.672  12.306  -12.497 1.00 30.40 ? 99  ASP A CG  1 
ATOM   671  O OD1 . ASP A 1 89  ? -7.332  11.328  -12.038 1.00 32.30 ? 99  ASP A OD1 1 
ATOM   672  O OD2 . ASP A 1 89  ? -5.669  12.031  -13.197 1.00 33.47 ? 99  ASP A OD2 1 
ATOM   673  N N   . SER A 1 90  ? -9.533  13.548  -14.489 1.00 25.49 ? 100 SER A N   1 
ATOM   674  C CA  . SER A 1 90  ? -9.906  13.757  -15.885 1.00 26.49 ? 100 SER A CA  1 
ATOM   675  C C   . SER A 1 90  ? -11.376 13.388  -16.080 1.00 25.38 ? 100 SER A C   1 
ATOM   676  O O   . SER A 1 90  ? -11.793 12.791  -17.094 1.00 26.78 ? 100 SER A O   1 
ATOM   677  C CB  . SER A 1 90  ? -9.007  12.918  -16.780 1.00 26.94 ? 100 SER A CB  1 
ATOM   678  O OG  . SER A 1 90  ? -9.120  11.544  -16.429 1.00 31.52 ? 100 SER A OG  1 
ATOM   679  N N   . GLY A 1 91  ? -12.172 13.761  -15.097 1.00 24.71 ? 101 GLY A N   1 
ATOM   680  C CA  . GLY A 1 91  ? -13.574 13.452  -15.088 1.00 22.15 ? 101 GLY A CA  1 
ATOM   681  C C   . GLY A 1 91  ? -13.844 12.194  -14.326 1.00 21.90 ? 101 GLY A C   1 
ATOM   682  O O   . GLY A 1 91  ? -12.904 11.470  -13.962 1.00 21.74 ? 101 GLY A O   1 
ATOM   683  N N   . PRO A 1 92  ? -15.111 11.941  -14.041 1.00 20.33 ? 102 PRO A N   1 
ATOM   684  C CA  . PRO A 1 92  ? -15.508 10.768  -13.259 1.00 19.93 ? 102 PRO A CA  1 
ATOM   685  C C   . PRO A 1 92  ? -15.119 9.422   -13.895 1.00 19.66 ? 102 PRO A C   1 
ATOM   686  O O   . PRO A 1 92  ? -15.249 9.223   -15.136 1.00 19.14 ? 102 PRO A O   1 
ATOM   687  C CB  . PRO A 1 92  ? -17.021 10.909  -13.178 1.00 19.62 ? 102 PRO A CB  1 
ATOM   688  C CG  . PRO A 1 92  ? -17.348 11.828  -14.328 1.00 20.98 ? 102 PRO A CG  1 
ATOM   689  C CD  . PRO A 1 92  ? -16.270 12.805  -14.339 1.00 20.95 ? 102 PRO A CD  1 
ATOM   690  N N   . ARG A 1 93  ? -14.619 8.528   -13.037 1.00 19.62 ? 103 ARG A N   1 
ATOM   691  C CA  . ARG A 1 93  ? -14.367 7.147   -13.433 1.00 19.58 ? 103 ARG A CA  1 
ATOM   692  C C   . ARG A 1 93  ? -14.908 6.199   -12.383 1.00 19.40 ? 103 ARG A C   1 
ATOM   693  O O   . ARG A 1 93  ? -15.147 6.639   -11.245 1.00 20.47 ? 103 ARG A O   1 
ATOM   694  C CB  . ARG A 1 93  ? -12.872 6.896   -13.612 1.00 19.08 ? 103 ARG A CB  1 
ATOM   695  C CG  . ARG A 1 93  ? -12.205 7.780   -14.662 1.00 19.87 ? 103 ARG A CG  1 
ATOM   696  C CD  . ARG A 1 93  ? -12.545 7.361   -16.099 1.00 21.74 ? 103 ARG A CD  1 
ATOM   697  N NE  . ARG A 1 93  ? -11.687 8.041   -17.062 1.00 23.72 ? 103 ARG A NE  1 
ATOM   698  C CZ  . ARG A 1 93  ? -11.869 9.284   -17.482 1.00 24.83 ? 103 ARG A CZ  1 
ATOM   699  N NH1 . ARG A 1 93  ? -12.922 9.991   -17.062 1.00 26.47 ? 103 ARG A NH1 1 
ATOM   700  N NH2 . ARG A 1 93  ? -11.015 9.815   -18.342 1.00 25.67 ? 103 ARG A NH2 1 
ATOM   701  N N   . ARG A 1 94  ? -15.135 4.940   -12.780 1.00 18.82 ? 104 ARG A N   1 
ATOM   702  C CA  . ARG A 1 94  ? -15.359 3.812   -11.862 1.00 18.22 ? 104 ARG A CA  1 
ATOM   703  C C   . ARG A 1 94  ? -14.028 3.152   -11.460 1.00 15.00 ? 104 ARG A C   1 
ATOM   704  O O   . ARG A 1 94  ? -13.203 2.810   -12.304 1.00 15.79 ? 104 ARG A O   1 
ATOM   705  C CB  . ARG A 1 94  ? -16.203 2.784   -12.558 1.00 21.44 ? 104 ARG A CB  1 
ATOM   706  C CG  . ARG A 1 94  ? -16.871 1.738   -11.712 1.00 26.39 ? 104 ARG A CG  1 
ATOM   707  C CD  . ARG A 1 94  ? -17.815 0.828   -12.497 1.00 29.38 ? 104 ARG A CD  1 
ATOM   708  N NE  . ARG A 1 94  ? -17.078 -0.200  -13.231 1.00 32.67 ? 104 ARG A NE  1 
ATOM   709  C CZ  . ARG A 1 94  ? -17.637 -1.053  -14.085 1.00 33.42 ? 104 ARG A CZ  1 
ATOM   710  N NH1 . ARG A 1 94  ? -18.949 -1.009  -14.297 1.00 34.67 ? 104 ARG A NH1 1 
ATOM   711  N NH2 . ARG A 1 94  ? -16.890 -1.951  -14.729 1.00 34.07 ? 104 ARG A NH2 1 
ATOM   712  N N   . TYR A 1 95  ? -13.836 3.022   -10.174 1.00 12.23 ? 105 TYR A N   1 
ATOM   713  C CA  . TYR A 1 95  ? -12.591 2.488   -9.622  1.00 11.47 ? 105 TYR A CA  1 
ATOM   714  C C   . TYR A 1 95  ? -12.889 1.226   -8.853  1.00 10.78 ? 105 TYR A C   1 
ATOM   715  O O   . TYR A 1 95  ? -13.685 1.236   -7.869  1.00 11.28 ? 105 TYR A O   1 
ATOM   716  C CB  . TYR A 1 95  ? -11.957 3.503   -8.631  1.00 11.64 ? 105 TYR A CB  1 
ATOM   717  C CG  . TYR A 1 95  ? -11.479 4.774   -9.289  1.00 11.19 ? 105 TYR A CG  1 
ATOM   718  C CD1 . TYR A 1 95  ? -12.357 5.838   -9.480  1.00 11.94 ? 105 TYR A CD1 1 
ATOM   719  C CD2 . TYR A 1 95  ? -10.169 4.894   -9.763  1.00 12.25 ? 105 TYR A CD2 1 
ATOM   720  C CE1 . TYR A 1 95  ? -11.937 6.981   -10.096 1.00 12.41 ? 105 TYR A CE1 1 
ATOM   721  C CE2 . TYR A 1 95  ? -9.736  6.076   -10.385 1.00 13.41 ? 105 TYR A CE2 1 
ATOM   722  C CZ  . TYR A 1 95  ? -10.654 7.094   -10.565 1.00 11.35 ? 105 TYR A CZ  1 
ATOM   723  O OH  . TYR A 1 95  ? -10.311 8.261   -11.201 1.00 13.61 ? 105 TYR A OH  1 
ATOM   724  N N   . THR A 1 96  ? -12.207 0.139   -9.208  1.00 9.54  ? 106 THR A N   1 
ATOM   725  C CA  . THR A 1 96  ? -12.172 -1.045  -8.381  1.00 10.58 ? 106 THR A CA  1 
ATOM   726  C C   . THR A 1 96  ? -10.795 -1.159  -7.763  1.00 9.06  ? 106 THR A C   1 
ATOM   727  O O   . THR A 1 96  ? -9.812  -1.240  -8.516  1.00 10.21 ? 106 THR A O   1 
ATOM   728  C CB  . THR A 1 96  ? -12.522 -2.288  -9.161  1.00 12.06 ? 106 THR A CB  1 
ATOM   729  O OG1 . THR A 1 96  ? -13.925 -2.228  -9.521  1.00 14.81 ? 106 THR A OG1 1 
ATOM   730  C CG2 . THR A 1 96  ? -12.393 -3.541  -8.257  1.00 13.68 ? 106 THR A CG2 1 
ATOM   731  N N   . ILE A 1 97  ? -10.704 -1.112  -6.449  1.00 8.56  ? 107 ILE A N   1 
ATOM   732  C CA  . ILE A 1 97  ? -9.436  -1.334  -5.756  1.00 8.68  ? 107 ILE A CA  1 
ATOM   733  C C   . ILE A 1 97  ? -9.437  -2.789  -5.291  1.00 9.13  ? 107 ILE A C   1 
ATOM   734  O O   . ILE A 1 97  ? -10.240 -3.156  -4.386  1.00 9.47  ? 107 ILE A O   1 
ATOM   735  C CB  . ILE A 1 97  ? -9.286  -0.363  -4.562  1.00 9.38  ? 107 ILE A CB  1 
ATOM   736  C CG1 . ILE A 1 97  ? -9.437  1.090   -5.045  1.00 12.30 ? 107 ILE A CG1 1 
ATOM   737  C CG2 . ILE A 1 97  ? -8.003  -0.655  -3.779  1.00 11.14 ? 107 ILE A CG2 1 
ATOM   738  C CD1 . ILE A 1 97  ? -8.400  1.514   -6.110  1.00 13.14 ? 107 ILE A CD1 1 
ATOM   739  N N   . ALA A 1 98  ? -8.592  -3.628  -5.854  1.00 9.18  ? 108 ALA A N   1 
ATOM   740  C CA  . ALA A 1 98  ? -8.501  -5.031  -5.486  1.00 9.46  ? 108 ALA A CA  1 
ATOM   741  C C   . ALA A 1 98  ? -7.256  -5.225  -4.619  1.00 9.45  ? 108 ALA A C   1 
ATOM   742  O O   . ALA A 1 98  ? -6.207  -4.622  -4.859  1.00 9.55  ? 108 ALA A O   1 
ATOM   743  C CB  . ALA A 1 98  ? -8.450  -5.868  -6.696  1.00 10.85 ? 108 ALA A CB  1 
ATOM   744  N N   . ALA A 1 99  ? -7.359  -6.131  -3.675  1.00 8.99  ? 109 ALA A N   1 
ATOM   745  C CA  . ALA A 1 99  ? -6.204  -6.544  -2.870  1.00 8.72  ? 109 ALA A CA  1 
ATOM   746  C C   . ALA A 1 99  ? -6.176  -8.058  -2.751  1.00 8.28  ? 109 ALA A C   1 
ATOM   747  O O   . ALA A 1 99  ? -7.217  -8.687  -2.578  1.00 9.18  ? 109 ALA A O   1 
ATOM   748  C CB  . ALA A 1 99  ? -6.224  -5.894  -1.459  1.00 9.25  ? 109 ALA A CB  1 
ATOM   749  N N   . LEU A 1 100 ? -5.002  -8.654  -2.844  1.00 7.02  ? 110 LEU A N   1 
ATOM   750  C CA  . LEU A 1 100 ? -4.795  -10.097 -2.750  1.00 7.28  ? 110 LEU A CA  1 
ATOM   751  C C   . LEU A 1 100 ? -3.850  -10.325 -1.595  1.00 7.76  ? 110 LEU A C   1 
ATOM   752  O O   . LEU A 1 100 ? -2.678  -9.882  -1.641  1.00 8.78  ? 110 LEU A O   1 
ATOM   753  C CB  . LEU A 1 100 ? -4.202  -10.552 -4.074  1.00 9.00  ? 110 LEU A CB  1 
ATOM   754  C CG  . LEU A 1 100 ? -3.807  -12.024 -4.133  1.00 9.87  ? 110 LEU A CG  1 
ATOM   755  C CD1 . LEU A 1 100 ? -4.999  -12.961 -4.061  1.00 10.60 ? 110 LEU A CD1 1 
ATOM   756  C CD2 . LEU A 1 100 ? -3.006  -12.285 -5.426  1.00 12.22 ? 110 LEU A CD2 1 
ATOM   757  N N   . LEU A 1 101 ? -4.341  -10.957 -0.562  1.00 7.16  ? 111 LEU A N   1 
ATOM   758  C CA  . LEU A 1 101 ? -3.625  -11.009 0.725   1.00 7.17  ? 111 LEU A CA  1 
ATOM   759  C C   . LEU A 1 101 ? -2.977  -12.331 1.041   1.00 6.94  ? 111 LEU A C   1 
ATOM   760  O O   . LEU A 1 101 ? -3.572  -13.397 0.888   1.00 7.35  ? 111 LEU A O   1 
ATOM   761  C CB  . LEU A 1 101 ? -4.636  -10.780 1.831   1.00 7.04  ? 111 LEU A CB  1 
ATOM   762  C CG  . LEU A 1 101 ? -5.520  -9.521  1.759   1.00 7.89  ? 111 LEU A CG  1 
ATOM   763  C CD1 . LEU A 1 101 ? -6.348  -9.411  3.054   1.00 8.43  ? 111 LEU A CD1 1 
ATOM   764  C CD2 . LEU A 1 101 ? -4.701  -8.250  1.450   1.00 8.19  ? 111 LEU A CD2 1 
ATOM   765  N N   . SER A 1 102 ? -1.736  -12.248 1.529   1.00 7.24  ? 112 SER A N   1 
ATOM   766  C CA  . SER A 1 102 ? -1.012  -13.365 2.136   1.00 7.70  ? 112 SER A CA  1 
ATOM   767  C C   . SER A 1 102 ? -0.437  -12.870 3.450   1.00 7.93  ? 112 SER A C   1 
ATOM   768  O O   . SER A 1 102 ? -0.293  -11.652 3.626   1.00 7.89  ? 112 SER A O   1 
ATOM   769  C CB  . SER A 1 102 ? 0.126   -13.868 1.245   1.00 8.30  ? 112 SER A CB  1 
ATOM   770  O OG  . SER A 1 102 ? -0.349  -14.232 -0.043  1.00 8.26  ? 112 SER A OG  1 
ATOM   771  N N   . PRO A 1 103 ? -0.087  -13.740 4.386   1.00 7.10  ? 113 PRO A N   1 
ATOM   772  C CA  . PRO A 1 103 ? 0.372   -13.244 5.671   1.00 7.12  ? 113 PRO A CA  1 
ATOM   773  C C   . PRO A 1 103 ? 1.572   -12.291 5.612   1.00 6.94  ? 113 PRO A C   1 
ATOM   774  O O   . PRO A 1 103 ? 1.604   -11.342 6.433   1.00 7.04  ? 113 PRO A O   1 
ATOM   775  C CB  . PRO A 1 103 ? 0.689   -14.504 6.441   1.00 7.76  ? 113 PRO A CB  1 
ATOM   776  C CG  . PRO A 1 103 ? -0.376  -15.468 5.938   1.00 7.85  ? 113 PRO A CG  1 
ATOM   777  C CD  . PRO A 1 103 ? -0.404  -15.187 4.412   1.00 7.97  ? 113 PRO A CD  1 
ATOM   778  N N   . TYR A 1 104 ? 2.523   -12.493 4.700   1.00 6.66  ? 114 TYR A N   1 
ATOM   779  C CA  . TYR A 1 104 ? 3.707   -11.637 4.611   1.00 6.99  ? 114 TYR A CA  1 
ATOM   780  C C   . TYR A 1 104 ? 3.818   -10.859 3.319   1.00 6.89  ? 114 TYR A C   1 
ATOM   781  O O   . TYR A 1 104 ? 4.898   -10.373 2.954   1.00 8.53  ? 114 TYR A O   1 
ATOM   782  C CB  . TYR A 1 104 ? 5.000   -12.439 4.893   1.00 7.33  ? 114 TYR A CB  1 
ATOM   783  C CG  . TYR A 1 104 ? 5.309   -12.549 6.370   1.00 8.63  ? 114 TYR A CG  1 
ATOM   784  C CD1 . TYR A 1 104 ? 4.486   -13.269 7.216   1.00 10.26 ? 114 TYR A CD1 1 
ATOM   785  C CD2 . TYR A 1 104 ? 6.446   -11.945 6.931   1.00 8.02  ? 114 TYR A CD2 1 
ATOM   786  C CE1 . TYR A 1 104 ? 4.754   -13.348 8.610   1.00 12.39 ? 114 TYR A CE1 1 
ATOM   787  C CE2 . TYR A 1 104 ? 6.738   -12.027 8.292   1.00 10.33 ? 114 TYR A CE2 1 
ATOM   788  C CZ  . TYR A 1 104 ? 5.881   -12.712 9.110   1.00 12.16 ? 114 TYR A CZ  1 
ATOM   789  O OH  . TYR A 1 104 ? 6.164   -12.793 10.474  1.00 17.39 ? 114 TYR A OH  1 
ATOM   790  N N   . SER A 1 105 ? 2.732   -10.757 2.580   1.00 7.22  ? 115 SER A N   1 
ATOM   791  C CA  . SER A 1 105 ? 2.774   -10.168 1.260   1.00 8.26  ? 115 SER A CA  1 
ATOM   792  C C   . SER A 1 105 ? 1.392   -9.757  0.799   1.00 8.01  ? 115 SER A C   1 
ATOM   793  O O   . SER A 1 105 ? 0.418   -10.425 1.151   1.00 9.52  ? 115 SER A O   1 
ATOM   794  C CB  . SER A 1 105 ? 3.389   -11.156 0.267   1.00 10.52 ? 115 SER A CB  1 
ATOM   795  O OG  . SER A 1 105 ? 3.478   -10.589 -1.017  1.00 11.08 ? 115 SER A OG  1 
ATOM   796  N N   . TYR A 1 106 ? 1.241   -8.659  0.088   1.00 8.27  ? 116 TYR A N   1 
ATOM   797  C CA  . TYR A 1 106 ? -0.039  -8.408  -0.587  1.00 8.37  ? 116 TYR A CA  1 
ATOM   798  C C   . TYR A 1 106 ? 0.215   -7.785  -1.910  1.00 8.79  ? 116 TYR A C   1 
ATOM   799  O O   . TYR A 1 106 ? 1.258   -7.145  -2.145  1.00 7.85  ? 116 TYR A O   1 
ATOM   800  C CB  . TYR A 1 106 ? -1.005  -7.582  0.258   1.00 9.27  ? 116 TYR A CB  1 
ATOM   801  C CG  . TYR A 1 106 ? -0.536  -6.198  0.572   1.00 10.47 ? 116 TYR A CG  1 
ATOM   802  C CD1 . TYR A 1 106 ? -0.758  -5.124  -0.290  1.00 9.95  ? 116 TYR A CD1 1 
ATOM   803  C CD2 . TYR A 1 106 ? 0.133   -5.958  1.760   1.00 11.68 ? 116 TYR A CD2 1 
ATOM   804  C CE1 . TYR A 1 106 ? -0.284  -3.819  0.073   1.00 12.12 ? 116 TYR A CE1 1 
ATOM   805  C CE2 . TYR A 1 106 ? 0.573   -4.725  2.099   1.00 13.25 ? 116 TYR A CE2 1 
ATOM   806  C CZ  . TYR A 1 106 ? 0.379   -3.696  1.285   1.00 11.43 ? 116 TYR A CZ  1 
ATOM   807  O OH  . TYR A 1 106 ? 0.839   -2.461  1.682   1.00 16.40 ? 116 TYR A OH  1 
ATOM   808  N N   . SER A 1 107 ? -0.756  -7.896  -2.798  1.00 8.58  ? 117 SER A N   1 
ATOM   809  C CA  . SER A 1 107 ? -0.741  -7.179  -4.065  1.00 10.24 ? 117 SER A CA  1 
ATOM   810  C C   . SER A 1 107 ? -1.991  -6.332  -4.115  1.00 9.39  ? 117 SER A C   1 
ATOM   811  O O   . SER A 1 107 ? -3.018  -6.689  -3.507  1.00 9.96  ? 117 SER A O   1 
ATOM   812  C CB  . SER A 1 107 ? -0.666  -8.175  -5.207  1.00 11.58 ? 117 SER A CB  1 
ATOM   813  O OG  . SER A 1 107 ? -0.815  -7.644  -6.512  1.00 16.14 ? 117 SER A OG  1 
ATOM   814  N N   . THR A 1 108 ? -1.938  -5.209  -4.775  1.00 8.47  ? 118 THR A N   1 
ATOM   815  C CA  . THR A 1 108 ? -3.114  -4.395  -4.994  1.00 9.43  ? 118 THR A CA  1 
ATOM   816  C C   . THR A 1 108 ? -3.133  -3.904  -6.416  1.00 9.05  ? 118 THR A C   1 
ATOM   817  O O   . THR A 1 108 ? -2.089  -3.547  -6.990  1.00 8.74  ? 118 THR A O   1 
ATOM   818  C CB  . THR A 1 108 ? -3.177  -3.263  -3.958  1.00 10.53 ? 118 THR A CB  1 
ATOM   819  O OG1 . THR A 1 108 ? -4.428  -2.576  -4.110  1.00 10.86 ? 118 THR A OG1 1 
ATOM   820  C CG2 . THR A 1 108 ? -2.065  -2.235  -4.174  1.00 9.73  ? 118 THR A CG2 1 
ATOM   821  N N   . THR A 1 109 ? -4.309  -3.870  -7.006  1.00 9.70  ? 119 THR A N   1 
ATOM   822  C CA  . THR A 1 109 ? -4.482  -3.553  -8.387  1.00 9.92  ? 119 THR A CA  1 
ATOM   823  C C   . THR A 1 109 ? -5.654  -2.574  -8.488  1.00 9.72  ? 119 THR A C   1 
ATOM   824  O O   . THR A 1 109 ? -6.646  -2.692  -7.754  1.00 12.60 ? 119 THR A O   1 
ATOM   825  C CB  . THR A 1 109 ? -4.794  -4.805  -9.171  1.00 11.46 ? 119 THR A CB  1 
ATOM   826  O OG1 . THR A 1 109 ? -3.665  -5.676  -9.080  1.00 13.16 ? 119 THR A OG1 1 
ATOM   827  C CG2 . THR A 1 109 ? -4.940  -4.513  -10.691 1.00 12.07 ? 119 THR A CG2 1 
ATOM   828  N N   . ALA A 1 110 ? -5.545  -1.603  -9.352  1.00 9.15  ? 120 ALA A N   1 
ATOM   829  C CA  . ALA A 1 110 ? -6.682  -0.726  -9.701  1.00 9.03  ? 120 ALA A CA  1 
ATOM   830  C C   . ALA A 1 110 ? -7.190  -1.022  -11.084 1.00 9.25  ? 120 ALA A C   1 
ATOM   831  O O   . ALA A 1 110 ? -6.421  -1.069  -12.044 1.00 9.64  ? 120 ALA A O   1 
ATOM   832  C CB  . ALA A 1 110 ? -6.287  0.713   -9.594  1.00 10.56 ? 120 ALA A CB  1 
ATOM   833  N N   . VAL A 1 111 ? -8.492  -1.244  -11.192 1.00 9.86  ? 121 VAL A N   1 
ATOM   834  C CA  . VAL A 1 111 ? -9.193  -1.419  -12.461 1.00 10.16 ? 121 VAL A CA  1 
ATOM   835  C C   . VAL A 1 111 ? -10.091 -0.173  -12.599 1.00 9.33  ? 121 VAL A C   1 
ATOM   836  O O   . VAL A 1 111 ? -11.020 0.039   -11.783 1.00 10.27 ? 121 VAL A O   1 
ATOM   837  C CB  . VAL A 1 111 ? -10.035 -2.724  -12.515 1.00 11.42 ? 121 VAL A CB  1 
ATOM   838  C CG1 . VAL A 1 111 ? -10.625 -2.891  -13.896 1.00 13.34 ? 121 VAL A CG1 1 
ATOM   839  C CG2 . VAL A 1 111 ? -9.179  -3.976  -12.143 1.00 12.83 ? 121 VAL A CG2 1 
ATOM   840  N N   . VAL A 1 112 ? -9.741  0.655   -13.566 1.00 9.42  ? 122 VAL A N   1 
ATOM   841  C CA  . VAL A 1 112 ? -10.415 1.959   -13.759 1.00 10.43 ? 122 VAL A CA  1 
ATOM   842  C C   . VAL A 1 112 ? -11.136 1.904   -15.108 1.00 11.58 ? 122 VAL A C   1 
ATOM   843  O O   . VAL A 1 112 ? -10.515 1.614   -16.136 1.00 11.81 ? 122 VAL A O   1 
ATOM   844  C CB  . VAL A 1 112 ? -9.412  3.093   -13.704 1.00 10.49 ? 122 VAL A CB  1 
ATOM   845  C CG1 . VAL A 1 112 ? -10.162 4.461   -13.798 1.00 12.02 ? 122 VAL A CG1 1 
ATOM   846  C CG2 . VAL A 1 112 ? -8.625  2.993   -12.413 1.00 11.60 ? 122 VAL A CG2 1 
ATOM   847  N N   . THR A 1 113 ? -12.450 2.188   -15.087 1.00 13.46 ? 123 THR A N   1 
ATOM   848  C CA  . THR A 1 113 ? -13.238 2.139   -16.315 1.00 17.02 ? 123 THR A CA  1 
ATOM   849  C C   . THR A 1 113 ? -14.069 3.413   -16.441 1.00 18.58 ? 123 THR A C   1 
ATOM   850  O O   . THR A 1 113 ? -14.214 4.217   -15.498 1.00 17.98 ? 123 THR A O   1 
ATOM   851  C CB  . THR A 1 113 ? -14.136 0.894   -16.305 1.00 19.28 ? 123 THR A CB  1 
ATOM   852  O OG1 . THR A 1 113 ? -14.969 0.912   -15.126 1.00 21.20 ? 123 THR A OG1 1 
ATOM   853  C CG2 . THR A 1 113 ? -13.292 -0.404  -16.220 1.00 20.47 ? 123 THR A CG2 1 
ATOM   854  N N   . PRO B 1 1   ? 19.693  -3.528  9.673   1.00 19.08 ? 11  PRO B N   1 
ATOM   855  C CA  . PRO B 1 1   ? 18.639  -4.556  9.682   1.00 17.38 ? 11  PRO B CA  1 
ATOM   856  C C   . PRO B 1 1   ? 17.431  -4.272  8.771   1.00 16.31 ? 11  PRO B C   1 
ATOM   857  O O   . PRO B 1 1   ? 16.523  -5.087  8.790   1.00 16.19 ? 11  PRO B O   1 
ATOM   858  C CB  . PRO B 1 1   ? 18.184  -4.555  11.142  1.00 19.02 ? 11  PRO B CB  1 
ATOM   859  C CG  . PRO B 1 1   ? 18.350  -3.074  11.564  1.00 20.22 ? 11  PRO B CG  1 
ATOM   860  C CD  . PRO B 1 1   ? 19.650  -2.704  10.910  1.00 19.20 ? 11  PRO B CD  1 
ATOM   861  N N   . LEU B 1 2   ? 17.401  -3.160  8.054   1.00 14.16 ? 12  LEU B N   1 
ATOM   862  C CA  . LEU B 1 2   ? 16.270  -2.828  7.145   1.00 14.33 ? 12  LEU B CA  1 
ATOM   863  C C   . LEU B 1 2   ? 16.788  -2.492  5.766   1.00 14.64 ? 12  LEU B C   1 
ATOM   864  O O   . LEU B 1 2   ? 17.661  -1.638  5.629   1.00 16.06 ? 12  LEU B O   1 
ATOM   865  C CB  . LEU B 1 2   ? 15.437  -1.670  7.716   1.00 15.59 ? 12  LEU B CB  1 
ATOM   866  C CG  . LEU B 1 2   ? 14.289  -1.139  6.879   1.00 15.97 ? 12  LEU B CG  1 
ATOM   867  C CD1 . LEU B 1 2   ? 13.211  -2.230  6.855   1.00 16.82 ? 12  LEU B CD1 1 
ATOM   868  C CD2 . LEU B 1 2   ? 13.756  0.134   7.569   1.00 18.37 ? 12  LEU B CD2 1 
ATOM   869  N N   . MET B 1 3   ? 16.266  -3.178  4.750   1.00 13.30 ? 13  MET B N   1 
ATOM   870  C CA  . MET B 1 3   ? 16.704  -3.019  3.385   1.00 13.69 ? 13  MET B CA  1 
ATOM   871  C C   . MET B 1 3   ? 15.433  -2.957  2.536   1.00 12.35 ? 13  MET B C   1 
ATOM   872  O O   . MET B 1 3   ? 14.430  -3.583  2.913   1.00 12.82 ? 13  MET B O   1 
ATOM   873  C CB  . MET B 1 3   ? 17.540  -4.230  2.971   1.00 18.07 ? 13  MET B CB  1 
ATOM   874  C CG  . MET B 1 3   ? 18.166  -4.168  1.633   1.00 22.96 ? 13  MET B CG  1 
ATOM   875  S SD  . MET B 1 3   ? 18.865  -5.750  1.393   1.00 31.53 ? 13  MET B SD  1 
ATOM   876  C CE  . MET B 1 3   ? 17.961  -6.287  -0.024  1.00 26.95 ? 13  MET B CE  1 
ATOM   877  N N   . VAL B 1 4   ? 15.456  -2.191  1.467   1.00 10.24 ? 14  VAL B N   1 
ATOM   878  C CA  . VAL B 1 4   ? 14.300  -2.124  0.557   1.00 10.29 ? 14  VAL B CA  1 
ATOM   879  C C   . VAL B 1 4   ? 14.775  -2.514  -0.842  1.00 11.04 ? 14  VAL B C   1 
ATOM   880  O O   . VAL B 1 4   ? 15.865  -2.096  -1.302  1.00 12.75 ? 14  VAL B O   1 
ATOM   881  C CB  . VAL B 1 4   ? 13.733  -0.725  0.526   1.00 9.65  ? 14  VAL B CB  1 
ATOM   882  C CG1 . VAL B 1 4   ? 12.591  -0.648  -0.525  1.00 11.73 ? 14  VAL B CG1 1 
ATOM   883  C CG2 . VAL B 1 4   ? 13.220  -0.333  1.888   1.00 11.14 ? 14  VAL B CG2 1 
ATOM   884  N N   . LYS B 1 5   ? 14.016  -3.350  -1.539  1.00 10.23 ? 15  LYS B N   1 
ATOM   885  C CA  . LYS B 1 5   ? 14.377  -3.823  -2.880  1.00 10.10 ? 15  LYS B CA  1 
ATOM   886  C C   . LYS B 1 5   ? 13.213  -3.602  -3.801  1.00 10.65 ? 15  LYS B C   1 
ATOM   887  O O   . LYS B 1 5   ? 12.098  -3.959  -3.423  1.00 11.65 ? 15  LYS B O   1 
ATOM   888  C CB  . LYS B 1 5   ? 14.712  -5.313  -2.855  1.00 13.98 ? 15  LYS B CB  1 
ATOM   889  C CG  . LYS B 1 5   ? 15.184  -5.845  -4.189  1.00 17.71 ? 15  LYS B CG  1 
ATOM   890  C CD  . LYS B 1 5   ? 15.463  -7.348  -4.150  1.00 21.66 ? 15  LYS B CD  1 
ATOM   891  C CE  . LYS B 1 5   ? 15.314  -7.965  -5.549  1.00 22.72 ? 15  LYS B CE  1 
ATOM   892  N NZ  . LYS B 1 5   ? 16.159  -7.261  -6.533  1.00 25.71 ? 15  LYS B NZ  1 
ATOM   893  N N   . VAL B 1 6   ? 13.417  -3.010  -4.948  1.00 8.27  ? 16  VAL B N   1 
ATOM   894  C CA  . VAL B 1 6   ? 12.291  -2.658  -5.833  1.00 9.14  ? 16  VAL B CA  1 
ATOM   895  C C   . VAL B 1 6   ? 12.564  -3.143  -7.253  1.00 8.43  ? 16  VAL B C   1 
ATOM   896  O O   . VAL B 1 6   ? 13.680  -2.933  -7.772  1.00 9.96  ? 16  VAL B O   1 
ATOM   897  C CB  . VAL B 1 6   ? 12.039  -1.136  -5.829  1.00 8.50  ? 16  VAL B CB  1 
ATOM   898  C CG1 . VAL B 1 6   ? 10.766  -0.791  -6.617  1.00 9.53  ? 16  VAL B CG1 1 
ATOM   899  C CG2 . VAL B 1 6   ? 11.992  -0.546  -4.411  1.00 10.58 ? 16  VAL B CG2 1 
ATOM   900  N N   . LEU B 1 7   ? 11.612  -3.837  -7.848  1.00 8.52  ? 17  LEU B N   1 
ATOM   901  C CA  . LEU B 1 7   ? 11.675  -4.326  -9.228  1.00 8.15  ? 17  LEU B CA  1 
ATOM   902  C C   . LEU B 1 7   ? 10.593  -3.686  -10.089 1.00 8.59  ? 17  LEU B C   1 
ATOM   903  O O   . LEU B 1 7   ? 9.538   -3.317  -9.589  1.00 8.69  ? 17  LEU B O   1 
ATOM   904  C CB  . LEU B 1 7   ? 11.476  -5.836  -9.252  1.00 9.67  ? 17  LEU B CB  1 
ATOM   905  C CG  . LEU B 1 7   ? 12.531  -6.722  -8.588  1.00 11.50 ? 17  LEU B CG  1 
ATOM   906  C CD1 . LEU B 1 7   ? 12.103  -8.142  -8.721  1.00 12.59 ? 17  LEU B CD1 1 
ATOM   907  C CD2 . LEU B 1 7   ? 13.879  -6.519  -9.205  1.00 12.99 ? 17  LEU B CD2 1 
ATOM   908  N N   . ASP B 1 8   ? 10.885  -3.549  -11.371 1.00 8.12  ? 18  ASP B N   1 
ATOM   909  C CA  . ASP B 1 8   ? 10.021  -2.943  -12.368 1.00 7.98  ? 18  ASP B CA  1 
ATOM   910  C C   . ASP B 1 8   ? 9.515   -4.080  -13.256 1.00 7.52  ? 18  ASP B C   1 
ATOM   911  O O   . ASP B 1 8   ? 10.303  -4.761  -13.960 1.00 8.50  ? 18  ASP B O   1 
ATOM   912  C CB  . ASP B 1 8   ? 10.883  -1.938  -13.168 1.00 7.86  ? 18  ASP B CB  1 
ATOM   913  C CG  . ASP B 1 8   ? 10.177  -1.312  -14.310 1.00 8.39  ? 18  ASP B CG  1 
ATOM   914  O OD1 . ASP B 1 8   ? 9.225   -1.904  -14.880 1.00 8.30  ? 18  ASP B OD1 1 
ATOM   915  O OD2 . ASP B 1 8   ? 10.548  -0.183  -14.735 1.00 11.85 ? 18  ASP B OD2 1 
ATOM   916  N N   . ALA B 1 9   ? 8.212   -4.361  -13.138 1.00 7.73  ? 19  ALA B N   1 
ATOM   917  C CA  . ALA B 1 9   ? 7.552   -5.449  -13.854 1.00 8.36  ? 19  ALA B CA  1 
ATOM   918  C C   . ALA B 1 9   ? 7.305   -5.171  -15.324 1.00 8.11  ? 19  ALA B C   1 
ATOM   919  O O   . ALA B 1 9   ? 6.974   -6.104  -16.075 1.00 9.62  ? 19  ALA B O   1 
ATOM   920  C CB  . ALA B 1 9   ? 6.229   -5.739  -13.174 1.00 9.15  ? 19  ALA B CB  1 
ATOM   921  N N   . VAL B 1 10  ? 7.419   -3.923  -15.749 1.00 9.35  ? 20  VAL B N   1 
ATOM   922  C CA  . VAL B 1 10  ? 7.250   -3.532  -17.137 1.00 10.64 ? 20  VAL B CA  1 
ATOM   923  C C   . VAL B 1 10  ? 8.551   -3.789  -17.911 1.00 10.65 ? 20  VAL B C   1 
ATOM   924  O O   . VAL B 1 10  ? 8.525   -4.352  -18.994 1.00 11.88 ? 20  VAL B O   1 
ATOM   925  C CB  . VAL B 1 10  ? 6.819   -2.065  -17.226 1.00 10.14 ? 20  VAL B CB  1 
ATOM   926  C CG1 . VAL B 1 10  ? 6.817   -1.597  -18.630 1.00 11.40 ? 20  VAL B CG1 1 
ATOM   927  C CG2 . VAL B 1 10  ? 5.416   -1.858  -16.669 1.00 11.54 ? 20  VAL B CG2 1 
ATOM   928  N N   . ARG B 1 11  ? 9.676   -3.374  -17.352 1.00 9.55  ? 21  ARG B N   1 
ATOM   929  C CA  . ARG B 1 11  ? 10.964  -3.493  -18.040 1.00 11.27 ? 21  ARG B CA  1 
ATOM   930  C C   . ARG B 1 11  ? 11.694  -4.762  -17.704 1.00 10.21 ? 21  ARG B C   1 
ATOM   931  O O   . ARG B 1 11  ? 12.666  -5.117  -18.388 1.00 10.11 ? 21  ARG B O   1 
ATOM   932  C CB  . ARG B 1 11  ? 11.810  -2.265  -17.699 1.00 13.67 ? 21  ARG B CB  1 
ATOM   933  C CG  . ARG B 1 11  ? 11.258  -0.951  -18.285 1.00 18.39 ? 21  ARG B CG  1 
ATOM   934  C CD  . ARG B 1 11  ? 12.260  0.203   -18.272 1.00 24.43 ? 21  ARG B CD  1 
ATOM   935  N NE  . ARG B 1 11  ? 12.613  0.605   -16.911 1.00 27.94 ? 21  ARG B NE  1 
ATOM   936  C CZ  . ARG B 1 11  ? 13.680  1.345   -16.560 1.00 29.32 ? 21  ARG B CZ  1 
ATOM   937  N NH1 . ARG B 1 11  ? 13.883  1.643   -15.284 1.00 30.24 ? 21  ARG B NH1 1 
ATOM   938  N NH2 . ARG B 1 11  ? 14.546  1.790   -17.472 1.00 31.56 ? 21  ARG B NH2 1 
ATOM   939  N N   . GLY B 1 12  ? 11.295  -5.444  -16.650 1.00 8.96  ? 22  GLY B N   1 
ATOM   940  C CA  . GLY B 1 12  ? 12.026  -6.624  -16.169 1.00 8.65  ? 22  GLY B CA  1 
ATOM   941  C C   . GLY B 1 12  ? 13.388  -6.263  -15.637 1.00 9.18  ? 22  GLY B C   1 
ATOM   942  O O   . GLY B 1 12  ? 14.412  -6.820  -16.075 1.00 9.47  ? 22  GLY B O   1 
ATOM   943  N N   . SER B 1 13  ? 13.442  -5.341  -14.701 1.00 9.46  ? 23  SER B N   1 
ATOM   944  C CA  . SER B 1 13  ? 14.730  -4.796  -14.281 1.00 10.46 ? 23  SER B CA  1 
ATOM   945  C C   . SER B 1 13  ? 14.594  -4.350  -12.857 1.00 10.11 ? 23  SER B C   1 
ATOM   946  O O   . SER B 1 13  ? 13.464  -4.140  -12.388 1.00 10.06 ? 23  SER B O   1 
ATOM   947  C CB  . SER B 1 13  ? 15.034  -3.581  -15.148 1.00 14.71 ? 23  SER B CB  1 
ATOM   948  O OG  . SER B 1 13  ? 14.175  -2.484  -14.854 1.00 20.38 ? 23  SER B OG  1 
ATOM   949  N N   . PRO B 1 14  ? 15.707  -4.104  -12.168 1.00 10.65 ? 24  PRO B N   1 
ATOM   950  C CA  . PRO B 1 14  ? 15.640  -3.340  -10.915 1.00 10.48 ? 24  PRO B CA  1 
ATOM   951  C C   . PRO B 1 14  ? 14.995  -2.007  -11.163 1.00 11.35 ? 24  PRO B C   1 
ATOM   952  O O   . PRO B 1 14  ? 15.158  -1.466  -12.250 1.00 11.58 ? 24  PRO B O   1 
ATOM   953  C CB  . PRO B 1 14  ? 17.115  -3.111  -10.553 1.00 11.91 ? 24  PRO B CB  1 
ATOM   954  C CG  . PRO B 1 14  ? 17.876  -3.414  -11.791 1.00 13.60 ? 24  PRO B CG  1 
ATOM   955  C CD  . PRO B 1 14  ? 17.099  -4.451  -12.563 1.00 10.75 ? 24  PRO B CD  1 
ATOM   956  N N   . ALA B 1 15  ? 14.258  -1.460  -10.189 1.00 9.73  ? 25  ALA B N   1 
ATOM   957  C CA  . ALA B 1 15  ? 13.766  -0.104  -10.303 1.00 10.58 ? 25  ALA B CA  1 
ATOM   958  C C   . ALA B 1 15  ? 14.800  0.813   -9.666  1.00 9.80  ? 25  ALA B C   1 
ATOM   959  O O   . ALA B 1 15  ? 15.014  0.776   -8.439  1.00 10.36 ? 25  ALA B O   1 
ATOM   960  C CB  . ALA B 1 15  ? 12.387  0.010   -9.629  1.00 9.73  ? 25  ALA B CB  1 
ATOM   961  N N   . ILE B 1 16  ? 15.484  1.568   -10.516 1.00 10.99 ? 26  ILE B N   1 
ATOM   962  C CA  . ILE B 1 16  ? 16.646  2.369   -10.096 1.00 12.41 ? 26  ILE B CA  1 
ATOM   963  C C   . ILE B 1 16  ? 16.233  3.802   -9.764  1.00 12.76 ? 26  ILE B C   1 
ATOM   964  O O   . ILE B 1 16  ? 15.335  4.370   -10.394 1.00 12.06 ? 26  ILE B O   1 
ATOM   965  C CB  . ILE B 1 16  ? 17.730  2.344   -11.233 1.00 13.90 ? 26  ILE B CB  1 
ATOM   966  C CG1 . ILE B 1 16  ? 18.067  0.912   -11.596 1.00 15.20 ? 26  ILE B CG1 1 
ATOM   967  C CG2 . ILE B 1 16  ? 18.974  3.198   -10.871 1.00 15.17 ? 26  ILE B CG2 1 
ATOM   968  C CD1 . ILE B 1 16  ? 18.786  0.779   -12.948 1.00 18.38 ? 26  ILE B CD1 1 
ATOM   969  N N   . ASN B 1 17  ? 16.896  4.366   -8.734  1.00 12.48 ? 27  ASN B N   1 
ATOM   970  C CA  . ASN B 1 17  ? 16.661  5.767   -8.349  1.00 14.71 ? 27  ASN B CA  1 
ATOM   971  C C   . ASN B 1 17  ? 15.227  6.037   -7.869  1.00 13.37 ? 27  ASN B C   1 
ATOM   972  O O   . ASN B 1 17  ? 14.685  7.146   -8.035  1.00 15.27 ? 27  ASN B O   1 
ATOM   973  C CB  . ASN B 1 17  ? 16.977  6.717   -9.514  1.00 17.14 ? 27  ASN B CB  1 
ATOM   974  C CG  . ASN B 1 17  ? 18.455  6.866   -9.732  1.00 20.98 ? 27  ASN B CG  1 
ATOM   975  O OD1 . ASN B 1 17  ? 19.206  7.034   -8.760  1.00 25.48 ? 27  ASN B OD1 1 
ATOM   976  N ND2 . ASN B 1 17  ? 18.899  6.789   -11.013 1.00 22.45 ? 27  ASN B ND2 1 
ATOM   977  N N   . VAL B 1 18  ? 14.628  5.033   -7.245  1.00 12.10 ? 28  VAL B N   1 
ATOM   978  C CA  . VAL B 1 18  ? 13.332  5.218   -6.614  1.00 11.56 ? 28  VAL B CA  1 
ATOM   979  C C   . VAL B 1 18  ? 13.554  5.809   -5.230  1.00 11.13 ? 28  VAL B C   1 
ATOM   980  O O   . VAL B 1 18  ? 14.321  5.278   -4.436  1.00 10.26 ? 28  VAL B O   1 
ATOM   981  C CB  . VAL B 1 18  ? 12.580  3.879   -6.488  1.00 11.89 ? 28  VAL B CB  1 
ATOM   982  C CG1 . VAL B 1 18  ? 11.278  4.041   -5.784  1.00 11.67 ? 28  VAL B CG1 1 
ATOM   983  C CG2 . VAL B 1 18  ? 12.400  3.224   -7.855  1.00 13.25 ? 28  VAL B CG2 1 
ATOM   984  N N   . ALA B 1 19  ? 12.874  6.923   -4.945  1.00 10.10 ? 29  ALA B N   1 
ATOM   985  C CA  . ALA B 1 19  ? 12.959  7.496   -3.620  1.00 10.50 ? 29  ALA B CA  1 
ATOM   986  C C   . ALA B 1 19  ? 12.151  6.698   -2.618  1.00 10.28 ? 29  ALA B C   1 
ATOM   987  O O   . ALA B 1 19  ? 11.008  6.205   -2.917  1.00 11.31 ? 29  ALA B O   1 
ATOM   988  C CB  . ALA B 1 19  ? 12.482  8.925   -3.642  1.00 10.14 ? 29  ALA B CB  1 
ATOM   989  N N   . VAL B 1 20  ? 12.737  6.490   -1.446  1.00 9.85  ? 30  VAL B N   1 
ATOM   990  C CA  . VAL B 1 20  ? 12.113  5.733   -0.364  1.00 10.79 ? 30  VAL B CA  1 
ATOM   991  C C   . VAL B 1 20  ? 12.230  6.551   0.906   1.00 10.34 ? 30  VAL B C   1 
ATOM   992  O O   . VAL B 1 20  ? 13.346  7.004   1.247   1.00 12.09 ? 30  VAL B O   1 
ATOM   993  C CB  . VAL B 1 20  ? 12.810  4.407   -0.184  1.00 9.78  ? 30  VAL B CB  1 
ATOM   994  C CG1 . VAL B 1 20  ? 12.231  3.613   0.962   1.00 11.18 ? 30  VAL B CG1 1 
ATOM   995  C CG2 . VAL B 1 20  ? 12.784  3.605   -1.483  1.00 12.05 ? 30  VAL B CG2 1 
ATOM   996  N N   . HIS B 1 21  ? 11.135  6.707   1.631   1.00 11.26 ? 31  HIS B N   1 
ATOM   997  C CA  . HIS B 1 21  ? 11.140  7.408   2.917   1.00 12.40 ? 31  HIS B CA  1 
ATOM   998  C C   . HIS B 1 21  ? 10.630  6.489   3.986   1.00 12.33 ? 31  HIS B C   1 
ATOM   999  O O   . HIS B 1 21  ? 9.592   5.814   3.800   1.00 12.97 ? 31  HIS B O   1 
ATOM   1000 C CB  . HIS B 1 21  ? 10.247  8.654   2.872   1.00 13.57 ? 31  HIS B CB  1 
ATOM   1001 C CG  . HIS B 1 21  ? 10.778  9.759   2.000   1.00 15.72 ? 31  HIS B CG  1 
ATOM   1002 N ND1 . HIS B 1 21  ? 10.673  9.743   0.626   1.00 19.58 ? 31  HIS B ND1 1 
ATOM   1003 C CD2 . HIS B 1 21  ? 11.439  10.898  2.314   1.00 18.24 ? 31  HIS B CD2 1 
ATOM   1004 C CE1 . HIS B 1 21  ? 11.265  10.815  0.125   1.00 18.17 ? 31  HIS B CE1 1 
ATOM   1005 N NE2 . HIS B 1 21  ? 11.733  11.533  1.125   1.00 19.58 ? 31  HIS B NE2 1 
ATOM   1006 N N   . VAL B 1 22  ? 11.313  6.429   5.120   1.00 11.74 ? 32  VAL B N   1 
ATOM   1007 C CA  . VAL B 1 22  ? 10.920  5.603   6.254   1.00 11.85 ? 32  VAL B CA  1 
ATOM   1008 C C   . VAL B 1 22  ? 10.514  6.507   7.402   1.00 11.38 ? 32  VAL B C   1 
ATOM   1009 O O   . VAL B 1 22  ? 11.162  7.535   7.641   1.00 11.96 ? 32  VAL B O   1 
ATOM   1010 C CB  . VAL B 1 22  ? 12.067  4.673   6.698   1.00 11.99 ? 32  VAL B CB  1 
ATOM   1011 C CG1 . VAL B 1 22  ? 11.593  3.688   7.767   1.00 13.01 ? 32  VAL B CG1 1 
ATOM   1012 C CG2 . VAL B 1 22  ? 12.632  3.896   5.516   1.00 12.89 ? 32  VAL B CG2 1 
ATOM   1013 N N   . PHE B 1 23  ? 9.453   6.162   8.088   1.00 11.71 ? 33  PHE B N   1 
ATOM   1014 C CA  . PHE B 1 23  ? 8.917   6.938   9.195   1.00 11.62 ? 33  PHE B CA  1 
ATOM   1015 C C   . PHE B 1 23  ? 8.726   5.992   10.356  1.00 12.51 ? 33  PHE B C   1 
ATOM   1016 O O   . PHE B 1 23  ? 8.505   4.777   10.166  1.00 12.57 ? 33  PHE B O   1 
ATOM   1017 C CB  . PHE B 1 23  ? 7.555   7.557   8.822   1.00 13.08 ? 33  PHE B CB  1 
ATOM   1018 C CG  . PHE B 1 23  ? 7.584   8.395   7.581   1.00 14.53 ? 33  PHE B CG  1 
ATOM   1019 C CD1 . PHE B 1 23  ? 7.431   7.816   6.311   1.00 15.05 ? 33  PHE B CD1 1 
ATOM   1020 C CD2 . PHE B 1 23  ? 7.775   9.780   7.664   1.00 16.28 ? 33  PHE B CD2 1 
ATOM   1021 C CE1 . PHE B 1 23  ? 7.466   8.603   5.166   1.00 16.31 ? 33  PHE B CE1 1 
ATOM   1022 C CE2 . PHE B 1 23  ? 7.806   10.567  6.522   1.00 17.17 ? 33  PHE B CE2 1 
ATOM   1023 C CZ  . PHE B 1 23  ? 7.658   9.991   5.262   1.00 15.77 ? 33  PHE B CZ  1 
ATOM   1024 N N   . ARG B 1 24  ? 8.710   6.527   11.571  1.00 13.73 ? 34  ARG B N   1 
ATOM   1025 C CA  . ARG B 1 24  ? 8.364   5.737   12.732  1.00 14.21 ? 34  ARG B CA  1 
ATOM   1026 C C   . ARG B 1 24  ? 7.167   6.401   13.377  1.00 14.45 ? 34  ARG B C   1 
ATOM   1027 O O   . ARG B 1 24  ? 7.109   7.643   13.454  1.00 15.68 ? 34  ARG B O   1 
ATOM   1028 C CB  . ARG B 1 24  ? 9.541   5.662   13.710  1.00 17.27 ? 34  ARG B CB  1 
ATOM   1029 C CG  . ARG B 1 24  ? 9.337   4.680   14.871  1.00 19.93 ? 34  ARG B CG  1 
ATOM   1030 C CD  . ARG B 1 24  ? 10.545  4.608   15.833  1.00 23.34 ? 34  ARG B CD  1 
ATOM   1031 N NE  . ARG B 1 24  ? 10.369  3.587   16.883  1.00 26.74 ? 34  ARG B NE  1 
ATOM   1032 C CZ  . ARG B 1 24  ? 9.636   3.756   17.985  1.00 27.15 ? 34  ARG B CZ  1 
ATOM   1033 N NH1 . ARG B 1 24  ? 8.985   4.897   18.204  1.00 29.55 ? 34  ARG B NH1 1 
ATOM   1034 N NH2 . ARG B 1 24  ? 9.550   2.784   18.883  1.00 28.40 ? 34  ARG B NH2 1 
ATOM   1035 N N   . LYS B 1 25  ? 6.213   5.616   13.849  1.00 14.09 ? 35  LYS B N   1 
ATOM   1036 C CA  . LYS B 1 25  ? 5.003   6.201   14.448  1.00 15.68 ? 35  LYS B CA  1 
ATOM   1037 C C   . LYS B 1 25  ? 5.287   6.726   15.862  1.00 15.52 ? 35  LYS B C   1 
ATOM   1038 O O   . LYS B 1 25  ? 5.811   5.980   16.703  1.00 16.71 ? 35  LYS B O   1 
ATOM   1039 C CB  . LYS B 1 25  ? 3.880   5.166   14.512  1.00 16.18 ? 35  LYS B CB  1 
ATOM   1040 C CG  . LYS B 1 25  ? 2.513   5.770   14.706  1.00 18.96 ? 35  LYS B CG  1 
ATOM   1041 C CD  . LYS B 1 25  ? 1.466   4.705   14.448  1.00 20.51 ? 35  LYS B CD  1 
ATOM   1042 C CE  . LYS B 1 25  ? 0.107   5.315   14.222  1.00 23.51 ? 35  LYS B CE  1 
ATOM   1043 N NZ  . LYS B 1 25  ? -0.918  4.247   14.080  1.00 24.85 ? 35  LYS B NZ  1 
ATOM   1044 N N   . ALA B 1 26  ? 4.972   8.003   16.100  1.00 17.27 ? 36  ALA B N   1 
ATOM   1045 C CA  . ALA B 1 26  ? 5.178   8.631   17.416  1.00 19.05 ? 36  ALA B CA  1 
ATOM   1046 C C   . ALA B 1 26  ? 4.056   8.305   18.413  1.00 19.88 ? 36  ALA B C   1 
ATOM   1047 O O   . ALA B 1 26  ? 3.016   7.777   18.030  1.00 20.07 ? 36  ALA B O   1 
ATOM   1048 C CB  . ALA B 1 26  ? 5.316   10.139  17.232  1.00 19.15 ? 36  ALA B CB  1 
ATOM   1049 N N   . ALA B 1 27  ? 4.261   8.651   19.693  1.00 21.55 ? 37  ALA B N   1 
ATOM   1050 C CA  . ALA B 1 27  ? 3.254   8.402   20.739  1.00 23.74 ? 37  ALA B CA  1 
ATOM   1051 C C   . ALA B 1 27  ? 1.910   9.112   20.462  1.00 24.40 ? 37  ALA B C   1 
ATOM   1052 O O   . ALA B 1 27  ? 0.847   8.599   20.826  1.00 26.31 ? 37  ALA B O   1 
ATOM   1053 C CB  . ALA B 1 27  ? 3.798   8.801   22.103  1.00 24.05 ? 37  ALA B CB  1 
ATOM   1054 N N   . ASP B 1 28  ? 1.959   10.249  19.777  1.00 24.54 ? 38  ASP B N   1 
ATOM   1055 C CA  . ASP B 1 28  ? 0.739   10.970  19.414  1.00 26.15 ? 38  ASP B CA  1 
ATOM   1056 C C   . ASP B 1 28  ? 0.143   10.556  18.059  1.00 26.30 ? 38  ASP B C   1 
ATOM   1057 O O   . ASP B 1 28  ? -0.698  11.281  17.493  1.00 26.22 ? 38  ASP B O   1 
ATOM   1058 C CB  . ASP B 1 28  ? 0.990   12.481  19.433  1.00 27.68 ? 38  ASP B CB  1 
ATOM   1059 C CG  . ASP B 1 28  ? 2.052   12.912  18.439  1.00 29.59 ? 38  ASP B CG  1 
ATOM   1060 O OD1 . ASP B 1 28  ? 2.298   12.180  17.436  1.00 28.47 ? 38  ASP B OD1 1 
ATOM   1061 O OD2 . ASP B 1 28  ? 2.714   13.958  18.587  1.00 31.55 ? 38  ASP B OD2 1 
ATOM   1062 N N   . ASP B 1 29  ? 0.594   9.408   17.538  1.00 26.43 ? 39  ASP B N   1 
ATOM   1063 C CA  . ASP B 1 29  ? 0.082   8.829   16.278  1.00 25.83 ? 39  ASP B CA  1 
ATOM   1064 C C   . ASP B 1 29  ? 0.512   9.520   14.975  1.00 24.64 ? 39  ASP B C   1 
ATOM   1065 O O   . ASP B 1 29  ? 0.059   9.147   13.881  1.00 24.90 ? 39  ASP B O   1 
ATOM   1066 C CB  . ASP B 1 29  ? -1.443  8.641   16.313  1.00 28.17 ? 39  ASP B CB  1 
ATOM   1067 C CG  . ASP B 1 29  ? -1.860  7.405   17.091  1.00 30.42 ? 39  ASP B CG  1 
ATOM   1068 O OD1 . ASP B 1 29  ? -3.075  7.264   17.370  1.00 32.62 ? 39  ASP B OD1 1 
ATOM   1069 O OD2 . ASP B 1 29  ? -1.055  6.519   17.467  1.00 31.52 ? 39  ASP B OD2 1 
ATOM   1070 N N   . THR B 1 30  ? 1.404   10.498  15.060  1.00 22.73 ? 40  THR B N   1 
ATOM   1071 C CA  . THR B 1 30  ? 1.970   11.058  13.842  1.00 21.47 ? 40  THR B CA  1 
ATOM   1072 C C   . THR B 1 30  ? 3.166   10.241  13.364  1.00 20.55 ? 40  THR B C   1 
ATOM   1073 O O   . THR B 1 30  ? 3.758   9.461   14.119  1.00 20.06 ? 40  THR B O   1 
ATOM   1074 C CB  . THR B 1 30  ? 2.383   12.525  14.018  1.00 21.97 ? 40  THR B CB  1 
ATOM   1075 O OG1 . THR B 1 30  ? 3.433   12.613  14.990  1.00 21.90 ? 40  THR B OG1 1 
ATOM   1076 C CG2 . THR B 1 30  ? 1.237   13.375  14.609  1.00 22.39 ? 40  THR B CG2 1 
ATOM   1077 N N   . TRP B 1 31  ? 3.515   10.432  12.097  1.00 18.96 ? 41  TRP B N   1 
ATOM   1078 C CA  . TRP B 1 31  ? 4.654   9.785   11.503  1.00 18.49 ? 41  TRP B CA  1 
ATOM   1079 C C   . TRP B 1 31  ? 5.846   10.700  11.514  1.00 19.25 ? 41  TRP B C   1 
ATOM   1080 O O   . TRP B 1 31  ? 5.797   11.803  10.950  1.00 21.43 ? 41  TRP B O   1 
ATOM   1081 C CB  . TRP B 1 31  ? 4.311   9.399   10.077  1.00 16.73 ? 41  TRP B CB  1 
ATOM   1082 C CG  . TRP B 1 31  ? 3.255   8.364   10.008  1.00 16.48 ? 41  TRP B CG  1 
ATOM   1083 C CD1 . TRP B 1 31  ? 1.939   8.558   9.711   1.00 18.98 ? 41  TRP B CD1 1 
ATOM   1084 C CD2 . TRP B 1 31  ? 3.391   6.970   10.335  1.00 15.20 ? 41  TRP B CD2 1 
ATOM   1085 N NE1 . TRP B 1 31  ? 1.255   7.368   9.763   1.00 18.22 ? 41  TRP B NE1 1 
ATOM   1086 C CE2 . TRP B 1 31  ? 2.120   6.375   10.154  1.00 17.00 ? 41  TRP B CE2 1 
ATOM   1087 C CE3 . TRP B 1 31  ? 4.465   6.155   10.731  1.00 14.29 ? 41  TRP B CE3 1 
ATOM   1088 C CZ2 . TRP B 1 31  ? 1.885   5.009   10.357  1.00 17.29 ? 41  TRP B CZ2 1 
ATOM   1089 C CZ3 . TRP B 1 31  ? 4.237   4.793   10.949  1.00 15.31 ? 41  TRP B CZ3 1 
ATOM   1090 C CH2 . TRP B 1 31  ? 2.946   4.233   10.733  1.00 15.17 ? 41  TRP B CH2 1 
ATOM   1091 N N   . GLU B 1 32  ? 6.896   10.255  12.191  1.00 19.18 ? 42  GLU B N   1 
ATOM   1092 C CA  . GLU B 1 32  ? 8.123   11.011  12.302  1.00 20.03 ? 42  GLU B CA  1 
ATOM   1093 C C   . GLU B 1 32  ? 9.112   10.497  11.273  1.00 18.54 ? 42  GLU B C   1 
ATOM   1094 O O   . GLU B 1 32  ? 9.359   9.296   11.224  1.00 16.89 ? 42  GLU B O   1 
ATOM   1095 C CB  . GLU B 1 32  ? 8.688   10.822  13.702  1.00 23.80 ? 42  GLU B CB  1 
ATOM   1096 C CG  . GLU B 1 32  ? 7.809   11.467  14.757  1.00 27.96 ? 42  GLU B CG  1 
ATOM   1097 C CD  . GLU B 1 32  ? 8.564   11.842  16.013  1.00 30.56 ? 42  GLU B CD  1 
ATOM   1098 O OE1 . GLU B 1 32  ? 9.614   11.202  16.268  1.00 32.22 ? 42  GLU B OE1 1 
ATOM   1099 O OE2 . GLU B 1 32  ? 8.086   12.765  16.739  1.00 32.47 ? 42  GLU B OE2 1 
ATOM   1100 N N   . PRO B 1 33  ? 9.720   11.381  10.491  1.00 17.96 ? 43  PRO B N   1 
ATOM   1101 C CA  . PRO B 1 33  ? 10.793  10.942  9.580   1.00 17.24 ? 43  PRO B CA  1 
ATOM   1102 C C   . PRO B 1 33  ? 11.899  10.199  10.306  1.00 17.38 ? 43  PRO B C   1 
ATOM   1103 O O   . PRO B 1 33  ? 12.329  10.551  11.423  1.00 17.54 ? 43  PRO B O   1 
ATOM   1104 C CB  . PRO B 1 33  ? 11.295  12.259  8.980   1.00 19.04 ? 43  PRO B CB  1 
ATOM   1105 C CG  . PRO B 1 33  ? 10.100  13.145  9.086   1.00 19.14 ? 43  PRO B CG  1 
ATOM   1106 C CD  . PRO B 1 33  ? 9.510   12.851  10.415  1.00 18.65 ? 43  PRO B CD  1 
ATOM   1107 N N   . PHE B 1 34  ? 12.352  9.133   9.687   1.00 15.98 ? 44  PHE B N   1 
ATOM   1108 C CA  . PHE B 1 34  ? 13.304  8.216   10.313  1.00 16.29 ? 44  PHE B CA  1 
ATOM   1109 C C   . PHE B 1 34  ? 14.548  8.067   9.445   1.00 15.95 ? 44  PHE B C   1 
ATOM   1110 O O   . PHE B 1 34  ? 15.676  8.201   9.934   1.00 17.70 ? 44  PHE B O   1 
ATOM   1111 C CB  . PHE B 1 34  ? 12.584  6.857   10.605  1.00 16.41 ? 44  PHE B CB  1 
ATOM   1112 C CG  . PHE B 1 34  ? 13.434  5.847   11.308  1.00 17.76 ? 44  PHE B CG  1 
ATOM   1113 C CD1 . PHE B 1 34  ? 13.601  5.896   12.706  1.00 19.11 ? 44  PHE B CD1 1 
ATOM   1114 C CD2 . PHE B 1 34  ? 14.038  4.805   10.594  1.00 18.72 ? 44  PHE B CD2 1 
ATOM   1115 C CE1 . PHE B 1 34  ? 14.397  4.932   13.360  1.00 19.96 ? 44  PHE B CE1 1 
ATOM   1116 C CE2 . PHE B 1 34  ? 14.826  3.857   11.237  1.00 19.76 ? 44  PHE B CE2 1 
ATOM   1117 C CZ  . PHE B 1 34  ? 15.000  3.914   12.617  1.00 19.78 ? 44  PHE B CZ  1 
ATOM   1118 N N   . ALA B 1 35  ? 14.360  7.829   8.152   1.00 14.24 ? 45  ALA B N   1 
ATOM   1119 C CA  . ALA B 1 35  ? 15.477  7.656   7.216   1.00 13.28 ? 45  ALA B CA  1 
ATOM   1120 C C   . ALA B 1 35  ? 14.953  7.698   5.801   1.00 13.45 ? 45  ALA B C   1 
ATOM   1121 O O   . ALA B 1 35  ? 13.757  7.502   5.599   1.00 13.66 ? 45  ALA B O   1 
ATOM   1122 C CB  . ALA B 1 35  ? 16.185  6.302   7.435   1.00 14.25 ? 45  ALA B CB  1 
ATOM   1123 N N   . SER B 1 36  ? 15.822  7.875   4.823   1.00 10.99 ? 46  SER B N   1 
ATOM   1124 C CA  . SER B 1 36  ? 15.374  7.905   3.419   1.00 10.59 ? 46  SER B CA  1 
ATOM   1125 C C   . SER B 1 36  ? 16.563  7.670   2.531   1.00 10.98 ? 46  SER B C   1 
ATOM   1126 O O   . SER B 1 36  ? 17.716  7.740   2.986   1.00 12.10 ? 46  SER B O   1 
ATOM   1127 C CB  . SER B 1 36  ? 14.654  9.209   3.056   1.00 10.02 ? 46  SER B CB  1 
ATOM   1128 O OG  . SER B 1 36  ? 15.548  10.357  3.260   1.00 11.69 ? 46  SER B OG  1 
ATOM   1129 N N   . GLY B 1 37  ? 16.297  7.429   1.261   1.00 10.07 ? 47  GLY B N   1 
ATOM   1130 C CA  . GLY B 1 37  ? 17.343  7.248   0.273   1.00 9.60  ? 47  GLY B CA  1 
ATOM   1131 C C   . GLY B 1 37  ? 16.757  6.940   -1.069  1.00 10.82 ? 47  GLY B C   1 
ATOM   1132 O O   . GLY B 1 37  ? 15.536  7.107   -1.231  1.00 11.49 ? 47  GLY B O   1 
ATOM   1133 N N   . LYS B 1 38  ? 17.595  6.577   -2.034  1.00 11.83 ? 48  LYS B N   1 
ATOM   1134 C CA  . LYS B 1 38  ? 17.098  6.167   -3.343  1.00 13.61 ? 48  LYS B CA  1 
ATOM   1135 C C   . LYS B 1 38  ? 17.714  4.844   -3.697  1.00 12.62 ? 48  LYS B C   1 
ATOM   1136 O O   . LYS B 1 38  ? 18.843  4.536   -3.311  1.00 13.01 ? 48  LYS B O   1 
ATOM   1137 C CB  . LYS B 1 38  ? 17.478  7.174   -4.424  1.00 18.05 ? 48  LYS B CB  1 
ATOM   1138 C CG  . LYS B 1 38  ? 16.672  8.461   -4.448  1.00 22.55 ? 48  LYS B CG  1 
ATOM   1139 C CD  . LYS B 1 38  ? 17.281  9.403   -5.467  1.00 26.63 ? 48  LYS B CD  1 
ATOM   1140 C CE  . LYS B 1 38  ? 18.719  9.725   -5.120  1.00 28.92 ? 48  LYS B CE  1 
ATOM   1141 N NZ  . LYS B 1 38  ? 19.718  8.833   -5.777  1.00 29.96 ? 48  LYS B NZ  1 
ATOM   1142 N N   . THR B 1 39  ? 16.948  4.013   -4.414  1.00 11.40 ? 49  THR B N   1 
ATOM   1143 C CA  . THR B 1 39  ? 17.469  2.701   -4.797  1.00 9.77  ? 49  THR B CA  1 
ATOM   1144 C C   . THR B 1 39  ? 18.659  2.839   -5.745  1.00 10.67 ? 49  THR B C   1 
ATOM   1145 O O   . THR B 1 39  ? 18.723  3.726   -6.585  1.00 11.24 ? 49  THR B O   1 
ATOM   1146 C CB  . THR B 1 39  ? 16.405  1.805   -5.453  1.00 10.10 ? 49  THR B CB  1 
ATOM   1147 O OG1 . THR B 1 39  ? 15.850  2.487   -6.589  1.00 9.88  ? 49  THR B OG1 1 
ATOM   1148 C CG2 . THR B 1 39  ? 15.280  1.533   -4.458  1.00 10.24 ? 49  THR B CG2 1 
ATOM   1149 N N   . SER B 1 40  ? 19.540  1.868   -5.593  1.00 10.51 ? 50  SER B N   1 
ATOM   1150 C CA  . SER B 1 40  ? 20.768  1.772   -6.390  1.00 11.35 ? 50  SER B CA  1 
ATOM   1151 C C   . SER B 1 40  ? 20.493  1.205   -7.775  1.00 12.99 ? 50  SER B C   1 
ATOM   1152 O O   . SER B 1 40  ? 19.335  0.895   -8.146  1.00 12.62 ? 50  SER B O   1 
ATOM   1153 C CB  . SER B 1 40  ? 21.702  0.839   -5.649  1.00 13.15 ? 50  SER B CB  1 
ATOM   1154 O OG  . SER B 1 40  ? 21.241  -0.508  -5.773  1.00 14.20 ? 50  SER B OG  1 
ATOM   1155 N N   . GLU B 1 41  ? 21.564  0.981   -8.542  1.00 14.18 ? 51  GLU B N   1 
ATOM   1156 C CA  . GLU B 1 41  ? 21.461  0.369   -9.861  1.00 15.66 ? 51  GLU B CA  1 
ATOM   1157 C C   . GLU B 1 41  ? 20.961  -1.073  -9.766  1.00 14.94 ? 51  GLU B C   1 
ATOM   1158 O O   . GLU B 1 41  ? 20.509  -1.629  -10.770 1.00 15.30 ? 51  GLU B O   1 
ATOM   1159 C CB  . GLU B 1 41  ? 22.826  0.420   -10.586 1.00 18.60 ? 51  GLU B CB  1 
ATOM   1160 C CG  . GLU B 1 41  ? 23.261  1.811   -11.023 1.00 24.18 ? 51  GLU B CG  1 
ATOM   1161 C CD  . GLU B 1 41  ? 24.420  1.776   -12.032 1.00 27.45 ? 51  GLU B CD  1 
ATOM   1162 O OE1 . GLU B 1 41  ? 24.257  1.149   -13.105 1.00 30.44 ? 51  GLU B OE1 1 
ATOM   1163 O OE2 . GLU B 1 41  ? 25.486  2.391   -11.772 1.00 28.81 ? 51  GLU B OE2 1 
ATOM   1164 N N   . SER B 1 42  ? 21.062  -1.686  -8.585  1.00 13.47 ? 52  SER B N   1 
ATOM   1165 C CA  . SER B 1 42  ? 20.486  -3.008  -8.368  1.00 13.32 ? 52  SER B CA  1 
ATOM   1166 C C   . SER B 1 42  ? 19.083  -3.004  -7.778  1.00 11.44 ? 52  SER B C   1 
ATOM   1167 O O   . SER B 1 42  ? 18.554  -4.056  -7.437  1.00 12.72 ? 52  SER B O   1 
ATOM   1168 C CB  . SER B 1 42  ? 21.398  -3.857  -7.482  1.00 14.82 ? 52  SER B CB  1 
ATOM   1169 O OG  . SER B 1 42  ? 21.450  -3.348  -6.187  1.00 18.22 ? 52  SER B OG  1 
ATOM   1170 N N   . GLY B 1 43  ? 18.493  -1.812  -7.667  1.00 10.56 ? 53  GLY B N   1 
ATOM   1171 C CA  . GLY B 1 43  ? 17.134  -1.640  -7.154  1.00 10.23 ? 53  GLY B CA  1 
ATOM   1172 C C   . GLY B 1 43  ? 17.069  -1.743  -5.643  1.00 10.87 ? 53  GLY B C   1 
ATOM   1173 O O   . GLY B 1 43  ? 16.006  -1.885  -5.076  1.00 11.13 ? 53  GLY B O   1 
ATOM   1174 N N   . GLU B 1 44  ? 18.203  -1.702  -4.948  1.00 10.78 ? 54  GLU B N   1 
ATOM   1175 C CA  . GLU B 1 44  ? 18.261  -1.905  -3.519  1.00 11.83 ? 54  GLU B CA  1 
ATOM   1176 C C   . GLU B 1 44  ? 18.662  -0.626  -2.764  1.00 11.01 ? 54  GLU B C   1 
ATOM   1177 O O   . GLU B 1 44  ? 19.367  0.258   -3.301  1.00 11.58 ? 54  GLU B O   1 
ATOM   1178 C CB  . GLU B 1 44  ? 19.266  -3.032  -3.187  1.00 13.91 ? 54  GLU B CB  1 
ATOM   1179 C CG  . GLU B 1 44  ? 18.874  -4.378  -3.784  1.00 18.39 ? 54  GLU B CG  1 
ATOM   1180 C CD  . GLU B 1 44  ? 19.706  -5.557  -3.302  1.00 21.81 ? 54  GLU B CD  1 
ATOM   1181 O OE1 . GLU B 1 44  ? 20.816  -5.387  -2.776  1.00 27.00 ? 54  GLU B OE1 1 
ATOM   1182 O OE2 . GLU B 1 44  ? 19.218  -6.686  -3.472  1.00 26.22 ? 54  GLU B OE2 1 
ATOM   1183 N N   . LEU B 1 45  ? 18.215  -0.535  -1.533  1.00 11.04 ? 55  LEU B N   1 
ATOM   1184 C CA  . LEU B 1 45  ? 18.550  0.566   -0.636  1.00 10.99 ? 55  LEU B CA  1 
ATOM   1185 C C   . LEU B 1 45  ? 18.910  -0.011  0.701   1.00 13.49 ? 55  LEU B C   1 
ATOM   1186 O O   . LEU B 1 45  ? 18.078  -0.590  1.405   1.00 12.32 ? 55  LEU B O   1 
ATOM   1187 C CB  . LEU B 1 45  ? 17.385  1.551   -0.535  1.00 10.67 ? 55  LEU B CB  1 
ATOM   1188 C CG  . LEU B 1 45  ? 17.546  2.709   0.467   1.00 11.82 ? 55  LEU B CG  1 
ATOM   1189 C CD1 . LEU B 1 45  ? 18.834  3.539   0.200   1.00 13.64 ? 55  LEU B CD1 1 
ATOM   1190 C CD2 . LEU B 1 45  ? 16.344  3.554   0.443   1.00 13.50 ? 55  LEU B CD2 1 
ATOM   1191 N N   . HIS B 1 46  ? 20.189  0.122   1.041   1.00 14.39 ? 56  HIS B N   1 
ATOM   1192 C CA  . HIS B 1 46  ? 20.785  -0.414  2.264   1.00 17.40 ? 56  HIS B CA  1 
ATOM   1193 C C   . HIS B 1 46  ? 21.119  0.737   3.205   1.00 17.73 ? 56  HIS B C   1 
ATOM   1194 O O   . HIS B 1 46  ? 21.114  1.912   2.806   1.00 17.45 ? 56  HIS B O   1 
ATOM   1195 C CB  . HIS B 1 46  ? 22.100  -1.148  1.918   1.00 20.18 ? 56  HIS B CB  1 
ATOM   1196 C CG  . HIS B 1 46  ? 21.912  -2.411  1.152   1.00 21.67 ? 56  HIS B CG  1 
ATOM   1197 N ND1 . HIS B 1 46  ? 21.779  -2.440  -0.220  1.00 23.49 ? 56  HIS B ND1 1 
ATOM   1198 C CD2 . HIS B 1 46  ? 21.820  -3.694  1.570   1.00 22.60 ? 56  HIS B CD2 1 
ATOM   1199 C CE1 . HIS B 1 46  ? 21.622  -3.691  -0.613  1.00 23.82 ? 56  HIS B CE1 1 
ATOM   1200 N NE2 . HIS B 1 46  ? 21.644  -4.471  0.453   1.00 24.03 ? 56  HIS B NE2 1 
ATOM   1201 N N   . GLY B 1 47  ? 21.441  0.394   4.450   1.00 19.52 ? 57  GLY B N   1 
ATOM   1202 C CA  . GLY B 1 47  ? 22.037  1.362   5.349   1.00 20.09 ? 57  GLY B CA  1 
ATOM   1203 C C   . GLY B 1 47  ? 21.096  2.398   5.881   1.00 21.05 ? 57  GLY B C   1 
ATOM   1204 O O   . GLY B 1 47  ? 21.557  3.453   6.320   1.00 22.99 ? 57  GLY B O   1 
ATOM   1205 N N   . LEU B 1 48  ? 19.796  2.095   5.875   1.00 20.85 ? 58  LEU B N   1 
ATOM   1206 C CA  . LEU B 1 48  ? 18.778  3.020   6.362   1.00 20.49 ? 58  LEU B CA  1 
ATOM   1207 C C   . LEU B 1 48  ? 18.933  3.258   7.849   1.00 21.13 ? 58  LEU B C   1 
ATOM   1208 O O   . LEU B 1 48  ? 18.776  4.400   8.326   1.00 22.13 ? 58  LEU B O   1 
ATOM   1209 C CB  . LEU B 1 48  ? 17.385  2.519   6.012   1.00 19.34 ? 58  LEU B CB  1 
ATOM   1210 C CG  . LEU B 1 48  ? 17.083  2.644   4.521   1.00 17.63 ? 58  LEU B CG  1 
ATOM   1211 C CD1 . LEU B 1 48  ? 15.992  1.683   4.113   1.00 18.37 ? 58  LEU B CD1 1 
ATOM   1212 C CD2 . LEU B 1 48  ? 16.742  4.080   4.132   1.00 18.73 ? 58  LEU B CD2 1 
ATOM   1213 N N   . THR B 1 49  ? 19.267  2.192   8.576   1.00 21.88 ? 59  THR B N   1 
ATOM   1214 C CA  . THR B 1 49  ? 19.334  2.278   10.033  1.00 21.57 ? 59  THR B CA  1 
ATOM   1215 C C   . THR B 1 49  ? 20.369  1.320   10.633  1.00 21.24 ? 59  THR B C   1 
ATOM   1216 O O   . THR B 1 49  ? 21.113  0.680   9.903   1.00 21.49 ? 59  THR B O   1 
ATOM   1217 C CB  . THR B 1 49  ? 17.906  2.090   10.623  1.00 22.10 ? 59  THR B CB  1 
ATOM   1218 O OG1 . THR B 1 49  ? 17.901  2.371   12.033  1.00 23.58 ? 59  THR B OG1 1 
ATOM   1219 C CG2 . THR B 1 49  ? 17.402  0.606   10.513  1.00 20.76 ? 59  THR B CG2 1 
ATOM   1220 N N   . THR B 1 50  ? 20.425  1.256   11.967  1.00 21.40 ? 60  THR B N   1 
ATOM   1221 C CA  . THR B 1 50  ? 21.349  0.364   12.677  1.00 20.77 ? 60  THR B CA  1 
ATOM   1222 C C   . THR B 1 50  ? 20.547  -0.532  13.579  1.00 19.24 ? 60  THR B C   1 
ATOM   1223 O O   . THR B 1 50  ? 19.443  -0.157  13.976  1.00 16.91 ? 60  THR B O   1 
ATOM   1224 C CB  . THR B 1 50  ? 22.377  1.160   13.534  1.00 20.95 ? 60  THR B CB  1 
ATOM   1225 O OG1 . THR B 1 50  ? 21.665  1.994   14.447  1.00 22.34 ? 60  THR B OG1 1 
ATOM   1226 C CG2 . THR B 1 50  ? 23.182  2.175   12.685  1.00 22.33 ? 60  THR B CG2 1 
ATOM   1227 N N   . GLU B 1 53  ? 19.279  1.621   16.627  1.00 21.10 ? 63  GLU B N   1 
ATOM   1228 C CA  . GLU B 1 53  ? 18.254  2.626   16.404  1.00 19.77 ? 63  GLU B CA  1 
ATOM   1229 C C   . GLU B 1 53  ? 16.909  1.960   16.064  1.00 18.25 ? 63  GLU B C   1 
ATOM   1230 O O   . GLU B 1 53  ? 15.866  2.490   16.351  1.00 19.34 ? 63  GLU B O   1 
ATOM   1231 C CB  . GLU B 1 53  ? 18.704  3.561   15.261  1.00 21.62 ? 63  GLU B CB  1 
ATOM   1232 C CG  . GLU B 1 53  ? 17.733  4.678   14.896  1.00 24.27 ? 63  GLU B CG  1 
ATOM   1233 C CD  . GLU B 1 53  ? 18.135  5.444   13.628  1.00 25.18 ? 63  GLU B CD  1 
ATOM   1234 O OE1 . GLU B 1 53  ? 18.478  4.842   12.584  1.00 24.32 ? 63  GLU B OE1 1 
ATOM   1235 O OE2 . GLU B 1 53  ? 18.020  6.779   13.692  1.00 26.54 ? 63  GLU B OE2 1 
ATOM   1236 N N   . PHE B 1 54  ? 16.958  0.781   15.460  1.00 16.96 ? 64  PHE B N   1 
ATOM   1237 C CA  . PHE B 1 54  ? 15.742  0.118   14.966  1.00 17.02 ? 64  PHE B CA  1 
ATOM   1238 C C   . PHE B 1 54  ? 15.039  -0.685  16.040  1.00 16.10 ? 64  PHE B C   1 
ATOM   1239 O O   . PHE B 1 54  ? 14.993  -1.923  16.011  1.00 16.77 ? 64  PHE B O   1 
ATOM   1240 C CB  . PHE B 1 54  ? 16.141  -0.782  13.790  1.00 16.17 ? 64  PHE B CB  1 
ATOM   1241 C CG  . PHE B 1 54  ? 14.989  -1.277  12.976  1.00 16.49 ? 64  PHE B CG  1 
ATOM   1242 C CD1 . PHE B 1 54  ? 14.105  -0.376  12.397  1.00 16.01 ? 64  PHE B CD1 1 
ATOM   1243 C CD2 . PHE B 1 54  ? 14.835  -2.628  12.724  1.00 17.62 ? 64  PHE B CD2 1 
ATOM   1244 C CE1 . PHE B 1 54  ? 13.035  -0.829  11.609  1.00 16.87 ? 64  PHE B CE1 1 
ATOM   1245 C CE2 . PHE B 1 54  ? 13.774  -3.104  11.908  1.00 18.55 ? 64  PHE B CE2 1 
ATOM   1246 C CZ  . PHE B 1 54  ? 12.875  -2.182  11.369  1.00 17.25 ? 64  PHE B CZ  1 
ATOM   1247 N N   . VAL B 1 55  ? 14.512  0.033   17.029  1.00 14.93 ? 65  VAL B N   1 
ATOM   1248 C CA  . VAL B 1 55  ? 13.821  -0.571  18.147  1.00 14.51 ? 65  VAL B CA  1 
ATOM   1249 C C   . VAL B 1 55  ? 12.383  -0.976  17.771  1.00 14.12 ? 65  VAL B C   1 
ATOM   1250 O O   . VAL B 1 55  ? 11.837  -0.551  16.712  1.00 15.70 ? 65  VAL B O   1 
ATOM   1251 C CB  . VAL B 1 55  ? 13.768  0.410   19.359  1.00 14.26 ? 65  VAL B CB  1 
ATOM   1252 C CG1 . VAL B 1 55  ? 15.161  0.723   19.891  1.00 16.97 ? 65  VAL B CG1 1 
ATOM   1253 C CG2 . VAL B 1 55  ? 13.058  1.703   18.975  1.00 15.07 ? 65  VAL B CG2 1 
ATOM   1254 N N   . GLU B 1 56  ? 11.750  -1.762  18.634  1.00 12.54 ? 66  GLU B N   1 
ATOM   1255 C CA  . GLU B 1 56  ? 10.359  -2.135  18.385  1.00 14.18 ? 66  GLU B CA  1 
ATOM   1256 C C   . GLU B 1 56  ? 9.494   -0.898  18.238  1.00 14.59 ? 66  GLU B C   1 
ATOM   1257 O O   . GLU B 1 56  ? 9.739   0.145   18.862  1.00 15.81 ? 66  GLU B O   1 
ATOM   1258 C CB  . GLU B 1 56  ? 9.857   -3.022  19.506  1.00 14.42 ? 66  GLU B CB  1 
ATOM   1259 C CG  . GLU B 1 56  ? 10.520  -4.387  19.488  1.00 15.77 ? 66  GLU B CG  1 
ATOM   1260 C CD  . GLU B 1 56  ? 9.987   -5.323  20.541  1.00 17.32 ? 66  GLU B CD  1 
ATOM   1261 O OE1 . GLU B 1 56  ? 9.806   -4.878  21.674  1.00 16.92 ? 66  GLU B OE1 1 
ATOM   1262 O OE2 . GLU B 1 56  ? 9.786   -6.541  20.258  1.00 18.18 ? 66  GLU B OE2 1 
ATOM   1263 N N   . GLY B 1 57  ? 8.489   -0.995  17.374  1.00 14.82 ? 67  GLY B N   1 
ATOM   1264 C CA  . GLY B 1 57  ? 7.631   0.140   17.084  1.00 14.28 ? 67  GLY B CA  1 
ATOM   1265 C C   . GLY B 1 57  ? 6.990   -0.097  15.725  1.00 13.12 ? 67  GLY B C   1 
ATOM   1266 O O   . GLY B 1 57  ? 7.253   -1.093  15.074  1.00 12.72 ? 67  GLY B O   1 
ATOM   1267 N N   . ILE B 1 58  ? 6.128   0.814   15.321  1.00 13.27 ? 68  ILE B N   1 
ATOM   1268 C CA  . ILE B 1 58  ? 5.464   0.727   14.031  1.00 13.68 ? 68  ILE B CA  1 
ATOM   1269 C C   . ILE B 1 58  ? 6.180   1.653   13.080  1.00 12.71 ? 68  ILE B C   1 
ATOM   1270 O O   . ILE B 1 58  ? 6.422   2.836   13.387  1.00 12.49 ? 68  ILE B O   1 
ATOM   1271 C CB  . ILE B 1 58  ? 3.951   1.109   14.182  1.00 14.47 ? 68  ILE B CB  1 
ATOM   1272 C CG1 . ILE B 1 58  ? 3.242   0.137   15.120  1.00 15.74 ? 68  ILE B CG1 1 
ATOM   1273 C CG2 . ILE B 1 58  ? 3.273   1.085   12.800  1.00 14.79 ? 68  ILE B CG2 1 
ATOM   1274 C CD1 . ILE B 1 58  ? 1.740   0.500   15.352  1.00 17.36 ? 68  ILE B CD1 1 
ATOM   1275 N N   . TYR B 1 59  ? 6.543   1.127   11.913  1.00 11.70 ? 69  TYR B N   1 
ATOM   1276 C CA  . TYR B 1 59  ? 7.281   1.823   10.871  1.00 11.11 ? 69  TYR B CA  1 
ATOM   1277 C C   . TYR B 1 59  ? 6.480   1.859   9.598   1.00 11.15 ? 69  TYR B C   1 
ATOM   1278 O O   . TYR B 1 59  ? 5.647   0.951   9.338   1.00 11.78 ? 69  TYR B O   1 
ATOM   1279 C CB  . TYR B 1 59  ? 8.603   1.109   10.593  1.00 11.59 ? 69  TYR B CB  1 
ATOM   1280 C CG  . TYR B 1 59  ? 9.543   1.209   11.773  1.00 12.34 ? 69  TYR B CG  1 
ATOM   1281 C CD1 . TYR B 1 59  ? 9.471   0.297   12.815  1.00 12.46 ? 69  TYR B CD1 1 
ATOM   1282 C CD2 . TYR B 1 59  ? 10.495  2.239   11.838  1.00 12.74 ? 69  TYR B CD2 1 
ATOM   1283 C CE1 . TYR B 1 59  ? 10.352  0.427   13.929  1.00 12.19 ? 69  TYR B CE1 1 
ATOM   1284 C CE2 . TYR B 1 59  ? 11.396  2.318   12.929  1.00 12.59 ? 69  TYR B CE2 1 
ATOM   1285 C CZ  . TYR B 1 59  ? 11.281  1.445   13.949  1.00 13.76 ? 69  TYR B CZ  1 
ATOM   1286 O OH  . TYR B 1 59  ? 12.135  1.519   15.058  1.00 14.25 ? 69  TYR B OH  1 
ATOM   1287 N N   . LYS B 1 60  ? 6.687   2.897   8.829   1.00 10.21 ? 70  LYS B N   1 
ATOM   1288 C CA  . LYS B 1 60  ? 6.128   3.042   7.511   1.00 10.82 ? 70  LYS B CA  1 
ATOM   1289 C C   . LYS B 1 60  ? 7.192   3.280   6.481   1.00 10.83 ? 70  LYS B C   1 
ATOM   1290 O O   . LYS B 1 60  ? 8.049   4.157   6.667   1.00 11.85 ? 70  LYS B O   1 
ATOM   1291 C CB  . LYS B 1 60  ? 5.137   4.209   7.508   1.00 11.67 ? 70  LYS B CB  1 
ATOM   1292 C CG  . LYS B 1 60  ? 4.605   4.510   6.106   1.00 15.11 ? 70  LYS B CG  1 
ATOM   1293 C CD  . LYS B 1 60  ? 3.772   5.790   5.952   1.00 18.58 ? 70  LYS B CD  1 
ATOM   1294 C CE  . LYS B 1 60  ? 2.641   5.945   6.854   1.00 22.10 ? 70  LYS B CE  1 
ATOM   1295 N NZ  . LYS B 1 60  ? 2.104   7.320   6.491   1.00 23.56 ? 70  LYS B NZ  1 
ATOM   1296 N N   . VAL B 1 61  ? 7.204   2.490   5.424   1.00 9.96  ? 71  VAL B N   1 
ATOM   1297 C CA  . VAL B 1 61  ? 8.130   2.666   4.340   1.00 10.94 ? 71  VAL B CA  1 
ATOM   1298 C C   . VAL B 1 61  ? 7.297   3.171   3.160   1.00 10.17 ? 71  VAL B C   1 
ATOM   1299 O O   . VAL B 1 61  ? 6.379   2.459   2.695   1.00 11.70 ? 71  VAL B O   1 
ATOM   1300 C CB  . VAL B 1 61  ? 8.856   1.350   4.030   1.00 11.58 ? 71  VAL B CB  1 
ATOM   1301 C CG1 . VAL B 1 61  ? 9.782   1.500   2.790   1.00 12.72 ? 71  VAL B CG1 1 
ATOM   1302 C CG2 . VAL B 1 61  ? 9.666   0.876   5.240   1.00 12.91 ? 71  VAL B CG2 1 
ATOM   1303 N N   . GLU B 1 62  ? 7.584   4.363   2.655   1.00 10.23 ? 72  GLU B N   1 
ATOM   1304 C CA  . GLU B 1 62  ? 6.898   4.941   1.501   1.00 10.98 ? 72  GLU B CA  1 
ATOM   1305 C C   . GLU B 1 62  ? 7.783   4.863   0.293   1.00 10.57 ? 72  GLU B C   1 
ATOM   1306 O O   . GLU B 1 62  ? 8.901   5.400   0.317   1.00 11.33 ? 72  GLU B O   1 
ATOM   1307 C CB  . GLU B 1 62  ? 6.533   6.375   1.810   1.00 14.83 ? 72  GLU B CB  1 
ATOM   1308 C CG  . GLU B 1 62  ? 5.752   7.155   0.795   1.00 20.59 ? 72  GLU B CG  1 
ATOM   1309 C CD  . GLU B 1 62  ? 5.258   8.477   1.414   1.00 24.11 ? 72  GLU B CD  1 
ATOM   1310 O OE1 . GLU B 1 62  ? 6.083   9.292   1.883   1.00 28.70 ? 72  GLU B OE1 1 
ATOM   1311 O OE2 . GLU B 1 62  ? 4.039   8.659   1.491   1.00 28.51 ? 72  GLU B OE2 1 
ATOM   1312 N N   . ILE B 1 63  ? 7.327   4.212   -0.772  1.00 10.37 ? 73  ILE B N   1 
ATOM   1313 C CA  . ILE B 1 63  ? 8.130   4.044   -1.984  1.00 9.57  ? 73  ILE B CA  1 
ATOM   1314 C C   . ILE B 1 63  ? 7.524   4.954   -3.039  1.00 10.58 ? 73  ILE B C   1 
ATOM   1315 O O   . ILE B 1 63  ? 6.331   4.844   -3.343  1.00 10.26 ? 73  ILE B O   1 
ATOM   1316 C CB  . ILE B 1 63  ? 8.110   2.573   -2.434  1.00 9.79  ? 73  ILE B CB  1 
ATOM   1317 C CG1 . ILE B 1 63  ? 8.679   1.686   -1.335  1.00 11.25 ? 73  ILE B CG1 1 
ATOM   1318 C CG2 . ILE B 1 63  ? 8.853   2.398   -3.744  1.00 11.01 ? 73  ILE B CG2 1 
ATOM   1319 C CD1 . ILE B 1 63  ? 8.640   0.204   -1.661  1.00 13.96 ? 73  ILE B CD1 1 
ATOM   1320 N N   . ASP B 1 64  ? 8.277   5.902   -3.570  1.00 11.12 ? 74  ASP B N   1 
ATOM   1321 C CA  . ASP B 1 64  ? 7.740   6.921   -4.477  1.00 11.35 ? 74  ASP B CA  1 
ATOM   1322 C C   . ASP B 1 64  ? 7.586   6.419   -5.919  1.00 11.38 ? 74  ASP B C   1 
ATOM   1323 O O   . ASP B 1 64  ? 8.334   6.763   -6.829  1.00 11.82 ? 74  ASP B O   1 
ATOM   1324 C CB  . ASP B 1 64  ? 8.560   8.187   -4.440  1.00 15.00 ? 74  ASP B CB  1 
ATOM   1325 C CG  . ASP B 1 64  ? 7.895   9.322   -5.230  1.00 22.07 ? 74  ASP B CG  1 
ATOM   1326 O OD1 . ASP B 1 64  ? 8.463   10.433  -5.222  1.00 27.81 ? 74  ASP B OD1 1 
ATOM   1327 O OD2 . ASP B 1 64  ? 6.806   9.194   -5.888  1.00 26.36 ? 74  ASP B OD2 1 
ATOM   1328 N N   . THR B 1 65  ? 6.552   5.599   -6.051  1.00 9.59  ? 75  THR B N   1 
ATOM   1329 C CA  . THR B 1 65  ? 6.271   4.940   -7.321  1.00 10.24 ? 75  THR B CA  1 
ATOM   1330 C C   . THR B 1 65  ? 5.834   5.920   -8.373  1.00 9.66  ? 75  THR B C   1 
ATOM   1331 O O   . THR B 1 65  ? 6.175   5.766   -9.536  1.00 8.99  ? 75  THR B O   1 
ATOM   1332 C CB  . THR B 1 65  ? 5.213   3.835   -7.125  1.00 9.51  ? 75  THR B CB  1 
ATOM   1333 O OG1 . THR B 1 65  ? 4.005   4.414   -6.586  1.00 9.33  ? 75  THR B OG1 1 
ATOM   1334 C CG2 . THR B 1 65  ? 5.730   2.756   -6.082  1.00 11.19 ? 75  THR B CG2 1 
ATOM   1335 N N   . LYS B 1 66  ? 5.052   6.920   -7.995  1.00 10.32 ? 76  LYS B N   1 
ATOM   1336 C CA  . LYS B 1 66  ? 4.554   7.855   -9.008  1.00 10.78 ? 76  LYS B CA  1 
ATOM   1337 C C   . LYS B 1 66  ? 5.705   8.588   -9.717  1.00 9.95  ? 76  LYS B C   1 
ATOM   1338 O O   . LYS B 1 66  ? 5.734   8.715   -10.928 1.00 9.70  ? 76  LYS B O   1 
ATOM   1339 C CB  . LYS B 1 66  ? 3.608   8.850   -8.374  1.00 12.70 ? 76  LYS B CB  1 
ATOM   1340 C CG  . LYS B 1 66  ? 2.888   9.706   -9.347  1.00 14.56 ? 76  LYS B CG  1 
ATOM   1341 C CD  . LYS B 1 66  ? 1.973   10.678  -8.564  1.00 16.98 ? 76  LYS B CD  1 
ATOM   1342 C CE  . LYS B 1 66  ? 1.124   11.500  -9.472  1.00 18.46 ? 76  LYS B CE  1 
ATOM   1343 N NZ  . LYS B 1 66  ? 0.274   12.443  -8.661  1.00 20.13 ? 76  LYS B NZ  1 
ATOM   1344 N N   . SER B 1 67  ? 6.687   9.054   -8.939  1.00 11.20 ? 77  SER B N   1 
ATOM   1345 C CA  . SER B 1 67  ? 7.842   9.728   -9.519  1.00 13.00 ? 77  SER B CA  1 
ATOM   1346 C C   . SER B 1 67  ? 8.635   8.835   -10.456 1.00 12.49 ? 77  SER B C   1 
ATOM   1347 O O   . SER B 1 67  ? 9.098   9.267   -11.510 1.00 13.04 ? 77  SER B O   1 
ATOM   1348 C CB  . SER B 1 67  ? 8.714   10.372  -8.437  1.00 14.47 ? 77  SER B CB  1 
ATOM   1349 O OG  . SER B 1 67  ? 7.979   11.408  -7.814  1.00 16.78 ? 77  SER B OG  1 
ATOM   1350 N N   . TYR B 1 68  ? 8.722   7.563   -10.094 1.00 12.09 ? 78  TYR B N   1 
ATOM   1351 C CA  . TYR B 1 68  ? 9.419   6.595   -10.899 1.00 11.70 ? 78  TYR B CA  1 
ATOM   1352 C C   . TYR B 1 68  ? 8.753   6.434   -12.268 1.00 10.86 ? 78  TYR B C   1 
ATOM   1353 O O   . TYR B 1 68  ? 9.393   6.530   -13.299 1.00 11.77 ? 78  TYR B O   1 
ATOM   1354 C CB  . TYR B 1 68  ? 9.476   5.243   -10.184 1.00 10.48 ? 78  TYR B CB  1 
ATOM   1355 C CG  . TYR B 1 68  ? 10.132  4.175   -10.996 1.00 10.34 ? 78  TYR B CG  1 
ATOM   1356 C CD1 . TYR B 1 68  ? 11.535  4.128   -11.095 1.00 11.10 ? 78  TYR B CD1 1 
ATOM   1357 C CD2 . TYR B 1 68  ? 9.370   3.200   -11.667 1.00 10.90 ? 78  TYR B CD2 1 
ATOM   1358 C CE1 . TYR B 1 68  ? 12.178  3.141   -11.861 1.00 11.21 ? 78  TYR B CE1 1 
ATOM   1359 C CE2 . TYR B 1 68  ? 10.000  2.221   -12.424 1.00 10.57 ? 78  TYR B CE2 1 
ATOM   1360 C CZ  . TYR B 1 68  ? 11.389  2.187   -12.513 1.00 11.06 ? 78  TYR B CZ  1 
ATOM   1361 O OH  . TYR B 1 68  ? 12.006  1.217   -13.247 1.00 12.75 ? 78  TYR B OH  1 
ATOM   1362 N N   . TRP B 1 69  ? 7.437   6.197   -12.291 1.00 9.54  ? 79  TRP B N   1 
ATOM   1363 C CA  . TRP B 1 69  ? 6.729   6.040   -13.539 1.00 8.55  ? 79  TRP B CA  1 
ATOM   1364 C C   . TRP B 1 69  ? 6.733   7.334   -14.349 1.00 10.45 ? 79  TRP B C   1 
ATOM   1365 O O   . TRP B 1 69  ? 6.892   7.306   -15.576 1.00 11.00 ? 79  TRP B O   1 
ATOM   1366 C CB  . TRP B 1 69  ? 5.266   5.548   -13.337 1.00 7.75  ? 79  TRP B CB  1 
ATOM   1367 C CG  . TRP B 1 69  ? 5.239   4.171   -12.761 1.00 8.18  ? 79  TRP B CG  1 
ATOM   1368 C CD1 . TRP B 1 69  ? 4.745   3.822   -11.527 1.00 8.47  ? 79  TRP B CD1 1 
ATOM   1369 C CD2 . TRP B 1 69  ? 5.775   2.953   -13.343 1.00 7.14  ? 79  TRP B CD2 1 
ATOM   1370 N NE1 . TRP B 1 69  ? 4.924   2.468   -11.325 1.00 6.76  ? 79  TRP B NE1 1 
ATOM   1371 C CE2 . TRP B 1 69  ? 5.538   1.913   -12.428 1.00 7.48  ? 79  TRP B CE2 1 
ATOM   1372 C CE3 . TRP B 1 69  ? 6.394   2.650   -14.568 1.00 9.38  ? 79  TRP B CE3 1 
ATOM   1373 C CZ2 . TRP B 1 69  ? 5.909   0.565   -12.674 1.00 7.35  ? 79  TRP B CZ2 1 
ATOM   1374 C CZ3 . TRP B 1 69  ? 6.750   1.337   -14.821 1.00 9.30  ? 79  TRP B CZ3 1 
ATOM   1375 C CH2 . TRP B 1 69  ? 6.537   0.308   -13.865 1.00 9.15  ? 79  TRP B CH2 1 
ATOM   1376 N N   . LYS B 1 70  ? 6.621   8.461   -13.660 1.00 11.52 ? 80  LYS B N   1 
ATOM   1377 C CA  . LYS B 1 70  ? 6.737   9.742   -14.372 1.00 12.13 ? 80  LYS B CA  1 
ATOM   1378 C C   . LYS B 1 70  ? 8.056   9.911   -15.116 1.00 13.16 ? 80  LYS B C   1 
ATOM   1379 O O   . LYS B 1 70  ? 8.053   10.369  -16.249 1.00 14.56 ? 80  LYS B O   1 
ATOM   1380 C CB  . LYS B 1 70  ? 6.492   10.908  -13.404 1.00 13.53 ? 80  LYS B CB  1 
ATOM   1381 C CG  . LYS B 1 70  ? 5.008   11.076  -13.062 1.00 15.70 ? 80  LYS B CG  1 
ATOM   1382 C CD  . LYS B 1 70  ? 4.790   12.056  -11.911 1.00 19.87 ? 80  LYS B CD  1 
ATOM   1383 C CE  . LYS B 1 70  ? 5.516   13.351  -12.185 1.00 23.20 ? 80  LYS B CE  1 
ATOM   1384 N NZ  . LYS B 1 70  ? 4.581   14.232  -12.924 1.00 26.04 ? 80  LYS B NZ  1 
ATOM   1385 N N   . ALA B 1 71  ? 9.152   9.494   -14.470 1.00 14.76 ? 81  ALA B N   1 
ATOM   1386 C CA  . ALA B 1 71  ? 10.497  9.586   -15.074 1.00 16.59 ? 81  ALA B CA  1 
ATOM   1387 C C   . ALA B 1 71  ? 10.637  8.660   -16.282 1.00 17.99 ? 81  ALA B C   1 
ATOM   1388 O O   . ALA B 1 71  ? 11.518  8.884   -17.129 1.00 20.25 ? 81  ALA B O   1 
ATOM   1389 C CB  . ALA B 1 71  ? 11.570  9.299   -14.021 1.00 17.71 ? 81  ALA B CB  1 
ATOM   1390 N N   . LEU B 1 72  ? 9.763   7.646   -16.403 1.00 17.05 ? 82  LEU B N   1 
ATOM   1391 C CA  . LEU B 1 72  ? 9.735   6.734   -17.547 1.00 16.29 ? 82  LEU B CA  1 
ATOM   1392 C C   . LEU B 1 72  ? 8.707   7.079   -18.612 1.00 15.55 ? 82  LEU B C   1 
ATOM   1393 O O   . LEU B 1 72  ? 8.576   6.407   -19.656 1.00 16.06 ? 82  LEU B O   1 
ATOM   1394 C CB  . LEU B 1 72  ? 9.511   5.279   -17.090 1.00 17.85 ? 82  LEU B CB  1 
ATOM   1395 C CG  . LEU B 1 72  ? 10.628  4.656   -16.262 1.00 19.48 ? 82  LEU B CG  1 
ATOM   1396 C CD1 . LEU B 1 72  ? 10.185  3.278   -15.916 1.00 20.96 ? 82  LEU B CD1 1 
ATOM   1397 C CD2 . LEU B 1 72  ? 11.894  4.615   -17.089 1.00 21.72 ? 82  LEU B CD2 1 
ATOM   1398 N N   . GLY B 1 73  ? 7.939   8.138   -18.343 1.00 15.11 ? 83  GLY B N   1 
ATOM   1399 C CA  . GLY B 1 73  ? 6.882   8.560   -19.253 1.00 13.31 ? 83  GLY B CA  1 
ATOM   1400 C C   . GLY B 1 73  ? 5.710   7.600   -19.322 1.00 13.55 ? 83  GLY B C   1 
ATOM   1401 O O   . GLY B 1 73  ? 5.091   7.433   -20.361 1.00 14.10 ? 83  GLY B O   1 
ATOM   1402 N N   . ILE B 1 74  ? 5.374   6.986   -18.191 1.00 11.33 ? 84  ILE B N   1 
ATOM   1403 C CA  . ILE B 1 74  ? 4.293   6.016   -18.157 1.00 11.69 ? 84  ILE B CA  1 
ATOM   1404 C C   . ILE B 1 74  ? 3.270   6.495   -17.106 1.00 10.78 ? 84  ILE B C   1 
ATOM   1405 O O   . ILE B 1 74  ? 3.659   6.836   -15.991 1.00 11.47 ? 84  ILE B O   1 
ATOM   1406 C CB  . ILE B 1 74  ? 4.850   4.621   -17.793 1.00 13.28 ? 84  ILE B CB  1 
ATOM   1407 C CG1 . ILE B 1 74  ? 5.744   4.073   -18.921 1.00 13.56 ? 84  ILE B CG1 1 
ATOM   1408 C CG2 . ILE B 1 74  ? 3.734   3.640   -17.584 1.00 15.05 ? 84  ILE B CG2 1 
ATOM   1409 C CD1 . ILE B 1 74  ? 6.584   2.816   -18.539 1.00 16.96 ? 84  ILE B CD1 1 
ATOM   1410 N N   . SER B 1 75  ? 1.998   6.562   -17.479 1.00 10.70 ? 85  SER B N   1 
ATOM   1411 C CA  . SER B 1 75  ? 0.934   7.037   -16.574 1.00 11.79 ? 85  SER B CA  1 
ATOM   1412 C C   . SER B 1 75  ? 0.731   6.058   -15.410 1.00 11.46 ? 85  SER B C   1 
ATOM   1413 O O   . SER B 1 75  ? 0.416   4.882   -15.653 1.00 11.93 ? 85  SER B O   1 
ATOM   1414 C CB  . SER B 1 75  ? -0.378  7.147   -17.346 1.00 14.29 ? 85  SER B CB  1 
ATOM   1415 O OG  . SER B 1 75  ? -0.363  8.296   -18.134 1.00 17.87 ? 85  SER B OG  1 
ATOM   1416 N N   . PRO B 1 76  ? 0.948   6.474   -14.179 1.00 10.65 ? 86  PRO B N   1 
ATOM   1417 C CA  . PRO B 1 76  ? 0.698   5.578   -13.047 1.00 10.97 ? 86  PRO B CA  1 
ATOM   1418 C C   . PRO B 1 76  ? -0.596  5.816   -12.307 1.00 10.63 ? 86  PRO B C   1 
ATOM   1419 O O   . PRO B 1 76  ? -1.183  6.901   -12.409 1.00 10.92 ? 86  PRO B O   1 
ATOM   1420 C CB  . PRO B 1 76  ? 1.836   5.956   -12.102 1.00 11.58 ? 86  PRO B CB  1 
ATOM   1421 C CG  . PRO B 1 76  ? 1.957   7.424   -12.263 1.00 12.28 ? 86  PRO B CG  1 
ATOM   1422 C CD  . PRO B 1 76  ? 1.608   7.715   -13.745 1.00 10.62 ? 86  PRO B CD  1 
ATOM   1423 N N   . PHE B 1 77  ? -1.007  4.853   -11.513 1.00 9.37  ? 87  PHE B N   1 
ATOM   1424 C CA  . PHE B 1 77  ? -2.225  4.987   -10.701 1.00 8.61  ? 87  PHE B CA  1 
ATOM   1425 C C   . PHE B 1 77  ? -1.960  5.536   -9.308  1.00 8.90  ? 87  PHE B C   1 
ATOM   1426 O O   . PHE B 1 77  ? -2.643  6.471   -8.848  1.00 9.29  ? 87  PHE B O   1 
ATOM   1427 C CB  . PHE B 1 77  ? -2.934  3.634   -10.572 1.00 9.13  ? 87  PHE B CB  1 
ATOM   1428 C CG  . PHE B 1 77  ? -4.163  3.710   -9.732  1.00 9.76  ? 87  PHE B CG  1 
ATOM   1429 C CD1 . PHE B 1 77  ? -5.295  4.280   -10.246 1.00 11.57 ? 87  PHE B CD1 1 
ATOM   1430 C CD2 . PHE B 1 77  ? -4.181  3.252   -8.413  1.00 10.97 ? 87  PHE B CD2 1 
ATOM   1431 C CE1 . PHE B 1 77  ? -6.468  4.399   -9.430  1.00 11.10 ? 87  PHE B CE1 1 
ATOM   1432 C CE2 . PHE B 1 77  ? -5.371  3.358   -7.622  1.00 11.83 ? 87  PHE B CE2 1 
ATOM   1433 C CZ  . PHE B 1 77  ? -6.468  3.922   -8.166  1.00 11.68 ? 87  PHE B CZ  1 
ATOM   1434 N N   . HIS B 1 78  ? -1.031  4.932   -8.583  1.00 8.24  ? 88  HIS B N   1 
ATOM   1435 C CA  . HIS B 1 78  ? -0.867  5.256   -7.165  1.00 7.99  ? 88  HIS B CA  1 
ATOM   1436 C C   . HIS B 1 78  ? -0.001  6.449   -6.929  1.00 8.04  ? 88  HIS B C   1 
ATOM   1437 O O   . HIS B 1 78  ? 0.860   6.789   -7.749  1.00 9.22  ? 88  HIS B O   1 
ATOM   1438 C CB  . HIS B 1 78  ? -0.236  4.071   -6.457  1.00 8.38  ? 88  HIS B CB  1 
ATOM   1439 C CG  . HIS B 1 78  ? -1.025  2.811   -6.620  1.00 9.01  ? 88  HIS B CG  1 
ATOM   1440 N ND1 . HIS B 1 78  ? -0.739  1.872   -7.593  1.00 9.98  ? 88  HIS B ND1 1 
ATOM   1441 C CD2 . HIS B 1 78  ? -2.036  2.303   -5.876  1.00 10.76 ? 88  HIS B CD2 1 
ATOM   1442 C CE1 . HIS B 1 78  ? -1.575  0.861   -7.459  1.00 10.70 ? 88  HIS B CE1 1 
ATOM   1443 N NE2 . HIS B 1 78  ? -2.404  1.113   -6.446  1.00 11.41 ? 88  HIS B NE2 1 
ATOM   1444 N N   . GLU B 1 79  ? -0.231  7.135   -5.814  1.00 8.24  ? 89  GLU B N   1 
ATOM   1445 C CA  . GLU B 1 79  ? 0.681   8.217   -5.395  1.00 9.77  ? 89  GLU B CA  1 
ATOM   1446 C C   . GLU B 1 79  ? 2.026   7.652   -4.957  1.00 11.28 ? 89  GLU B C   1 
ATOM   1447 O O   . GLU B 1 79  ? 3.092   8.238   -5.229  1.00 12.30 ? 89  GLU B O   1 
ATOM   1448 C CB  . GLU B 1 79  ? 0.065   9.015   -4.242  1.00 10.47 ? 89  GLU B CB  1 
ATOM   1449 C CG  . GLU B 1 79  ? -1.076  9.911   -4.654  1.00 12.48 ? 89  GLU B CG  1 
ATOM   1450 C CD  . GLU B 1 79  ? -0.684  10.959  -5.678  1.00 14.89 ? 89  GLU B CD  1 
ATOM   1451 O OE1 . GLU B 1 79  ? 0.165   11.797  -5.348  1.00 17.57 ? 89  GLU B OE1 1 
ATOM   1452 O OE2 . GLU B 1 79  ? -1.215  10.934  -6.778  1.00 15.12 ? 89  GLU B OE2 1 
ATOM   1453 N N   . HIS B 1 80  ? 1.978   6.532   -4.269  1.00 9.68  ? 90  HIS B N   1 
ATOM   1454 C CA  . HIS B 1 80  ? 3.157   5.877   -3.722  1.00 10.93 ? 90  HIS B CA  1 
ATOM   1455 C C   . HIS B 1 80  ? 2.716   4.541   -3.230  1.00 12.74 ? 90  HIS B C   1 
ATOM   1456 O O   . HIS B 1 80  ? 1.488   4.280   -3.169  1.00 13.37 ? 90  HIS B O   1 
ATOM   1457 C CB  . HIS B 1 80  ? 3.805   6.727   -2.594  1.00 13.98 ? 90  HIS B CB  1 
ATOM   1458 C CG  . HIS B 1 80  ? 2.868   7.073   -1.484  1.00 18.24 ? 90  HIS B CG  1 
ATOM   1459 N ND1 . HIS B 1 80  ? 2.243   8.298   -1.381  1.00 21.73 ? 90  HIS B ND1 1 
ATOM   1460 C CD2 . HIS B 1 80  ? 2.457   6.345   -0.420  1.00 22.12 ? 90  HIS B CD2 1 
ATOM   1461 C CE1 . HIS B 1 80  ? 1.480   8.310   -0.301  1.00 21.87 ? 90  HIS B CE1 1 
ATOM   1462 N NE2 . HIS B 1 80  ? 1.611   7.146   0.313   1.00 22.46 ? 90  HIS B NE2 1 
ATOM   1463 N N   . ALA B 1 81  ? 3.660   3.681   -2.881  1.00 13.38 ? 91  ALA B N   1 
ATOM   1464 C CA  . ALA B 1 81  ? 3.320   2.433   -2.200  1.00 14.79 ? 91  ALA B CA  1 
ATOM   1465 C C   . ALA B 1 81  ? 3.731   2.562   -0.759  1.00 16.64 ? 91  ALA B C   1 
ATOM   1466 O O   . ALA B 1 81  ? 4.899   2.895   -0.496  1.00 16.96 ? 91  ALA B O   1 
ATOM   1467 C CB  . ALA B 1 81  ? 3.980   1.253   -2.836  1.00 15.20 ? 91  ALA B CB  1 
ATOM   1468 N N   . GLU B 1 82  ? 2.819   2.330   0.168   1.00 15.94 ? 92  GLU B N   1 
ATOM   1469 C CA  . GLU B 1 82  ? 3.094   2.417   1.597   1.00 17.18 ? 92  GLU B CA  1 
ATOM   1470 C C   . GLU B 1 82  ? 3.148   1.036   2.177   1.00 16.37 ? 92  GLU B C   1 
ATOM   1471 O O   . GLU B 1 82  ? 2.333   0.167   1.810   1.00 18.76 ? 92  GLU B O   1 
ATOM   1472 C CB  . GLU B 1 82  ? 1.988   3.218   2.314   1.00 20.13 ? 92  GLU B CB  1 
ATOM   1473 C CG  . GLU B 1 82  ? 2.367   4.652   2.565   1.00 26.52 ? 92  GLU B CG  1 
ATOM   1474 C CD  . GLU B 1 82  ? 1.267   5.383   3.281   1.00 29.39 ? 92  GLU B CD  1 
ATOM   1475 O OE1 . GLU B 1 82  ? 0.737   4.821   4.282   1.00 33.08 ? 92  GLU B OE1 1 
ATOM   1476 O OE2 . GLU B 1 82  ? 0.930   6.501   2.857   1.00 31.56 ? 92  GLU B OE2 1 
ATOM   1477 N N   . VAL B 1 83  ? 4.108   0.794   3.060   1.00 12.99 ? 93  VAL B N   1 
ATOM   1478 C CA  . VAL B 1 83  ? 4.223   -0.505  3.731   1.00 11.83 ? 93  VAL B CA  1 
ATOM   1479 C C   . VAL B 1 83  ? 4.315   -0.205  5.221   1.00 10.25 ? 93  VAL B C   1 
ATOM   1480 O O   . VAL B 1 83  ? 5.234   0.509   5.647   1.00 11.58 ? 93  VAL B O   1 
ATOM   1481 C CB  . VAL B 1 83  ? 5.474   -1.238  3.265   1.00 12.40 ? 93  VAL B CB  1 
ATOM   1482 C CG1 . VAL B 1 83  ? 5.517   -2.555  3.960   1.00 12.75 ? 93  VAL B CG1 1 
ATOM   1483 C CG2 . VAL B 1 83  ? 5.463   -1.432  1.743   1.00 13.91 ? 93  VAL B CG2 1 
ATOM   1484 N N   . VAL B 1 84  ? 3.384   -0.682  6.016   1.00 8.55  ? 94  VAL B N   1 
ATOM   1485 C CA  . VAL B 1 84  ? 3.320   -0.351  7.442   1.00 9.57  ? 94  VAL B CA  1 
ATOM   1486 C C   . VAL B 1 84  ? 3.406   -1.632  8.264   1.00 9.53  ? 94  VAL B C   1 
ATOM   1487 O O   . VAL B 1 84  ? 2.670   -2.596  7.955   1.00 9.39  ? 94  VAL B O   1 
ATOM   1488 C CB  . VAL B 1 84  ? 2.025   0.443   7.808   1.00 10.54 ? 94  VAL B CB  1 
ATOM   1489 C CG1 . VAL B 1 84  ? 1.959   0.764   9.314   1.00 12.39 ? 94  VAL B CG1 1 
ATOM   1490 C CG2 . VAL B 1 84  ? 1.936   1.759   6.979   1.00 13.75 ? 94  VAL B CG2 1 
ATOM   1491 N N   . PHE B 1 85  ? 4.299   -1.705  9.245   1.00 10.10 ? 95  PHE B N   1 
ATOM   1492 C CA  . PHE B 1 85  ? 4.510   -2.945  9.958   1.00 10.23 ? 95  PHE B CA  1 
ATOM   1493 C C   . PHE B 1 85  ? 5.058   -2.664  11.329  1.00 12.00 ? 95  PHE B C   1 
ATOM   1494 O O   . PHE B 1 85  ? 5.633   -1.607  11.556  1.00 11.59 ? 95  PHE B O   1 
ATOM   1495 C CB  . PHE B 1 85  ? 5.496   -3.841  9.218   1.00 10.69 ? 95  PHE B CB  1 
ATOM   1496 C CG  . PHE B 1 85  ? 6.879   -3.261  9.091   1.00 10.51 ? 95  PHE B CG  1 
ATOM   1497 C CD1 . PHE B 1 85  ? 7.201   -2.352  8.086   1.00 11.79 ? 95  PHE B CD1 1 
ATOM   1498 C CD2 . PHE B 1 85  ? 7.845   -3.676  9.977   1.00 11.77 ? 95  PHE B CD2 1 
ATOM   1499 C CE1 . PHE B 1 85  ? 8.540   -1.819  7.997   1.00 12.74 ? 95  PHE B CE1 1 
ATOM   1500 C CE2 . PHE B 1 85  ? 9.117   -3.182  9.910   1.00 13.61 ? 95  PHE B CE2 1 
ATOM   1501 C CZ  . PHE B 1 85  ? 9.473   -2.269  8.901   1.00 12.35 ? 95  PHE B CZ  1 
ATOM   1502 N N   . THR B 1 86  ? 4.964   -3.637  12.209  1.00 12.54 ? 96  THR B N   1 
ATOM   1503 C CA  . THR B 1 86  ? 5.556   -3.525  13.537  1.00 12.85 ? 96  THR B CA  1 
ATOM   1504 C C   . THR B 1 86  ? 6.852   -4.265  13.529  1.00 14.49 ? 96  THR B C   1 
ATOM   1505 O O   . THR B 1 86  ? 6.901   -5.429  13.092  1.00 16.51 ? 96  THR B O   1 
ATOM   1506 C CB  . THR B 1 86  ? 4.597   -4.178  14.573  1.00 13.99 ? 96  THR B CB  1 
ATOM   1507 O OG1 . THR B 1 86  ? 3.410   -3.408  14.648  1.00 15.41 ? 96  THR B OG1 1 
ATOM   1508 C CG2 . THR B 1 86  ? 5.184   -4.072  16.014  1.00 15.73 ? 96  THR B CG2 1 
ATOM   1509 N N   . ALA B 1 87  ? 7.928   -3.627  14.010  1.00 13.79 ? 97  ALA B N   1 
ATOM   1510 C CA  . ALA B 1 87  ? 9.233   -4.280  14.150  1.00 14.77 ? 97  ALA B CA  1 
ATOM   1511 C C   . ALA B 1 87  ? 9.210   -5.044  15.476  1.00 16.38 ? 97  ALA B C   1 
ATOM   1512 O O   . ALA B 1 87  ? 8.719   -4.530  16.509  1.00 15.75 ? 97  ALA B O   1 
ATOM   1513 C CB  . ALA B 1 87  ? 10.360  -3.246  14.116  1.00 17.46 ? 97  ALA B CB  1 
ATOM   1514 N N   . ASN B 1 88  ? 9.713   -6.271  15.456  1.00 17.04 ? 98  ASN B N   1 
ATOM   1515 C CA  . ASN B 1 88  ? 9.555   -7.189  16.602  1.00 19.44 ? 98  ASN B CA  1 
ATOM   1516 C C   . ASN B 1 88  ? 10.885  -7.828  17.009  1.00 21.26 ? 98  ASN B C   1 
ATOM   1517 O O   . ASN B 1 88  ? 11.304  -7.715  18.194  1.00 20.70 ? 98  ASN B O   1 
ATOM   1518 C CB  . ASN B 1 88  ? 8.567   -8.313  16.261  1.00 21.71 ? 98  ASN B CB  1 
ATOM   1519 C CG  . ASN B 1 88  ? 8.033   -8.992  17.492  1.00 25.08 ? 98  ASN B CG  1 
ATOM   1520 O OD1 . ASN B 1 88  ? 8.794   -9.346  18.399  1.00 25.76 ? 98  ASN B OD1 1 
ATOM   1521 N ND2 . ASN B 1 88  ? 6.713   -9.102  17.575  1.00 26.77 ? 98  ASN B ND2 1 
ATOM   1522 N N   . ARG B 1 94  ? 16.593  -9.517  10.318  1.00 16.74 ? 104 ARG B N   1 
ATOM   1523 C CA  . ARG B 1 94  ? 16.884  -8.797  9.076   1.00 17.25 ? 104 ARG B CA  1 
ATOM   1524 C C   . ARG B 1 94  ? 15.581  -8.641  8.293   1.00 15.41 ? 104 ARG B C   1 
ATOM   1525 O O   . ARG B 1 94  ? 14.941  -9.638  7.988   1.00 16.57 ? 104 ARG B O   1 
ATOM   1526 C CB  . ARG B 1 94  ? 17.909  -9.572  8.234   1.00 19.82 ? 104 ARG B CB  1 
ATOM   1527 C CG  . ARG B 1 94  ? 18.334  -8.884  6.948   1.00 25.57 ? 104 ARG B CG  1 
ATOM   1528 C CD  . ARG B 1 94  ? 19.378  -9.663  6.141   1.00 29.78 ? 104 ARG B CD  1 
ATOM   1529 N NE  . ARG B 1 94  ? 20.228  -8.783  5.330   1.00 33.06 ? 104 ARG B NE  1 
ATOM   1530 C CZ  . ARG B 1 94  ? 19.883  -8.305  4.118   1.00 34.36 ? 104 ARG B CZ  1 
ATOM   1531 N NH1 . ARG B 1 94  ? 18.708  -8.615  3.562   1.00 36.28 ? 104 ARG B NH1 1 
ATOM   1532 N NH2 . ARG B 1 94  ? 20.715  -7.496  3.465   1.00 34.74 ? 104 ARG B NH2 1 
ATOM   1533 N N   . TYR B 1 95  ? 15.210  -7.406  7.988   1.00 14.37 ? 105 TYR B N   1 
ATOM   1534 C CA  . TYR B 1 95  ? 13.963  -7.102  7.278   1.00 14.18 ? 105 TYR B CA  1 
ATOM   1535 C C   . TYR B 1 95  ? 14.244  -6.613  5.873   1.00 12.35 ? 105 TYR B C   1 
ATOM   1536 O O   . TYR B 1 95  ? 14.925  -5.584  5.686   1.00 13.66 ? 105 TYR B O   1 
ATOM   1537 C CB  . TYR B 1 95  ? 13.189  -5.984  7.994   1.00 16.66 ? 105 TYR B CB  1 
ATOM   1538 C CG  . TYR B 1 95  ? 12.578  -6.380  9.319   1.00 17.46 ? 105 TYR B CG  1 
ATOM   1539 C CD1 . TYR B 1 95  ? 13.381  -6.710  10.435  1.00 19.77 ? 105 TYR B CD1 1 
ATOM   1540 C CD2 . TYR B 1 95  ? 11.206  -6.406  9.477   1.00 19.75 ? 105 TYR B CD2 1 
ATOM   1541 C CE1 . TYR B 1 95  ? 12.774  -7.091  11.636  1.00 21.30 ? 105 TYR B CE1 1 
ATOM   1542 C CE2 . TYR B 1 95  ? 10.615  -6.754  10.668  1.00 20.92 ? 105 TYR B CE2 1 
ATOM   1543 C CZ  . TYR B 1 95  ? 11.390  -7.110  11.727  1.00 20.18 ? 105 TYR B CZ  1 
ATOM   1544 O OH  . TYR B 1 95  ? 10.720  -7.474  12.880  1.00 22.60 ? 105 TYR B OH  1 
ATOM   1545 N N   . THR B 1 96  ? 13.772  -7.334  4.860   1.00 11.94 ? 106 THR B N   1 
ATOM   1546 C CA  . THR B 1 96  ? 13.820  -6.808  3.491   1.00 11.26 ? 106 THR B CA  1 
ATOM   1547 C C   . THR B 1 96  ? 12.390  -6.510  3.065   1.00 10.94 ? 106 THR B C   1 
ATOM   1548 O O   . THR B 1 96  ? 11.533  -7.406  3.109   1.00 12.21 ? 106 THR B O   1 
ATOM   1549 C CB  . THR B 1 96  ? 14.459  -7.819  2.496   1.00 12.89 ? 106 THR B CB  1 
ATOM   1550 O OG1 . THR B 1 96  ? 15.868  -7.916  2.765   1.00 15.94 ? 106 THR B OG1 1 
ATOM   1551 C CG2 . THR B 1 96  ? 14.369  -7.334  1.044   1.00 15.42 ? 106 THR B CG2 1 
ATOM   1552 N N   . ILE B 1 97  ? 12.153  -5.281  2.669   1.00 10.03 ? 107 ILE B N   1 
ATOM   1553 C CA  . ILE B 1 97  ? 10.847  -4.917  2.134   1.00 10.16 ? 107 ILE B CA  1 
ATOM   1554 C C   . ILE B 1 97  ? 11.028  -4.939  0.643   1.00 10.33 ? 107 ILE B C   1 
ATOM   1555 O O   . ILE B 1 97  ? 11.753  -4.103  0.089   1.00 10.78 ? 107 ILE B O   1 
ATOM   1556 C CB  . ILE B 1 97  ? 10.453  -3.519  2.614   1.00 11.43 ? 107 ILE B CB  1 
ATOM   1557 C CG1 . ILE B 1 97  ? 10.347  -3.453  4.140   1.00 13.93 ? 107 ILE B CG1 1 
ATOM   1558 C CG2 . ILE B 1 97  ? 9.125   -3.079  1.938   1.00 13.02 ? 107 ILE B CG2 1 
ATOM   1559 C CD1 . ILE B 1 97  ? 9.383   -4.440  4.803   1.00 14.70 ? 107 ILE B CD1 1 
ATOM   1560 N N   . ALA B 1 98  ? 10.446  -5.924  0.002   1.00 9.24  ? 108 ALA B N   1 
ATOM   1561 C CA  . ALA B 1 98  ? 10.481  -6.024  -1.449  1.00 9.31  ? 108 ALA B CA  1 
ATOM   1562 C C   . ALA B 1 98  ? 9.233   -5.448  -2.079  1.00 10.19 ? 108 ALA B C   1 
ATOM   1563 O O   . ALA B 1 98  ? 8.131   -5.544  -1.511  1.00 10.94 ? 108 ALA B O   1 
ATOM   1564 C CB  . ALA B 1 98  ? 10.666  -7.467  -1.892  1.00 10.06 ? 108 ALA B CB  1 
ATOM   1565 N N   . ALA B 1 99  ? 9.365   -4.863  -3.238  1.00 8.52  ? 109 ALA B N   1 
ATOM   1566 C CA  . ALA B 1 99  ? 8.204   -4.396  -3.963  1.00 8.14  ? 109 ALA B CA  1 
ATOM   1567 C C   . ALA B 1 99  ? 8.386   -4.643  -5.447  1.00 8.65  ? 109 ALA B C   1 
ATOM   1568 O O   . ALA B 1 99  ? 9.487   -4.490  -5.995  1.00 9.69  ? 109 ALA B O   1 
ATOM   1569 C CB  . ALA B 1 99  ? 7.995   -2.918  -3.675  1.00 9.24  ? 109 ALA B CB  1 
ATOM   1570 N N   . LEU B 1 100 ? 7.307   -4.997  -6.107  1.00 7.38  ? 110 LEU B N   1 
ATOM   1571 C CA  . LEU B 1 100 ? 7.266   -5.288  -7.528  1.00 7.59  ? 110 LEU B CA  1 
ATOM   1572 C C   . LEU B 1 100 ? 6.250   -4.348  -8.136  1.00 7.24  ? 110 LEU B C   1 
ATOM   1573 O O   . LEU B 1 100 ? 5.068   -4.394  -7.753  1.00 8.40  ? 110 LEU B O   1 
ATOM   1574 C CB  . LEU B 1 100 ? 6.843   -6.755  -7.756  1.00 7.65  ? 110 LEU B CB  1 
ATOM   1575 C CG  . LEU B 1 100 ? 6.644   -7.156  -9.221  1.00 7.47  ? 110 LEU B CG  1 
ATOM   1576 C CD1 . LEU B 1 100 ? 7.975   -7.105  -10.015 1.00 8.16  ? 110 LEU B CD1 1 
ATOM   1577 C CD2 . LEU B 1 100 ? 6.019   -8.551  -9.285  1.00 10.27 ? 110 LEU B CD2 1 
ATOM   1578 N N   . LEU B 1 101 ? 6.675   -3.515  -9.055  1.00 6.99  ? 111 LEU B N   1 
ATOM   1579 C CA  . LEU B 1 101 ? 5.894   -2.373  -9.512  1.00 6.63  ? 111 LEU B CA  1 
ATOM   1580 C C   . LEU B 1 101 ? 5.415   -2.505  -10.931 1.00 6.33  ? 111 LEU B C   1 
ATOM   1581 O O   . LEU B 1 101 ? 6.195   -2.765  -11.852 1.00 6.71  ? 111 LEU B O   1 
ATOM   1582 C CB  . LEU B 1 101 ? 6.746   -1.107  -9.448  1.00 7.35  ? 111 LEU B CB  1 
ATOM   1583 C CG  . LEU B 1 101 ? 7.381   -0.729  -8.138  1.00 7.66  ? 111 LEU B CG  1 
ATOM   1584 C CD1 . LEU B 1 101 ? 8.058   0.632   -8.279  1.00 9.77  ? 111 LEU B CD1 1 
ATOM   1585 C CD2 . LEU B 1 101 ? 6.389   -0.722  -6.981  1.00 7.49  ? 111 LEU B CD2 1 
ATOM   1586 N N   . SER B 1 102 ? 4.121   -2.286  -11.131 1.00 7.61  ? 112 SER B N   1 
ATOM   1587 C CA  . SER B 1 102 ? 3.514   -2.054  -12.421 1.00 6.92  ? 112 SER B CA  1 
ATOM   1588 C C   . SER B 1 102 ? 2.784   -0.711  -12.331 1.00 7.47  ? 112 SER B C   1 
ATOM   1589 O O   . SER B 1 102 ? 2.477   -0.233  -11.243 1.00 7.02  ? 112 SER B O   1 
ATOM   1590 C CB  . SER B 1 102 ? 2.509   -3.147  -12.756 1.00 7.71  ? 112 SER B CB  1 
ATOM   1591 O OG  . SER B 1 102 ? 3.198   -4.389  -12.908 1.00 8.60  ? 112 SER B OG  1 
ATOM   1592 N N   . PRO B 1 103 ? 2.439   -0.106  -13.454 1.00 7.08  ? 113 PRO B N   1 
ATOM   1593 C CA  . PRO B 1 103 ? 1.777   1.228   -13.372 1.00 7.73  ? 113 PRO B CA  1 
ATOM   1594 C C   . PRO B 1 103 ? 0.459   1.260   -12.601 1.00 7.22  ? 113 PRO B C   1 
ATOM   1595 O O   . PRO B 1 103 ? 0.225   2.231   -11.887 1.00 7.00  ? 113 PRO B O   1 
ATOM   1596 C CB  . PRO B 1 103 ? 1.556   1.585   -14.837 1.00 7.77  ? 113 PRO B CB  1 
ATOM   1597 C CG  . PRO B 1 103 ? 2.787   0.920   -15.494 1.00 7.82  ? 113 PRO B CG  1 
ATOM   1598 C CD  . PRO B 1 103 ? 2.849   -0.460  -14.830 1.00 9.00  ? 113 PRO B CD  1 
ATOM   1599 N N   . TYR B 1 104 ? -0.348  0.204   -12.681 1.00 6.78  ? 114 TYR B N   1 
ATOM   1600 C CA  . TYR B 1 104 ? -1.659  0.175   -12.038 1.00 7.25  ? 114 TYR B CA  1 
ATOM   1601 C C   . TYR B 1 104 ? -1.744  -0.926  -11.013 1.00 8.08  ? 114 TYR B C   1 
ATOM   1602 O O   . TYR B 1 104 ? -2.838  -1.267  -10.538 1.00 7.58  ? 114 TYR B O   1 
ATOM   1603 C CB  . TYR B 1 104 ? -2.791  0.047   -13.103 1.00 8.10  ? 114 TYR B CB  1 
ATOM   1604 C CG  . TYR B 1 104 ? -3.302  1.402   -13.577 1.00 7.89  ? 114 TYR B CG  1 
ATOM   1605 C CD1 . TYR B 1 104 ? -2.469  2.304   -14.286 1.00 10.88 ? 114 TYR B CD1 1 
ATOM   1606 C CD2 . TYR B 1 104 ? -4.571  1.839   -13.208 1.00 8.27  ? 114 TYR B CD2 1 
ATOM   1607 C CE1 . TYR B 1 104 ? -2.955  3.599   -14.665 1.00 11.56 ? 114 TYR B CE1 1 
ATOM   1608 C CE2 . TYR B 1 104 ? -5.040  3.104   -13.593 1.00 10.23 ? 114 TYR B CE2 1 
ATOM   1609 C CZ  . TYR B 1 104 ? -4.211  3.949   -14.273 1.00 12.42 ? 114 TYR B CZ  1 
ATOM   1610 O OH  . TYR B 1 104 ? -4.689  5.210   -14.633 1.00 15.37 ? 114 TYR B OH  1 
ATOM   1611 N N   . SER B 1 105 ? -0.598  -1.492  -10.598 1.00 7.35  ? 115 SER B N   1 
ATOM   1612 C CA  . SER B 1 105 ? -0.603  -2.581  -9.626  1.00 8.82  ? 115 SER B CA  1 
ATOM   1613 C C   . SER B 1 105 ? 0.725   -2.695  -8.970  1.00 8.26  ? 115 SER B C   1 
ATOM   1614 O O   . SER B 1 105 ? 1.767   -2.467  -9.648  1.00 8.93  ? 115 SER B O   1 
ATOM   1615 C CB  . SER B 1 105 ? -0.925  -3.903  -10.359 1.00 10.44 ? 115 SER B CB  1 
ATOM   1616 O OG  . SER B 1 105 ? -1.057  -4.970  -9.476  1.00 12.11 ? 115 SER B OG  1 
ATOM   1617 N N   . TYR B 1 106 ? 0.767   -3.052  -7.712  1.00 7.01  ? 116 TYR B N   1 
ATOM   1618 C CA  . TYR B 1 106 ? 2.060   -3.452  -7.129  1.00 7.63  ? 116 TYR B CA  1 
ATOM   1619 C C   . TYR B 1 106 ? 1.895   -4.514  -6.106  1.00 7.91  ? 116 TYR B C   1 
ATOM   1620 O O   . TYR B 1 106 ? 0.814   -4.686  -5.539  1.00 7.28  ? 116 TYR B O   1 
ATOM   1621 C CB  . TYR B 1 106 ? 2.817   -2.262  -6.536  1.00 8.31  ? 116 TYR B CB  1 
ATOM   1622 C CG  . TYR B 1 106 ? 2.126   -1.580  -5.379  1.00 9.48  ? 116 TYR B CG  1 
ATOM   1623 C CD1 . TYR B 1 106 ? 2.266   -2.016  -4.093  1.00 8.63  ? 116 TYR B CD1 1 
ATOM   1624 C CD2 . TYR B 1 106 ? 1.346   -0.459  -5.588  1.00 9.65  ? 116 TYR B CD2 1 
ATOM   1625 C CE1 . TYR B 1 106 ? 1.585   -1.368  -3.037  1.00 10.65 ? 116 TYR B CE1 1 
ATOM   1626 C CE2 . TYR B 1 106 ? 0.693   0.160   -4.573  1.00 11.49 ? 116 TYR B CE2 1 
ATOM   1627 C CZ  . TYR B 1 106 ? 0.819   -0.288  -3.322  1.00 10.68 ? 116 TYR B CZ  1 
ATOM   1628 O OH  . TYR B 1 106 ? 0.189   0.372   -2.279  1.00 14.00 ? 116 TYR B OH  1 
ATOM   1629 N N   . SER B 1 107 ? 2.958   -5.264  -5.809  1.00 7.58  ? 117 SER B N   1 
ATOM   1630 C CA  . SER B 1 107 ? 2.949   -6.151  -4.659  1.00 8.33  ? 117 SER B CA  1 
ATOM   1631 C C   . SER B 1 107 ? 4.091   -5.770  -3.751  1.00 8.25  ? 117 SER B C   1 
ATOM   1632 O O   . SER B 1 107 ? 5.110   -5.179  -4.208  1.00 8.32  ? 117 SER B O   1 
ATOM   1633 C CB  . SER B 1 107 ? 3.049   -7.631  -5.013  1.00 9.30  ? 117 SER B CB  1 
ATOM   1634 O OG  . SER B 1 107 ? 4.313   -7.896  -5.637  1.00 10.82 ? 117 SER B OG  1 
ATOM   1635 N N   . THR B 1 108 ? 3.954   -6.090  -2.497  1.00 8.18  ? 118 THR B N   1 
ATOM   1636 C CA  . THR B 1 108 ? 5.022   -5.914  -1.536  1.00 9.14  ? 118 THR B CA  1 
ATOM   1637 C C   . THR B 1 108 ? 5.108   -7.113  -0.608  1.00 9.32  ? 118 THR B C   1 
ATOM   1638 O O   . THR B 1 108 ? 4.077   -7.664  -0.208  1.00 10.70 ? 118 THR B O   1 
ATOM   1639 C CB  . THR B 1 108 ? 4.884   -4.585  -0.814  1.00 10.05 ? 118 THR B CB  1 
ATOM   1640 O OG1 . THR B 1 108 ? 6.043   -4.430  0.027   1.00 11.67 ? 118 THR B OG1 1 
ATOM   1641 C CG2 . THR B 1 108 ? 3.673   -4.546  0.133   1.00 11.15 ? 118 THR B CG2 1 
ATOM   1642 N N   . THR B 1 109 ? 6.324   -7.583  -0.361  1.00 9.16  ? 119 THR B N   1 
ATOM   1643 C CA  . THR B 1 109 ? 6.568   -8.821  0.365   1.00 9.50  ? 119 THR B CA  1 
ATOM   1644 C C   . THR B 1 109 ? 7.618   -8.476  1.416   1.00 9.72  ? 119 THR B C   1 
ATOM   1645 O O   . THR B 1 109 ? 8.587   -7.758  1.140   1.00 11.06 ? 119 THR B O   1 
ATOM   1646 C CB  . THR B 1 109 ? 7.107   -9.854  -0.566  1.00 10.15 ? 119 THR B CB  1 
ATOM   1647 O OG1 . THR B 1 109 ? 6.119   -10.114 -1.591  1.00 11.06 ? 119 THR B OG1 1 
ATOM   1648 C CG2 . THR B 1 109 ? 7.346   -11.170 0.195   1.00 9.97  ? 119 THR B CG2 1 
ATOM   1649 N N   . ALA B 1 110 ? 7.425   -8.937  2.611   1.00 8.67  ? 120 ALA B N   1 
ATOM   1650 C CA  . ALA B 1 110 ? 8.448   -8.842  3.674   1.00 8.71  ? 120 ALA B CA  1 
ATOM   1651 C C   . ALA B 1 110 ? 9.240   -10.143 3.736   1.00 9.65  ? 120 ALA B C   1 
ATOM   1652 O O   . ALA B 1 110 ? 8.655   -11.210 3.815   1.00 10.01 ? 120 ALA B O   1 
ATOM   1653 C CB  . ALA B 1 110 ? 7.775   -8.576  4.971   1.00 10.03 ? 120 ALA B CB  1 
ATOM   1654 N N   . VAL B 1 111 ? 10.556  -10.069 3.554   1.00 10.02 ? 121 VAL B N   1 
ATOM   1655 C CA  . VAL B 1 111 ? 11.441  -11.215 3.694   1.00 10.88 ? 121 VAL B CA  1 
ATOM   1656 C C   . VAL B 1 111 ? 12.223  -10.980 4.995   1.00 11.21 ? 121 VAL B C   1 
ATOM   1657 O O   . VAL B 1 111 ? 13.054  -10.056 5.100   1.00 12.09 ? 121 VAL B O   1 
ATOM   1658 C CB  . VAL B 1 111 ? 12.367  -11.362 2.497   1.00 11.59 ? 121 VAL B CB  1 
ATOM   1659 C CG1 . VAL B 1 111 ? 13.106  -12.702 2.576   1.00 13.31 ? 121 VAL B CG1 1 
ATOM   1660 C CG2 . VAL B 1 111 ? 11.581  -11.238 1.187   1.00 11.71 ? 121 VAL B CG2 1 
ATOM   1661 N N   . VAL B 1 112 ? 11.884  -11.748 6.010   1.00 10.49 ? 122 VAL B N   1 
ATOM   1662 C CA  . VAL B 1 112 ? 12.402  -11.517 7.358   1.00 12.82 ? 122 VAL B CA  1 
ATOM   1663 C C   . VAL B 1 112 ? 13.223  -12.741 7.724   1.00 14.02 ? 122 VAL B C   1 
ATOM   1664 O O   . VAL B 1 112 ? 12.683  -13.837 7.822   1.00 13.94 ? 122 VAL B O   1 
ATOM   1665 C CB  . VAL B 1 112 ? 11.240  -11.344 8.361   1.00 12.49 ? 122 VAL B CB  1 
ATOM   1666 C CG1 . VAL B 1 112 ? 11.764  -11.056 9.806   1.00 15.05 ? 122 VAL B CG1 1 
ATOM   1667 C CG2 . VAL B 1 112 ? 10.347  -10.182 7.895   1.00 14.01 ? 122 VAL B CG2 1 
ATOM   1668 N N   . THR B 1 113 ? 14.530  -12.546 7.888   1.00 15.64 ? 123 THR B N   1 
ATOM   1669 C CA  . THR B 1 113 ? 15.447  -13.685 8.083   1.00 17.60 ? 123 THR B CA  1 
ATOM   1670 C C   . THR B 1 113 ? 16.445  -13.458 9.216   1.00 19.46 ? 123 THR B C   1 
ATOM   1671 O O   . THR B 1 113 ? 16.613  -12.304 9.645   1.00 19.96 ? 123 THR B O   1 
ATOM   1672 C CB  . THR B 1 113 ? 16.233  -13.981 6.795   1.00 18.23 ? 123 THR B CB  1 
ATOM   1673 O OG1 . THR B 1 113 ? 16.951  -12.811 6.393   1.00 20.10 ? 123 THR B OG1 1 
ATOM   1674 C CG2 . THR B 1 113 ? 15.300  -14.275 5.601   1.00 19.86 ? 123 THR B CG2 1 
HETATM 1675 O O   . HOH C 2 .   ? -1.998  -9.382  3.890   1.00 9.06  ? 128 HOH A O   1 
HETATM 1676 O O   . HOH C 2 .   ? -1.677  -7.852  7.527   1.00 8.76  ? 129 HOH A O   1 
HETATM 1677 O O   . HOH C 2 .   ? -10.473 -6.435  8.990   1.00 12.00 ? 130 HOH A O   1 
HETATM 1678 O O   . HOH C 2 .   ? 0.373   -8.854  5.862   1.00 10.01 ? 131 HOH A O   1 
HETATM 1679 O O   . HOH C 2 .   ? -0.734  -12.214 -1.877  1.00 11.93 ? 132 HOH A O   1 
HETATM 1680 O O   . HOH C 2 .   ? -2.922  -18.347 16.750  1.00 11.58 ? 133 HOH A O   1 
HETATM 1681 O O   . HOH C 2 .   ? -4.643  -0.536  -6.005  1.00 12.28 ? 134 HOH A O   1 
HETATM 1682 O O   . HOH C 2 .   ? -11.309 20.022  -3.319  1.00 14.02 ? 135 HOH A O   1 
HETATM 1683 O O   . HOH C 2 .   ? 1.359   -2.012  4.399   1.00 13.18 ? 136 HOH A O   1 
HETATM 1684 O O   . HOH C 2 .   ? -4.700  -14.384 16.674  1.00 15.36 ? 137 HOH A O   1 
HETATM 1685 O O   . HOH C 2 .   ? -4.722  7.844   -10.237 1.00 15.86 ? 138 HOH A O   1 
HETATM 1686 O O   . HOH C 2 .   ? -11.190 -22.015 -1.904  1.00 15.31 ? 139 HOH A O   1 
HETATM 1687 O O   . HOH C 2 .   ? -21.147 -4.364  0.134   1.00 14.53 ? 140 HOH A O   1 
HETATM 1688 O O   . HOH C 2 .   ? -0.525  -15.950 15.559  1.00 15.19 ? 141 HOH A O   1 
HETATM 1689 O O   . HOH C 2 .   ? 1.329   -16.477 12.558  1.00 22.35 ? 142 HOH A O   1 
HETATM 1690 O O   . HOH C 2 .   ? 1.369   -10.658 -2.764  1.00 16.52 ? 143 HOH A O   1 
HETATM 1691 O O   . HOH C 2 .   ? -7.728  15.652  -2.091  1.00 16.97 ? 144 HOH A O   1 
HETATM 1692 O O   . HOH C 2 .   ? 1.288   -9.581  13.589  1.00 18.17 ? 145 HOH A O   1 
HETATM 1693 O O   . HOH C 2 .   ? 2.705   -5.486  11.958  1.00 15.67 ? 146 HOH A O   1 
HETATM 1694 O O   . HOH C 2 .   ? -12.415 -14.930 4.446   1.00 18.15 ? 147 HOH A O   1 
HETATM 1695 O O   . HOH C 2 .   ? -8.227  8.197   -12.964 1.00 19.51 ? 148 HOH A O   1 
HETATM 1696 O O   . HOH C 2 .   ? -19.178 3.552   -4.262  1.00 18.93 ? 149 HOH A O   1 
HETATM 1697 O O   . HOH C 2 .   ? -4.021  -7.364  -6.759  1.00 18.58 ? 150 HOH A O   1 
HETATM 1698 O O   . HOH C 2 .   ? -13.070 6.795   7.058   1.00 19.00 ? 151 HOH A O   1 
HETATM 1699 O O   . HOH C 2 .   ? -11.038 15.827  2.100   1.00 17.21 ? 152 HOH A O   1 
HETATM 1700 O O   . HOH C 2 .   ? -10.917 -13.129 9.504   1.00 18.78 ? 153 HOH A O   1 
HETATM 1701 O O   . HOH C 2 .   ? -10.622 21.042  1.987   1.00 20.00 ? 154 HOH A O   1 
HETATM 1702 O O   . HOH C 2 .   ? -8.979  -9.885  14.663  1.00 20.61 ? 155 HOH A O   1 
HETATM 1703 O O   . HOH C 2 .   ? -11.422 -8.973  9.565   1.00 19.57 ? 156 HOH A O   1 
HETATM 1704 O O   . HOH C 2 .   ? -20.420 -5.458  2.644   1.00 22.30 ? 157 HOH A O   1 
HETATM 1705 O O   . HOH C 2 .   ? -16.608 8.810   -10.298 1.00 23.24 ? 158 HOH A O   1 
HETATM 1706 O O   . HOH C 2 .   ? -12.631 5.942   9.421   1.00 18.21 ? 159 HOH A O   1 
HETATM 1707 O O   . HOH C 2 .   ? -0.425  11.577  -0.571  1.00 20.12 ? 160 HOH A O   1 
HETATM 1708 O O   . HOH C 2 .   ? -5.346  -19.659 9.410   1.00 19.34 ? 161 HOH A O   1 
HETATM 1709 O O   . HOH C 2 .   ? -13.661 -0.460  -12.731 1.00 23.22 ? 162 HOH A O   1 
HETATM 1710 O O   . HOH C 2 .   ? -20.427 0.630   4.484   1.00 21.65 ? 163 HOH A O   1 
HETATM 1711 O O   . HOH C 2 .   ? -16.949 15.691  -1.355  1.00 23.64 ? 164 HOH A O   1 
HETATM 1712 O O   . HOH C 2 .   ? -21.361 10.098  3.005   1.00 20.90 ? 165 HOH A O   1 
HETATM 1713 O O   . HOH C 2 .   ? -19.648 8.284   1.650   1.00 18.89 ? 166 HOH A O   1 
HETATM 1714 O O   . HOH C 2 .   ? 5.358   -7.280  11.538  1.00 22.16 ? 167 HOH A O   1 
HETATM 1715 O O   . HOH C 2 .   ? -10.316 10.826  -14.075 1.00 24.26 ? 168 HOH A O   1 
HETATM 1716 O O   . HOH C 2 .   ? -9.095  -23.371 0.509   1.00 26.98 ? 169 HOH A O   1 
HETATM 1717 O O   . HOH C 2 .   ? -13.953 -6.418  10.521  1.00 20.95 ? 170 HOH A O   1 
HETATM 1718 O O   . HOH C 2 .   ? 9.090   -13.876 10.632  1.00 26.26 ? 171 HOH A O   1 
HETATM 1719 O O   . HOH C 2 .   ? -8.005  -9.270  -5.461  1.00 24.48 ? 172 HOH A O   1 
HETATM 1720 O O   . HOH C 2 .   ? -1.746  -6.638  4.062   1.00 23.09 ? 173 HOH A O   1 
HETATM 1721 O O   . HOH C 2 .   ? -11.790 -5.455  11.623  1.00 23.79 ? 174 HOH A O   1 
HETATM 1722 O O   . HOH C 2 .   ? -19.462 8.355   4.552   1.00 21.87 ? 175 HOH A O   1 
HETATM 1723 O O   . HOH C 2 .   ? 0.154   -7.526  17.426  1.00 35.16 ? 176 HOH A O   1 
HETATM 1724 O O   . HOH C 2 .   ? -10.012 19.566  -0.641  1.00 26.50 ? 177 HOH A O   1 
HETATM 1725 O O   . HOH C 2 .   ? -13.707 14.456  2.582   1.00 30.48 ? 178 HOH A O   1 
HETATM 1726 O O   . HOH C 2 .   ? -2.810  14.675  -7.218  1.00 28.66 ? 179 HOH A O   1 
HETATM 1727 O O   . HOH C 2 .   ? -15.403 -0.517  -10.712 1.00 23.15 ? 180 HOH A O   1 
HETATM 1728 O O   . HOH C 2 .   ? 1.700   -13.527 17.798  1.00 33.51 ? 181 HOH A O   1 
HETATM 1729 O O   . HOH C 2 .   ? -22.461 -10.870 2.659   1.00 28.39 ? 182 HOH A O   1 
HETATM 1730 O O   . HOH C 2 .   ? -16.547 5.633   9.357   1.00 27.84 ? 183 HOH A O   1 
HETATM 1731 O O   . HOH C 2 .   ? -3.735  -0.139  10.726  1.00 35.14 ? 184 HOH A O   1 
HETATM 1732 O O   . HOH C 2 .   ? -10.289 -0.014  -18.270 1.00 31.98 ? 185 HOH A O   1 
HETATM 1733 O O   . HOH C 2 .   ? -14.688 -16.956 1.632   1.00 30.03 ? 186 HOH A O   1 
HETATM 1734 O O   . HOH C 2 .   ? -0.874  5.925   7.501   1.00 33.87 ? 187 HOH A O   1 
HETATM 1735 O O   . HOH C 2 .   ? -4.938  -16.826 17.696  1.00 15.48 ? 188 HOH A O   1 
HETATM 1736 O O   . HOH C 2 .   ? 1.589   -10.979 -5.325  1.00 15.52 ? 189 HOH A O   1 
HETATM 1737 O O   . HOH C 2 .   ? -4.214  -18.834 6.881   1.00 19.21 ? 190 HOH A O   1 
HETATM 1738 O O   . HOH C 2 .   ? -15.726 7.379   7.338   1.00 20.10 ? 191 HOH A O   1 
HETATM 1739 O O   . HOH C 2 .   ? -22.417 7.774   1.773   1.00 27.65 ? 192 HOH A O   1 
HETATM 1740 O O   . HOH C 2 .   ? -5.384  -6.620  14.755  1.00 28.31 ? 193 HOH A O   1 
HETATM 1741 O O   . HOH C 2 .   ? -9.792  9.124   11.312  1.00 37.02 ? 194 HOH A O   1 
HETATM 1742 O O   . HOH C 2 .   ? -2.314  -10.926 19.145  1.00 33.84 ? 195 HOH A O   1 
HETATM 1743 O O   . HOH C 2 .   ? -5.339  -12.457 18.654  1.00 29.96 ? 196 HOH A O   1 
HETATM 1744 O O   . HOH C 2 .   ? -12.272 -15.020 11.101  1.00 32.02 ? 197 HOH A O   1 
HETATM 1745 O O   . HOH D 2 .   ? 3.710   1.046   -9.047  1.00 8.27  ? 128 HOH B O   1 
HETATM 1746 O O   . HOH D 2 .   ? 2.617   4.998   -8.861  1.00 8.92  ? 129 HOH B O   1 
HETATM 1747 O O   . HOH D 2 .   ? 1.191   2.700   -9.321  1.00 9.53  ? 130 HOH B O   1 
HETATM 1748 O O   . HOH D 2 .   ? 6.613   -8.237  -3.821  1.00 9.29  ? 131 HOH B O   1 
HETATM 1749 O O   . HOH D 2 .   ? -0.810  2.988   -2.616  1.00 12.29 ? 132 HOH B O   1 
HETATM 1750 O O   . HOH D 2 .   ? 20.407  6.703   -1.217  1.00 16.98 ? 133 HOH B O   1 
HETATM 1751 O O   . HOH D 2 .   ? 6.239   -5.598  2.486   1.00 13.60 ? 134 HOH B O   1 
HETATM 1752 O O   . HOH D 2 .   ? 10.922  7.694   -6.925  1.00 13.49 ? 135 HOH B O   1 
HETATM 1753 O O   . HOH D 2 .   ? 15.304  -5.943  -18.844 1.00 16.55 ? 136 HOH B O   1 
HETATM 1754 O O   . HOH D 2 .   ? -0.345  3.311   -17.748 1.00 15.81 ? 137 HOH B O   1 
HETATM 1755 O O   . HOH D 2 .   ? 0.969   -6.284  -8.448  1.00 16.63 ? 138 HOH B O   1 
HETATM 1756 O O   . HOH D 2 .   ? -0.452  2.231   11.977  1.00 21.16 ? 139 HOH B O   1 
HETATM 1757 O O   . HOH D 2 .   ? 8.052   -3.500  -21.599 1.00 43.71 ? 140 HOH B O   1 
HETATM 1758 O O   . HOH D 2 .   ? 1.113   5.989   -20.163 1.00 20.38 ? 141 HOH B O   1 
HETATM 1759 O O   . HOH D 2 .   ? 11.885  9.922   6.022   1.00 20.68 ? 142 HOH B O   1 
HETATM 1760 O O   . HOH D 2 .   ? 19.435  -0.786  7.562   1.00 19.56 ? 143 HOH B O   1 
HETATM 1761 O O   . HOH D 2 .   ? 15.743  -10.801 5.013   1.00 19.27 ? 144 HOH B O   1 
HETATM 1762 O O   . HOH D 2 .   ? 21.237  3.256   -2.753  1.00 18.83 ? 145 HOH B O   1 
HETATM 1763 O O   . HOH D 2 .   ? 6.416   3.301   16.902  1.00 22.04 ? 146 HOH B O   1 
HETATM 1764 O O   . HOH D 2 .   ? 22.024  1.359   -0.845  1.00 23.35 ? 147 HOH B O   1 
HETATM 1765 O O   . HOH D 2 .   ? -6.111  6.540   -12.504 1.00 22.43 ? 148 HOH B O   1 
HETATM 1766 O O   . HOH D 2 .   ? 9.772   11.476  -18.258 1.00 22.70 ? 149 HOH B O   1 
HETATM 1767 O O   . HOH D 2 .   ? 24.135  2.305   -7.691  1.00 21.16 ? 150 HOH B O   1 
HETATM 1768 O O   . HOH D 2 .   ? 12.167  7.821   -9.474  1.00 20.66 ? 151 HOH B O   1 
HETATM 1769 O O   . HOH D 2 .   ? 10.851  -7.129  -5.409  1.00 24.20 ? 152 HOH B O   1 
HETATM 1770 O O   . HOH D 2 .   ? 13.448  -6.033  14.755  1.00 27.25 ? 153 HOH B O   1 
HETATM 1771 O O   . HOH D 2 .   ? 1.773   12.408  10.488  1.00 24.13 ? 154 HOH B O   1 
HETATM 1772 O O   . HOH D 2 .   ? 13.011  -3.984  -21.100 1.00 27.06 ? 155 HOH B O   1 
HETATM 1773 O O   . HOH D 2 .   ? 9.854   11.865  -11.736 1.00 25.48 ? 156 HOH B O   1 
HETATM 1774 O O   . HOH D 2 .   ? -7.237  4.856   -16.232 1.00 23.65 ? 157 HOH B O   1 
HETATM 1775 O O   . HOH D 2 .   ? 11.407  -10.225 13.654  1.00 26.75 ? 158 HOH B O   1 
HETATM 1776 O O   . HOH D 2 .   ? 0.929   12.251  -2.824  1.00 24.69 ? 159 HOH B O   1 
HETATM 1777 O O   . HOH D 2 .   ? 13.063  -4.165  16.434  1.00 22.05 ? 160 HOH B O   1 
HETATM 1778 O O   . HOH D 2 .   ? -0.691  10.275  -15.995 1.00 23.07 ? 161 HOH B O   1 
HETATM 1779 O O   . HOH D 2 .   ? 2.610   -6.464  -10.387 1.00 28.08 ? 162 HOH B O   1 
HETATM 1780 O O   . HOH D 2 .   ? 3.124   6.693   -21.994 1.00 27.86 ? 163 HOH B O   1 
HETATM 1781 O O   . HOH D 2 .   ? 16.261  8.536   12.827  1.00 26.28 ? 164 HOH B O   1 
HETATM 1782 O O   . HOH D 2 .   ? 7.033   -5.236  18.651  1.00 26.44 ? 165 HOH B O   1 
HETATM 1783 O O   . HOH D 2 .   ? 12.410  13.010  12.739  1.00 34.61 ? 166 HOH B O   1 
HETATM 1784 O O   . HOH D 2 .   ? 6.646   -0.852  -22.043 1.00 31.25 ? 167 HOH B O   1 
HETATM 1785 O O   . HOH D 2 .   ? 2.012   -2.727  16.923  1.00 29.84 ? 168 HOH B O   1 
HETATM 1786 O O   . HOH D 2 .   ? 18.488  12.701  -6.240  1.00 39.67 ? 169 HOH B O   1 
HETATM 1787 O O   . HOH D 2 .   ? 22.806  -1.801  -3.918  1.00 35.29 ? 170 HOH B O   1 
HETATM 1788 O O   . HOH D 2 .   ? 0.371   -0.313  0.341   1.00 18.45 ? 171 HOH B O   1 
HETATM 1789 O O   . HOH D 2 .   ? 4.567   12.153  20.282  1.00 33.60 ? 172 HOH B O   1 
HETATM 1790 O O   . HOH D 2 .   ? 5.186   12.411  -8.175  1.00 30.24 ? 173 HOH B O   1 
HETATM 1791 O O   . HOH D 2 .   ? 23.427  3.812   -4.191  1.00 27.79 ? 174 HOH B O   1 
HETATM 1792 O O   . HOH D 2 .   ? 8.921   -8.701  -5.336  1.00 25.71 ? 175 HOH B O   1 
HETATM 1793 O O   . HOH D 2 .   ? 21.771  0.063   -14.722 1.00 37.98 ? 176 HOH B O   1 
HETATM 1794 O O   . HOH D 2 .   ? 5.690   2.676   19.624  1.00 40.32 ? 177 HOH B O   1 
HETATM 1795 O O   . HOH D 2 .   ? 14.573  4.937   -13.152 1.00 31.49 ? 178 HOH B O   1 
HETATM 1796 O O   . HOH D 2 .   ? 4.718   13.863  -15.738 1.00 16.20 ? 179 HOH B O   1 
HETATM 1797 O O   . HOH D 2 .   ? 16.443  -10.208 -8.338  1.00 29.67 ? 180 HOH B O   1 
HETATM 1798 O O   . HOH D 2 .   ? 6.847   -0.127  20.778  1.00 37.40 ? 181 HOH B O   1 
HETATM 1799 O O   . HOH D 2 .   ? -2.340  9.131   -8.211  1.00 13.95 ? 182 HOH B O   1 
# 
loop_
_pdbx_poly_seq_scheme.asym_id 
_pdbx_poly_seq_scheme.entity_id 
_pdbx_poly_seq_scheme.seq_id 
_pdbx_poly_seq_scheme.mon_id 
_pdbx_poly_seq_scheme.ndb_seq_num 
_pdbx_poly_seq_scheme.pdb_seq_num 
_pdbx_poly_seq_scheme.auth_seq_num 
_pdbx_poly_seq_scheme.pdb_mon_id 
_pdbx_poly_seq_scheme.auth_mon_id 
_pdbx_poly_seq_scheme.pdb_strand_id 
_pdbx_poly_seq_scheme.pdb_ins_code 
_pdbx_poly_seq_scheme.hetero 
A 1 1   PRO 1   11  11  PRO PRO A . n 
A 1 2   LEU 2   12  12  LEU LEU A . n 
A 1 3   MET 3   13  13  MET MET A . n 
A 1 4   VAL 4   14  14  VAL VAL A . n 
A 1 5   LYS 5   15  15  LYS LYS A . n 
A 1 6   VAL 6   16  16  VAL VAL A . n 
A 1 7   LEU 7   17  17  LEU LEU A . n 
A 1 8   ASP 8   18  18  ASP ASP A . n 
A 1 9   ALA 9   19  19  ALA ALA A . n 
A 1 10  VAL 10  20  20  VAL VAL A . n 
A 1 11  ARG 11  21  21  ARG ARG A . n 
A 1 12  GLY 12  22  22  GLY GLY A . n 
A 1 13  SER 13  23  23  SER SER A . n 
A 1 14  PRO 14  24  24  PRO PRO A . n 
A 1 15  ALA 15  25  25  ALA ALA A . n 
A 1 16  ILE 16  26  26  ILE ILE A . n 
A 1 17  ASN 17  27  27  ASN ASN A . n 
A 1 18  VAL 18  28  28  VAL VAL A . n 
A 1 19  ALA 19  29  29  ALA ALA A . n 
A 1 20  VAL 20  30  30  VAL VAL A . n 
A 1 21  HIS 21  31  31  HIS HIS A . n 
A 1 22  VAL 22  32  32  VAL VAL A . n 
A 1 23  PHE 23  33  33  PHE PHE A . n 
A 1 24  ARG 24  34  34  ARG ARG A . n 
A 1 25  LYS 25  35  35  LYS LYS A . n 
A 1 26  ALA 26  36  36  ALA ALA A . n 
A 1 27  ALA 27  37  ?   ?   ?   A . n 
A 1 28  ASP 28  38  ?   ?   ?   A . n 
A 1 29  ASP 29  39  39  ASP ASP A . n 
A 1 30  THR 30  40  40  THR THR A . n 
A 1 31  TRP 31  41  41  TRP TRP A . n 
A 1 32  GLU 32  42  42  GLU GLU A . n 
A 1 33  PRO 33  43  43  PRO PRO A . n 
A 1 34  PHE 34  44  44  PHE PHE A . n 
A 1 35  ALA 35  45  45  ALA ALA A . n 
A 1 36  SER 36  46  46  SER SER A . n 
A 1 37  GLY 37  47  47  GLY GLY A . n 
A 1 38  LYS 38  48  48  LYS LYS A . n 
A 1 39  THR 39  49  49  THR THR A . n 
A 1 40  SER 40  50  50  SER SER A . n 
A 1 41  GLU 41  51  51  GLU GLU A . n 
A 1 42  SER 42  52  52  SER SER A . n 
A 1 43  GLY 43  53  53  GLY GLY A . n 
A 1 44  GLU 44  54  54  GLU GLU A . n 
A 1 45  LEU 45  55  55  LEU LEU A . n 
A 1 46  HIS 46  56  56  HIS HIS A . n 
A 1 47  GLY 47  57  57  GLY GLY A . n 
A 1 48  LEU 48  58  58  LEU LEU A . n 
A 1 49  THR 49  59  59  THR THR A . n 
A 1 50  THR 50  60  60  THR THR A . n 
A 1 51  GLU 51  61  ?   ?   ?   A . n 
A 1 52  GLU 52  62  62  GLU GLU A . n 
A 1 53  GLU 53  63  63  GLU GLU A . n 
A 1 54  PHE 54  64  64  PHE PHE A . n 
A 1 55  VAL 55  65  65  VAL VAL A . n 
A 1 56  GLU 56  66  66  GLU GLU A . n 
A 1 57  GLY 57  67  67  GLY GLY A . n 
A 1 58  ILE 58  68  68  ILE ILE A . n 
A 1 59  TYR 59  69  69  TYR TYR A . n 
A 1 60  LYS 60  70  70  LYS LYS A . n 
A 1 61  VAL 61  71  71  VAL VAL A . n 
A 1 62  GLU 62  72  72  GLU GLU A . n 
A 1 63  ILE 63  73  73  ILE ILE A . n 
A 1 64  ASP 64  74  74  ASP ASP A . n 
A 1 65  THR 65  75  75  THR THR A . n 
A 1 66  LYS 66  76  76  LYS LYS A . n 
A 1 67  SER 67  77  77  SER SER A . n 
A 1 68  TYR 68  78  78  TYR TYR A . n 
A 1 69  TRP 69  79  79  TRP TRP A . n 
A 1 70  LYS 70  80  80  LYS LYS A . n 
A 1 71  ALA 71  81  81  ALA ALA A . n 
A 1 72  LEU 72  82  82  LEU LEU A . n 
A 1 73  GLY 73  83  83  GLY GLY A . n 
A 1 74  ILE 74  84  84  ILE ILE A . n 
A 1 75  SER 75  85  85  SER SER A . n 
A 1 76  PRO 76  86  86  PRO PRO A . n 
A 1 77  PHE 77  87  87  PHE PHE A . n 
A 1 78  HIS 78  88  88  HIS HIS A . n 
A 1 79  GLU 79  89  89  GLU GLU A . n 
A 1 80  HIS 80  90  90  HIS HIS A . n 
A 1 81  ALA 81  91  91  ALA ALA A . n 
A 1 82  GLU 82  92  92  GLU GLU A . n 
A 1 83  VAL 83  93  93  VAL VAL A . n 
A 1 84  VAL 84  94  94  VAL VAL A . n 
A 1 85  PHE 85  95  95  PHE PHE A . n 
A 1 86  THR 86  96  96  THR THR A . n 
A 1 87  ALA 87  97  97  ALA ALA A . n 
A 1 88  ASN 88  98  98  ASN ASN A . n 
A 1 89  ASP 89  99  99  ASP ASP A . n 
A 1 90  SER 90  100 100 SER SER A . n 
A 1 91  GLY 91  101 101 GLY GLY A . n 
A 1 92  PRO 92  102 102 PRO PRO A . n 
A 1 93  ARG 93  103 103 ARG ARG A . n 
A 1 94  ARG 94  104 104 ARG ARG A . n 
A 1 95  TYR 95  105 105 TYR TYR A . n 
A 1 96  THR 96  106 106 THR THR A . n 
A 1 97  ILE 97  107 107 ILE ILE A . n 
A 1 98  ALA 98  108 108 ALA ALA A . n 
A 1 99  ALA 99  109 109 ALA ALA A . n 
A 1 100 LEU 100 110 110 LEU LEU A . n 
A 1 101 LEU 101 111 111 LEU LEU A . n 
A 1 102 SER 102 112 112 SER SER A . n 
A 1 103 PRO 103 113 113 PRO PRO A . n 
A 1 104 TYR 104 114 114 TYR TYR A . n 
A 1 105 SER 105 115 115 SER SER A . n 
A 1 106 TYR 106 116 116 TYR TYR A . n 
A 1 107 SER 107 117 117 SER SER A . n 
A 1 108 THR 108 118 118 THR THR A . n 
A 1 109 THR 109 119 119 THR THR A . n 
A 1 110 ALA 110 120 120 ALA ALA A . n 
A 1 111 VAL 111 121 121 VAL VAL A . n 
A 1 112 VAL 112 122 122 VAL VAL A . n 
A 1 113 THR 113 123 123 THR THR A . n 
A 1 114 ASN 114 124 ?   ?   ?   A . n 
A 1 115 PRO 115 125 ?   ?   ?   A . n 
A 1 116 LYS 116 126 ?   ?   ?   A . n 
A 1 117 GLU 117 127 ?   ?   ?   A . n 
B 1 1   PRO 1   11  11  PRO PRO B . n 
B 1 2   LEU 2   12  12  LEU LEU B . n 
B 1 3   MET 3   13  13  MET MET B . n 
B 1 4   VAL 4   14  14  VAL VAL B . n 
B 1 5   LYS 5   15  15  LYS LYS B . n 
B 1 6   VAL 6   16  16  VAL VAL B . n 
B 1 7   LEU 7   17  17  LEU LEU B . n 
B 1 8   ASP 8   18  18  ASP ASP B . n 
B 1 9   ALA 9   19  19  ALA ALA B . n 
B 1 10  VAL 10  20  20  VAL VAL B . n 
B 1 11  ARG 11  21  21  ARG ARG B . n 
B 1 12  GLY 12  22  22  GLY GLY B . n 
B 1 13  SER 13  23  23  SER SER B . n 
B 1 14  PRO 14  24  24  PRO PRO B . n 
B 1 15  ALA 15  25  25  ALA ALA B . n 
B 1 16  ILE 16  26  26  ILE ILE B . n 
B 1 17  ASN 17  27  27  ASN ASN B . n 
B 1 18  VAL 18  28  28  VAL VAL B . n 
B 1 19  ALA 19  29  29  ALA ALA B . n 
B 1 20  VAL 20  30  30  VAL VAL B . n 
B 1 21  HIS 21  31  31  HIS HIS B . n 
B 1 22  VAL 22  32  32  VAL VAL B . n 
B 1 23  PHE 23  33  33  PHE PHE B . n 
B 1 24  ARG 24  34  34  ARG ARG B . n 
B 1 25  LYS 25  35  35  LYS LYS B . n 
B 1 26  ALA 26  36  36  ALA ALA B . n 
B 1 27  ALA 27  37  37  ALA ALA B . n 
B 1 28  ASP 28  38  38  ASP ASP B . n 
B 1 29  ASP 29  39  39  ASP ASP B . n 
B 1 30  THR 30  40  40  THR THR B . n 
B 1 31  TRP 31  41  41  TRP TRP B . n 
B 1 32  GLU 32  42  42  GLU GLU B . n 
B 1 33  PRO 33  43  43  PRO PRO B . n 
B 1 34  PHE 34  44  44  PHE PHE B . n 
B 1 35  ALA 35  45  45  ALA ALA B . n 
B 1 36  SER 36  46  46  SER SER B . n 
B 1 37  GLY 37  47  47  GLY GLY B . n 
B 1 38  LYS 38  48  48  LYS LYS B . n 
B 1 39  THR 39  49  49  THR THR B . n 
B 1 40  SER 40  50  50  SER SER B . n 
B 1 41  GLU 41  51  51  GLU GLU B . n 
B 1 42  SER 42  52  52  SER SER B . n 
B 1 43  GLY 43  53  53  GLY GLY B . n 
B 1 44  GLU 44  54  54  GLU GLU B . n 
B 1 45  LEU 45  55  55  LEU LEU B . n 
B 1 46  HIS 46  56  56  HIS HIS B . n 
B 1 47  GLY 47  57  57  GLY GLY B . n 
B 1 48  LEU 48  58  58  LEU LEU B . n 
B 1 49  THR 49  59  59  THR THR B . n 
B 1 50  THR 50  60  60  THR THR B . n 
B 1 51  GLU 51  61  ?   ?   ?   B . n 
B 1 52  GLU 52  62  ?   ?   ?   B . n 
B 1 53  GLU 53  63  63  GLU GLU B . n 
B 1 54  PHE 54  64  64  PHE PHE B . n 
B 1 55  VAL 55  65  65  VAL VAL B . n 
B 1 56  GLU 56  66  66  GLU GLU B . n 
B 1 57  GLY 57  67  67  GLY GLY B . n 
B 1 58  ILE 58  68  68  ILE ILE B . n 
B 1 59  TYR 59  69  69  TYR TYR B . n 
B 1 60  LYS 60  70  70  LYS LYS B . n 
B 1 61  VAL 61  71  71  VAL VAL B . n 
B 1 62  GLU 62  72  72  GLU GLU B . n 
B 1 63  ILE 63  73  73  ILE ILE B . n 
B 1 64  ASP 64  74  74  ASP ASP B . n 
B 1 65  THR 65  75  75  THR THR B . n 
B 1 66  LYS 66  76  76  LYS LYS B . n 
B 1 67  SER 67  77  77  SER SER B . n 
B 1 68  TYR 68  78  78  TYR TYR B . n 
B 1 69  TRP 69  79  79  TRP TRP B . n 
B 1 70  LYS 70  80  80  LYS LYS B . n 
B 1 71  ALA 71  81  81  ALA ALA B . n 
B 1 72  LEU 72  82  82  LEU LEU B . n 
B 1 73  GLY 73  83  83  GLY GLY B . n 
B 1 74  ILE 74  84  84  ILE ILE B . n 
B 1 75  SER 75  85  85  SER SER B . n 
B 1 76  PRO 76  86  86  PRO PRO B . n 
B 1 77  PHE 77  87  87  PHE PHE B . n 
B 1 78  HIS 78  88  88  HIS HIS B . n 
B 1 79  GLU 79  89  89  GLU GLU B . n 
B 1 80  HIS 80  90  90  HIS HIS B . n 
B 1 81  ALA 81  91  91  ALA ALA B . n 
B 1 82  GLU 82  92  92  GLU GLU B . n 
B 1 83  VAL 83  93  93  VAL VAL B . n 
B 1 84  VAL 84  94  94  VAL VAL B . n 
B 1 85  PHE 85  95  95  PHE PHE B . n 
B 1 86  THR 86  96  96  THR THR B . n 
B 1 87  ALA 87  97  97  ALA ALA B . n 
B 1 88  ASN 88  98  98  ASN ASN B . n 
B 1 89  ASP 89  99  ?   ?   ?   B . n 
B 1 90  SER 90  100 ?   ?   ?   B . n 
B 1 91  GLY 91  101 ?   ?   ?   B . n 
B 1 92  PRO 92  102 ?   ?   ?   B . n 
B 1 93  ARG 93  103 ?   ?   ?   B . n 
B 1 94  ARG 94  104 104 ARG ARG B . n 
B 1 95  TYR 95  105 105 TYR TYR B . n 
B 1 96  THR 96  106 106 THR THR B . n 
B 1 97  ILE 97  107 107 ILE ILE B . n 
B 1 98  ALA 98  108 108 ALA ALA B . n 
B 1 99  ALA 99  109 109 ALA ALA B . n 
B 1 100 LEU 100 110 110 LEU LEU B . n 
B 1 101 LEU 101 111 111 LEU LEU B . n 
B 1 102 SER 102 112 112 SER SER B . n 
B 1 103 PRO 103 113 113 PRO PRO B . n 
B 1 104 TYR 104 114 114 TYR TYR B . n 
B 1 105 SER 105 115 115 SER SER B . n 
B 1 106 TYR 106 116 116 TYR TYR B . n 
B 1 107 SER 107 117 117 SER SER B . n 
B 1 108 THR 108 118 118 THR THR B . n 
B 1 109 THR 109 119 119 THR THR B . n 
B 1 110 ALA 110 120 120 ALA ALA B . n 
B 1 111 VAL 111 121 121 VAL VAL B . n 
B 1 112 VAL 112 122 122 VAL VAL B . n 
B 1 113 THR 113 123 123 THR THR B . n 
B 1 114 ASN 114 124 ?   ?   ?   B . n 
B 1 115 PRO 115 125 ?   ?   ?   B . n 
B 1 116 LYS 116 126 ?   ?   ?   B . n 
B 1 117 GLU 117 127 ?   ?   ?   B . n 
# 
loop_
_pdbx_nonpoly_scheme.asym_id 
_pdbx_nonpoly_scheme.entity_id 
_pdbx_nonpoly_scheme.mon_id 
_pdbx_nonpoly_scheme.ndb_seq_num 
_pdbx_nonpoly_scheme.pdb_seq_num 
_pdbx_nonpoly_scheme.auth_seq_num 
_pdbx_nonpoly_scheme.pdb_mon_id 
_pdbx_nonpoly_scheme.auth_mon_id 
_pdbx_nonpoly_scheme.pdb_strand_id 
_pdbx_nonpoly_scheme.pdb_ins_code 
C 2 HOH 1  128 3   HOH WAT A . 
C 2 HOH 2  129 5   HOH WAT A . 
C 2 HOH 3  130 7   HOH WAT A . 
C 2 HOH 4  131 8   HOH WAT A . 
C 2 HOH 5  132 9   HOH WAT A . 
C 2 HOH 6  133 10  HOH WAT A . 
C 2 HOH 7  134 11  HOH WAT A . 
C 2 HOH 8  135 12  HOH WAT A . 
C 2 HOH 9  136 15  HOH WAT A . 
C 2 HOH 10 137 16  HOH WAT A . 
C 2 HOH 11 138 17  HOH WAT A . 
C 2 HOH 12 139 19  HOH WAT A . 
C 2 HOH 13 140 20  HOH WAT A . 
C 2 HOH 14 141 21  HOH WAT A . 
C 2 HOH 15 142 24  HOH WAT A . 
C 2 HOH 16 143 26  HOH WAT A . 
C 2 HOH 17 144 28  HOH WAT A . 
C 2 HOH 18 145 29  HOH WAT A . 
C 2 HOH 19 146 30  HOH WAT A . 
C 2 HOH 20 147 31  HOH WAT A . 
C 2 HOH 21 148 32  HOH WAT A . 
C 2 HOH 22 149 33  HOH WAT A . 
C 2 HOH 23 150 34  HOH WAT A . 
C 2 HOH 24 151 36  HOH WAT A . 
C 2 HOH 25 152 38  HOH WAT A . 
C 2 HOH 26 153 41  HOH WAT A . 
C 2 HOH 27 154 47  HOH WAT A . 
C 2 HOH 28 155 48  HOH WAT A . 
C 2 HOH 29 156 50  HOH WAT A . 
C 2 HOH 30 157 51  HOH WAT A . 
C 2 HOH 31 158 52  HOH WAT A . 
C 2 HOH 32 159 53  HOH WAT A . 
C 2 HOH 33 160 55  HOH WAT A . 
C 2 HOH 34 161 56  HOH WAT A . 
C 2 HOH 35 162 57  HOH WAT A . 
C 2 HOH 36 163 62  HOH WAT A . 
C 2 HOH 37 164 65  HOH WAT A . 
C 2 HOH 38 165 70  HOH WAT A . 
C 2 HOH 39 166 71  HOH WAT A . 
C 2 HOH 40 167 74  HOH WAT A . 
C 2 HOH 41 168 78  HOH WAT A . 
C 2 HOH 42 169 79  HOH WAT A . 
C 2 HOH 43 170 81  HOH WAT A . 
C 2 HOH 44 171 83  HOH WAT A . 
C 2 HOH 45 172 86  HOH WAT A . 
C 2 HOH 46 173 87  HOH WAT A . 
C 2 HOH 47 174 89  HOH WAT A . 
C 2 HOH 48 175 94  HOH WAT A . 
C 2 HOH 49 176 95  HOH WAT A . 
C 2 HOH 50 177 100 HOH WAT A . 
C 2 HOH 51 178 102 HOH WAT A . 
C 2 HOH 52 179 106 HOH WAT A . 
C 2 HOH 53 180 107 HOH WAT A . 
C 2 HOH 54 181 112 HOH WAT A . 
C 2 HOH 55 182 113 HOH WAT A . 
C 2 HOH 56 183 115 HOH WAT A . 
C 2 HOH 57 184 125 HOH WAT A . 
C 2 HOH 58 185 128 HOH WAT A . 
C 2 HOH 59 186 130 HOH WAT A . 
C 2 HOH 60 187 154 HOH WAT A . 
C 2 HOH 61 188 158 HOH WAT A . 
C 2 HOH 62 189 159 HOH WAT A . 
C 2 HOH 63 190 160 HOH WAT A . 
C 2 HOH 64 191 161 HOH WAT A . 
C 2 HOH 65 192 162 HOH WAT A . 
C 2 HOH 66 193 165 HOH WAT A . 
C 2 HOH 67 194 168 HOH WAT A . 
C 2 HOH 68 195 171 HOH WAT A . 
C 2 HOH 69 196 179 HOH WAT A . 
C 2 HOH 70 197 185 HOH WAT A . 
D 2 HOH 1  128 1   HOH WAT B . 
D 2 HOH 2  129 2   HOH WAT B . 
D 2 HOH 3  130 4   HOH WAT B . 
D 2 HOH 4  131 6   HOH WAT B . 
D 2 HOH 5  132 13  HOH WAT B . 
D 2 HOH 6  133 14  HOH WAT B . 
D 2 HOH 7  134 18  HOH WAT B . 
D 2 HOH 8  135 22  HOH WAT B . 
D 2 HOH 9  136 23  HOH WAT B . 
D 2 HOH 10 137 25  HOH WAT B . 
D 2 HOH 11 138 27  HOH WAT B . 
D 2 HOH 12 139 35  HOH WAT B . 
D 2 HOH 13 140 37  HOH WAT B . 
D 2 HOH 14 141 39  HOH WAT B . 
D 2 HOH 15 142 40  HOH WAT B . 
D 2 HOH 16 143 42  HOH WAT B . 
D 2 HOH 17 144 43  HOH WAT B . 
D 2 HOH 18 145 44  HOH WAT B . 
D 2 HOH 19 146 45  HOH WAT B . 
D 2 HOH 20 147 46  HOH WAT B . 
D 2 HOH 21 148 61  HOH WAT B . 
D 2 HOH 22 149 63  HOH WAT B . 
D 2 HOH 23 150 64  HOH WAT B . 
D 2 HOH 24 151 67  HOH WAT B . 
D 2 HOH 25 152 68  HOH WAT B . 
D 2 HOH 26 153 69  HOH WAT B . 
D 2 HOH 27 154 72  HOH WAT B . 
D 2 HOH 28 155 73  HOH WAT B . 
D 2 HOH 29 156 75  HOH WAT B . 
D 2 HOH 30 157 76  HOH WAT B . 
D 2 HOH 31 158 77  HOH WAT B . 
D 2 HOH 32 159 80  HOH WAT B . 
D 2 HOH 33 160 82  HOH WAT B . 
D 2 HOH 34 161 84  HOH WAT B . 
D 2 HOH 35 162 88  HOH WAT B . 
D 2 HOH 36 163 98  HOH WAT B . 
D 2 HOH 37 164 101 HOH WAT B . 
D 2 HOH 38 165 103 HOH WAT B . 
D 2 HOH 39 166 117 HOH WAT B . 
D 2 HOH 40 167 118 HOH WAT B . 
D 2 HOH 41 168 120 HOH WAT B . 
D 2 HOH 42 169 124 HOH WAT B . 
D 2 HOH 43 170 127 HOH WAT B . 
D 2 HOH 44 171 134 HOH WAT B . 
D 2 HOH 45 172 148 HOH WAT B . 
D 2 HOH 46 173 149 HOH WAT B . 
D 2 HOH 47 174 163 HOH WAT B . 
D 2 HOH 48 175 167 HOH WAT B . 
D 2 HOH 49 176 174 HOH WAT B . 
D 2 HOH 50 177 178 HOH WAT B . 
D 2 HOH 51 178 182 HOH WAT B . 
D 2 HOH 52 179 194 HOH WAT B . 
D 2 HOH 53 180 207 HOH WAT B . 
D 2 HOH 54 181 216 HOH WAT B . 
D 2 HOH 55 182 217 HOH WAT B . 
# 
_pdbx_struct_assembly.id                   1 
_pdbx_struct_assembly.details              author_and_software_defined_assembly 
_pdbx_struct_assembly.method_details       PISA,PQS 
_pdbx_struct_assembly.oligomeric_details   tetrameric 
_pdbx_struct_assembly.oligomeric_count     4 
# 
_pdbx_struct_assembly_gen.assembly_id       1 
_pdbx_struct_assembly_gen.oper_expression   1,2 
_pdbx_struct_assembly_gen.asym_id_list      A,B,C,D 
# 
loop_
_pdbx_struct_assembly_prop.biol_id 
_pdbx_struct_assembly_prop.type 
_pdbx_struct_assembly_prop.value 
_pdbx_struct_assembly_prop.details 
1 'ABSA (A^2)' 6210  ? 
1 MORE         -44   ? 
1 'SSA (A^2)'  17570 ? 
# 
loop_
_pdbx_struct_oper_list.id 
_pdbx_struct_oper_list.type 
_pdbx_struct_oper_list.name 
_pdbx_struct_oper_list.symmetry_operation 
_pdbx_struct_oper_list.matrix[1][1] 
_pdbx_struct_oper_list.matrix[1][2] 
_pdbx_struct_oper_list.matrix[1][3] 
_pdbx_struct_oper_list.vector[1] 
_pdbx_struct_oper_list.matrix[2][1] 
_pdbx_struct_oper_list.matrix[2][2] 
_pdbx_struct_oper_list.matrix[2][3] 
_pdbx_struct_oper_list.vector[2] 
_pdbx_struct_oper_list.matrix[3][1] 
_pdbx_struct_oper_list.matrix[3][2] 
_pdbx_struct_oper_list.matrix[3][3] 
_pdbx_struct_oper_list.vector[3] 
1 'identity operation'         1_555 x,y,z       1.0000000000 0.0000000000  0.0000000000 0.0000000000 0.0000000000  1.0000000000  0.0000000000  0.0000000000   0.0000000000 0.0000000000  1.0000000000  0.0000000000   
2 'crystal symmetry operation' 2_665 -x+1,-y+1,z 0.9324814240 -0.0421143158 0.3587544819 2.3199081681 -0.0421143158 -0.9990822082 -0.0078182897 -20.3615111231 0.3587544819 -0.0078182897 -0.9333992158 -14.8867563202 
# 
loop_
_pdbx_audit_revision_history.ordinal 
_pdbx_audit_revision_history.data_content_type 
_pdbx_audit_revision_history.major_revision 
_pdbx_audit_revision_history.minor_revision 
_pdbx_audit_revision_history.revision_date 
1 'Structure model' 1 0 2004-09-14 
2 'Structure model' 1 1 2008-04-29 
3 'Structure model' 1 2 2011-07-13 
4 'Structure model' 1 3 2023-08-16 
# 
_pdbx_audit_revision_details.ordinal             1 
_pdbx_audit_revision_details.revision_ordinal    1 
_pdbx_audit_revision_details.data_content_type   'Structure model' 
_pdbx_audit_revision_details.provider            repository 
_pdbx_audit_revision_details.type                'Initial release' 
_pdbx_audit_revision_details.description         ? 
_pdbx_audit_revision_details.details             ? 
# 
loop_
_pdbx_audit_revision_group.ordinal 
_pdbx_audit_revision_group.revision_ordinal 
_pdbx_audit_revision_group.data_content_type 
_pdbx_audit_revision_group.group 
1 2 'Structure model' 'Version format compliance' 
2 3 'Structure model' 'Derived calculations'      
3 3 'Structure model' 'Version format compliance' 
4 4 'Structure model' 'Data collection'           
5 4 'Structure model' 'Database references'       
6 4 'Structure model' 'Refinement description'    
# 
loop_
_pdbx_audit_revision_category.ordinal 
_pdbx_audit_revision_category.revision_ordinal 
_pdbx_audit_revision_category.data_content_type 
_pdbx_audit_revision_category.category 
1 4 'Structure model' chem_comp_atom                
2 4 'Structure model' chem_comp_bond                
3 4 'Structure model' database_2                    
4 4 'Structure model' pdbx_initial_refinement_model 
# 
loop_
_pdbx_audit_revision_item.ordinal 
_pdbx_audit_revision_item.revision_ordinal 
_pdbx_audit_revision_item.data_content_type 
_pdbx_audit_revision_item.item 
1 4 'Structure model' '_database_2.pdbx_DOI'                
2 4 'Structure model' '_database_2.pdbx_database_accession' 
# 
loop_
_software.name 
_software.classification 
_software.version 
_software.citation_id 
_software.pdbx_ordinal 
REFMAC    refinement       5.1.24 ? 1 
HKL-2000  'data reduction' .      ? 2 
SCALEPACK 'data scaling'   .      ? 3 
CNS       phasing          .      ? 4 
# 
_pdbx_database_remark.id     999 
_pdbx_database_remark.text   
;SEQUENCE
THIS CONSTRUCT OF TRANSTHYRETIN WAS MADE BY 
JOINING TWO MONOMERS VIA A GLYCINE RICH PEPTIDE 
TO ESSENTIALLY FORM A DIMER OF DIMERS, WHEN IN 
THE ACTIVE STATE.  THE ACTIVE FORM OF THIS 
CONSTRUCT CRYSTALLIZED WITH HALF OF EACH FULL 
LENGTH DIMER IN THE ASYMMETRIC UNIT AND WAS 
ISOMORPHOUS WITH THE STRUCTURE OF 1BZD.PDB.  
NO ELECTRON DENSITY WAS OBSERVED FOR THE LINKER 
AND AS SUCH WAS REFINED AS TWO SEPERATE CHAINS 
(MONOMERS) IN THE ASYMMETRIC UNIT, AS FOR WILD 
TYPE TRANSTHYRETIN.  THE SEQUENCE OF THE LINKER
IS GSGGGTGGGSG.
;
# 
loop_
_pdbx_validate_rmsd_bond.id 
_pdbx_validate_rmsd_bond.PDB_model_num 
_pdbx_validate_rmsd_bond.auth_atom_id_1 
_pdbx_validate_rmsd_bond.auth_asym_id_1 
_pdbx_validate_rmsd_bond.auth_comp_id_1 
_pdbx_validate_rmsd_bond.auth_seq_id_1 
_pdbx_validate_rmsd_bond.PDB_ins_code_1 
_pdbx_validate_rmsd_bond.label_alt_id_1 
_pdbx_validate_rmsd_bond.auth_atom_id_2 
_pdbx_validate_rmsd_bond.auth_asym_id_2 
_pdbx_validate_rmsd_bond.auth_comp_id_2 
_pdbx_validate_rmsd_bond.auth_seq_id_2 
_pdbx_validate_rmsd_bond.PDB_ins_code_2 
_pdbx_validate_rmsd_bond.label_alt_id_2 
_pdbx_validate_rmsd_bond.bond_value 
_pdbx_validate_rmsd_bond.bond_target_value 
_pdbx_validate_rmsd_bond.bond_deviation 
_pdbx_validate_rmsd_bond.bond_standard_deviation 
_pdbx_validate_rmsd_bond.linker_flag 
1 1 CD A GLU 63 ? ? OE2 A GLU 63 ? ? 1.336 1.252 0.084 0.011 N 
2 1 CD B GLU 63 ? ? OE2 B GLU 63 ? ? 1.341 1.252 0.089 0.011 N 
# 
loop_
_pdbx_validate_rmsd_angle.id 
_pdbx_validate_rmsd_angle.PDB_model_num 
_pdbx_validate_rmsd_angle.auth_atom_id_1 
_pdbx_validate_rmsd_angle.auth_asym_id_1 
_pdbx_validate_rmsd_angle.auth_comp_id_1 
_pdbx_validate_rmsd_angle.auth_seq_id_1 
_pdbx_validate_rmsd_angle.PDB_ins_code_1 
_pdbx_validate_rmsd_angle.label_alt_id_1 
_pdbx_validate_rmsd_angle.auth_atom_id_2 
_pdbx_validate_rmsd_angle.auth_asym_id_2 
_pdbx_validate_rmsd_angle.auth_comp_id_2 
_pdbx_validate_rmsd_angle.auth_seq_id_2 
_pdbx_validate_rmsd_angle.PDB_ins_code_2 
_pdbx_validate_rmsd_angle.label_alt_id_2 
_pdbx_validate_rmsd_angle.auth_atom_id_3 
_pdbx_validate_rmsd_angle.auth_asym_id_3 
_pdbx_validate_rmsd_angle.auth_comp_id_3 
_pdbx_validate_rmsd_angle.auth_seq_id_3 
_pdbx_validate_rmsd_angle.PDB_ins_code_3 
_pdbx_validate_rmsd_angle.label_alt_id_3 
_pdbx_validate_rmsd_angle.angle_value 
_pdbx_validate_rmsd_angle.angle_target_value 
_pdbx_validate_rmsd_angle.angle_deviation 
_pdbx_validate_rmsd_angle.angle_standard_deviation 
_pdbx_validate_rmsd_angle.linker_flag 
1 1 CB A ASP 74 ? ? CG A ASP 74 ? ? OD2 A ASP 74 ? ? 124.13 118.30 5.83 0.90 N 
2 1 CB B ASP 74 ? ? CG B ASP 74 ? ? OD2 B ASP 74 ? ? 124.06 118.30 5.76 0.90 N 
# 
loop_
_pdbx_unobs_or_zero_occ_residues.id 
_pdbx_unobs_or_zero_occ_residues.PDB_model_num 
_pdbx_unobs_or_zero_occ_residues.polymer_flag 
_pdbx_unobs_or_zero_occ_residues.occupancy_flag 
_pdbx_unobs_or_zero_occ_residues.auth_asym_id 
_pdbx_unobs_or_zero_occ_residues.auth_comp_id 
_pdbx_unobs_or_zero_occ_residues.auth_seq_id 
_pdbx_unobs_or_zero_occ_residues.PDB_ins_code 
_pdbx_unobs_or_zero_occ_residues.label_asym_id 
_pdbx_unobs_or_zero_occ_residues.label_comp_id 
_pdbx_unobs_or_zero_occ_residues.label_seq_id 
1  1 Y 1 A ALA 37  ? A ALA 27  
2  1 Y 1 A ASP 38  ? A ASP 28  
3  1 Y 1 A GLU 61  ? A GLU 51  
4  1 Y 1 A ASN 124 ? A ASN 114 
5  1 Y 1 A PRO 125 ? A PRO 115 
6  1 Y 1 A LYS 126 ? A LYS 116 
7  1 Y 1 A GLU 127 ? A GLU 117 
8  1 Y 1 B GLU 61  ? B GLU 51  
9  1 Y 1 B GLU 62  ? B GLU 52  
10 1 Y 1 B ASP 99  ? B ASP 89  
11 1 Y 1 B SER 100 ? B SER 90  
12 1 Y 1 B GLY 101 ? B GLY 91  
13 1 Y 1 B PRO 102 ? B PRO 92  
14 1 Y 1 B ARG 103 ? B ARG 93  
15 1 Y 1 B ASN 124 ? B ASN 114 
16 1 Y 1 B PRO 125 ? B PRO 115 
17 1 Y 1 B LYS 126 ? B LYS 116 
18 1 Y 1 B GLU 127 ? B GLU 117 
# 
loop_
_chem_comp_atom.comp_id 
_chem_comp_atom.atom_id 
_chem_comp_atom.type_symbol 
_chem_comp_atom.pdbx_aromatic_flag 
_chem_comp_atom.pdbx_stereo_config 
_chem_comp_atom.pdbx_ordinal 
ALA N    N N N 1   
ALA CA   C N S 2   
ALA C    C N N 3   
ALA O    O N N 4   
ALA CB   C N N 5   
ALA OXT  O N N 6   
ALA H    H N N 7   
ALA H2   H N N 8   
ALA HA   H N N 9   
ALA HB1  H N N 10  
ALA HB2  H N N 11  
ALA HB3  H N N 12  
ALA HXT  H N N 13  
ARG N    N N N 14  
ARG CA   C N S 15  
ARG C    C N N 16  
ARG O    O N N 17  
ARG CB   C N N 18  
ARG CG   C N N 19  
ARG CD   C N N 20  
ARG NE   N N N 21  
ARG CZ   C N N 22  
ARG NH1  N N N 23  
ARG NH2  N N N 24  
ARG OXT  O N N 25  
ARG H    H N N 26  
ARG H2   H N N 27  
ARG HA   H N N 28  
ARG HB2  H N N 29  
ARG HB3  H N N 30  
ARG HG2  H N N 31  
ARG HG3  H N N 32  
ARG HD2  H N N 33  
ARG HD3  H N N 34  
ARG HE   H N N 35  
ARG HH11 H N N 36  
ARG HH12 H N N 37  
ARG HH21 H N N 38  
ARG HH22 H N N 39  
ARG HXT  H N N 40  
ASN N    N N N 41  
ASN CA   C N S 42  
ASN C    C N N 43  
ASN O    O N N 44  
ASN CB   C N N 45  
ASN CG   C N N 46  
ASN OD1  O N N 47  
ASN ND2  N N N 48  
ASN OXT  O N N 49  
ASN H    H N N 50  
ASN H2   H N N 51  
ASN HA   H N N 52  
ASN HB2  H N N 53  
ASN HB3  H N N 54  
ASN HD21 H N N 55  
ASN HD22 H N N 56  
ASN HXT  H N N 57  
ASP N    N N N 58  
ASP CA   C N S 59  
ASP C    C N N 60  
ASP O    O N N 61  
ASP CB   C N N 62  
ASP CG   C N N 63  
ASP OD1  O N N 64  
ASP OD2  O N N 65  
ASP OXT  O N N 66  
ASP H    H N N 67  
ASP H2   H N N 68  
ASP HA   H N N 69  
ASP HB2  H N N 70  
ASP HB3  H N N 71  
ASP HD2  H N N 72  
ASP HXT  H N N 73  
GLU N    N N N 74  
GLU CA   C N S 75  
GLU C    C N N 76  
GLU O    O N N 77  
GLU CB   C N N 78  
GLU CG   C N N 79  
GLU CD   C N N 80  
GLU OE1  O N N 81  
GLU OE2  O N N 82  
GLU OXT  O N N 83  
GLU H    H N N 84  
GLU H2   H N N 85  
GLU HA   H N N 86  
GLU HB2  H N N 87  
GLU HB3  H N N 88  
GLU HG2  H N N 89  
GLU HG3  H N N 90  
GLU HE2  H N N 91  
GLU HXT  H N N 92  
GLY N    N N N 93  
GLY CA   C N N 94  
GLY C    C N N 95  
GLY O    O N N 96  
GLY OXT  O N N 97  
GLY H    H N N 98  
GLY H2   H N N 99  
GLY HA2  H N N 100 
GLY HA3  H N N 101 
GLY HXT  H N N 102 
HIS N    N N N 103 
HIS CA   C N S 104 
HIS C    C N N 105 
HIS O    O N N 106 
HIS CB   C N N 107 
HIS CG   C Y N 108 
HIS ND1  N Y N 109 
HIS CD2  C Y N 110 
HIS CE1  C Y N 111 
HIS NE2  N Y N 112 
HIS OXT  O N N 113 
HIS H    H N N 114 
HIS H2   H N N 115 
HIS HA   H N N 116 
HIS HB2  H N N 117 
HIS HB3  H N N 118 
HIS HD1  H N N 119 
HIS HD2  H N N 120 
HIS HE1  H N N 121 
HIS HE2  H N N 122 
HIS HXT  H N N 123 
HOH O    O N N 124 
HOH H1   H N N 125 
HOH H2   H N N 126 
ILE N    N N N 127 
ILE CA   C N S 128 
ILE C    C N N 129 
ILE O    O N N 130 
ILE CB   C N S 131 
ILE CG1  C N N 132 
ILE CG2  C N N 133 
ILE CD1  C N N 134 
ILE OXT  O N N 135 
ILE H    H N N 136 
ILE H2   H N N 137 
ILE HA   H N N 138 
ILE HB   H N N 139 
ILE HG12 H N N 140 
ILE HG13 H N N 141 
ILE HG21 H N N 142 
ILE HG22 H N N 143 
ILE HG23 H N N 144 
ILE HD11 H N N 145 
ILE HD12 H N N 146 
ILE HD13 H N N 147 
ILE HXT  H N N 148 
LEU N    N N N 149 
LEU CA   C N S 150 
LEU C    C N N 151 
LEU O    O N N 152 
LEU CB   C N N 153 
LEU CG   C N N 154 
LEU CD1  C N N 155 
LEU CD2  C N N 156 
LEU OXT  O N N 157 
LEU H    H N N 158 
LEU H2   H N N 159 
LEU HA   H N N 160 
LEU HB2  H N N 161 
LEU HB3  H N N 162 
LEU HG   H N N 163 
LEU HD11 H N N 164 
LEU HD12 H N N 165 
LEU HD13 H N N 166 
LEU HD21 H N N 167 
LEU HD22 H N N 168 
LEU HD23 H N N 169 
LEU HXT  H N N 170 
LYS N    N N N 171 
LYS CA   C N S 172 
LYS C    C N N 173 
LYS O    O N N 174 
LYS CB   C N N 175 
LYS CG   C N N 176 
LYS CD   C N N 177 
LYS CE   C N N 178 
LYS NZ   N N N 179 
LYS OXT  O N N 180 
LYS H    H N N 181 
LYS H2   H N N 182 
LYS HA   H N N 183 
LYS HB2  H N N 184 
LYS HB3  H N N 185 
LYS HG2  H N N 186 
LYS HG3  H N N 187 
LYS HD2  H N N 188 
LYS HD3  H N N 189 
LYS HE2  H N N 190 
LYS HE3  H N N 191 
LYS HZ1  H N N 192 
LYS HZ2  H N N 193 
LYS HZ3  H N N 194 
LYS HXT  H N N 195 
MET N    N N N 196 
MET CA   C N S 197 
MET C    C N N 198 
MET O    O N N 199 
MET CB   C N N 200 
MET CG   C N N 201 
MET SD   S N N 202 
MET CE   C N N 203 
MET OXT  O N N 204 
MET H    H N N 205 
MET H2   H N N 206 
MET HA   H N N 207 
MET HB2  H N N 208 
MET HB3  H N N 209 
MET HG2  H N N 210 
MET HG3  H N N 211 
MET HE1  H N N 212 
MET HE2  H N N 213 
MET HE3  H N N 214 
MET HXT  H N N 215 
PHE N    N N N 216 
PHE CA   C N S 217 
PHE C    C N N 218 
PHE O    O N N 219 
PHE CB   C N N 220 
PHE CG   C Y N 221 
PHE CD1  C Y N 222 
PHE CD2  C Y N 223 
PHE CE1  C Y N 224 
PHE CE2  C Y N 225 
PHE CZ   C Y N 226 
PHE OXT  O N N 227 
PHE H    H N N 228 
PHE H2   H N N 229 
PHE HA   H N N 230 
PHE HB2  H N N 231 
PHE HB3  H N N 232 
PHE HD1  H N N 233 
PHE HD2  H N N 234 
PHE HE1  H N N 235 
PHE HE2  H N N 236 
PHE HZ   H N N 237 
PHE HXT  H N N 238 
PRO N    N N N 239 
PRO CA   C N S 240 
PRO C    C N N 241 
PRO O    O N N 242 
PRO CB   C N N 243 
PRO CG   C N N 244 
PRO CD   C N N 245 
PRO OXT  O N N 246 
PRO H    H N N 247 
PRO HA   H N N 248 
PRO HB2  H N N 249 
PRO HB3  H N N 250 
PRO HG2  H N N 251 
PRO HG3  H N N 252 
PRO HD2  H N N 253 
PRO HD3  H N N 254 
PRO HXT  H N N 255 
SER N    N N N 256 
SER CA   C N S 257 
SER C    C N N 258 
SER O    O N N 259 
SER CB   C N N 260 
SER OG   O N N 261 
SER OXT  O N N 262 
SER H    H N N 263 
SER H2   H N N 264 
SER HA   H N N 265 
SER HB2  H N N 266 
SER HB3  H N N 267 
SER HG   H N N 268 
SER HXT  H N N 269 
THR N    N N N 270 
THR CA   C N S 271 
THR C    C N N 272 
THR O    O N N 273 
THR CB   C N R 274 
THR OG1  O N N 275 
THR CG2  C N N 276 
THR OXT  O N N 277 
THR H    H N N 278 
THR H2   H N N 279 
THR HA   H N N 280 
THR HB   H N N 281 
THR HG1  H N N 282 
THR HG21 H N N 283 
THR HG22 H N N 284 
THR HG23 H N N 285 
THR HXT  H N N 286 
TRP N    N N N 287 
TRP CA   C N S 288 
TRP C    C N N 289 
TRP O    O N N 290 
TRP CB   C N N 291 
TRP CG   C Y N 292 
TRP CD1  C Y N 293 
TRP CD2  C Y N 294 
TRP NE1  N Y N 295 
TRP CE2  C Y N 296 
TRP CE3  C Y N 297 
TRP CZ2  C Y N 298 
TRP CZ3  C Y N 299 
TRP CH2  C Y N 300 
TRP OXT  O N N 301 
TRP H    H N N 302 
TRP H2   H N N 303 
TRP HA   H N N 304 
TRP HB2  H N N 305 
TRP HB3  H N N 306 
TRP HD1  H N N 307 
TRP HE1  H N N 308 
TRP HE3  H N N 309 
TRP HZ2  H N N 310 
TRP HZ3  H N N 311 
TRP HH2  H N N 312 
TRP HXT  H N N 313 
TYR N    N N N 314 
TYR CA   C N S 315 
TYR C    C N N 316 
TYR O    O N N 317 
TYR CB   C N N 318 
TYR CG   C Y N 319 
TYR CD1  C Y N 320 
TYR CD2  C Y N 321 
TYR CE1  C Y N 322 
TYR CE2  C Y N 323 
TYR CZ   C Y N 324 
TYR OH   O N N 325 
TYR OXT  O N N 326 
TYR H    H N N 327 
TYR H2   H N N 328 
TYR HA   H N N 329 
TYR HB2  H N N 330 
TYR HB3  H N N 331 
TYR HD1  H N N 332 
TYR HD2  H N N 333 
TYR HE1  H N N 334 
TYR HE2  H N N 335 
TYR HH   H N N 336 
TYR HXT  H N N 337 
VAL N    N N N 338 
VAL CA   C N S 339 
VAL C    C N N 340 
VAL O    O N N 341 
VAL CB   C N N 342 
VAL CG1  C N N 343 
VAL CG2  C N N 344 
VAL OXT  O N N 345 
VAL H    H N N 346 
VAL H2   H N N 347 
VAL HA   H N N 348 
VAL HB   H N N 349 
VAL HG11 H N N 350 
VAL HG12 H N N 351 
VAL HG13 H N N 352 
VAL HG21 H N N 353 
VAL HG22 H N N 354 
VAL HG23 H N N 355 
VAL HXT  H N N 356 
# 
loop_
_chem_comp_bond.comp_id 
_chem_comp_bond.atom_id_1 
_chem_comp_bond.atom_id_2 
_chem_comp_bond.value_order 
_chem_comp_bond.pdbx_aromatic_flag 
_chem_comp_bond.pdbx_stereo_config 
_chem_comp_bond.pdbx_ordinal 
ALA N   CA   sing N N 1   
ALA N   H    sing N N 2   
ALA N   H2   sing N N 3   
ALA CA  C    sing N N 4   
ALA CA  CB   sing N N 5   
ALA CA  HA   sing N N 6   
ALA C   O    doub N N 7   
ALA C   OXT  sing N N 8   
ALA CB  HB1  sing N N 9   
ALA CB  HB2  sing N N 10  
ALA CB  HB3  sing N N 11  
ALA OXT HXT  sing N N 12  
ARG N   CA   sing N N 13  
ARG N   H    sing N N 14  
ARG N   H2   sing N N 15  
ARG CA  C    sing N N 16  
ARG CA  CB   sing N N 17  
ARG CA  HA   sing N N 18  
ARG C   O    doub N N 19  
ARG C   OXT  sing N N 20  
ARG CB  CG   sing N N 21  
ARG CB  HB2  sing N N 22  
ARG CB  HB3  sing N N 23  
ARG CG  CD   sing N N 24  
ARG CG  HG2  sing N N 25  
ARG CG  HG3  sing N N 26  
ARG CD  NE   sing N N 27  
ARG CD  HD2  sing N N 28  
ARG CD  HD3  sing N N 29  
ARG NE  CZ   sing N N 30  
ARG NE  HE   sing N N 31  
ARG CZ  NH1  sing N N 32  
ARG CZ  NH2  doub N N 33  
ARG NH1 HH11 sing N N 34  
ARG NH1 HH12 sing N N 35  
ARG NH2 HH21 sing N N 36  
ARG NH2 HH22 sing N N 37  
ARG OXT HXT  sing N N 38  
ASN N   CA   sing N N 39  
ASN N   H    sing N N 40  
ASN N   H2   sing N N 41  
ASN CA  C    sing N N 42  
ASN CA  CB   sing N N 43  
ASN CA  HA   sing N N 44  
ASN C   O    doub N N 45  
ASN C   OXT  sing N N 46  
ASN CB  CG   sing N N 47  
ASN CB  HB2  sing N N 48  
ASN CB  HB3  sing N N 49  
ASN CG  OD1  doub N N 50  
ASN CG  ND2  sing N N 51  
ASN ND2 HD21 sing N N 52  
ASN ND2 HD22 sing N N 53  
ASN OXT HXT  sing N N 54  
ASP N   CA   sing N N 55  
ASP N   H    sing N N 56  
ASP N   H2   sing N N 57  
ASP CA  C    sing N N 58  
ASP CA  CB   sing N N 59  
ASP CA  HA   sing N N 60  
ASP C   O    doub N N 61  
ASP C   OXT  sing N N 62  
ASP CB  CG   sing N N 63  
ASP CB  HB2  sing N N 64  
ASP CB  HB3  sing N N 65  
ASP CG  OD1  doub N N 66  
ASP CG  OD2  sing N N 67  
ASP OD2 HD2  sing N N 68  
ASP OXT HXT  sing N N 69  
GLU N   CA   sing N N 70  
GLU N   H    sing N N 71  
GLU N   H2   sing N N 72  
GLU CA  C    sing N N 73  
GLU CA  CB   sing N N 74  
GLU CA  HA   sing N N 75  
GLU C   O    doub N N 76  
GLU C   OXT  sing N N 77  
GLU CB  CG   sing N N 78  
GLU CB  HB2  sing N N 79  
GLU CB  HB3  sing N N 80  
GLU CG  CD   sing N N 81  
GLU CG  HG2  sing N N 82  
GLU CG  HG3  sing N N 83  
GLU CD  OE1  doub N N 84  
GLU CD  OE2  sing N N 85  
GLU OE2 HE2  sing N N 86  
GLU OXT HXT  sing N N 87  
GLY N   CA   sing N N 88  
GLY N   H    sing N N 89  
GLY N   H2   sing N N 90  
GLY CA  C    sing N N 91  
GLY CA  HA2  sing N N 92  
GLY CA  HA3  sing N N 93  
GLY C   O    doub N N 94  
GLY C   OXT  sing N N 95  
GLY OXT HXT  sing N N 96  
HIS N   CA   sing N N 97  
HIS N   H    sing N N 98  
HIS N   H2   sing N N 99  
HIS CA  C    sing N N 100 
HIS CA  CB   sing N N 101 
HIS CA  HA   sing N N 102 
HIS C   O    doub N N 103 
HIS C   OXT  sing N N 104 
HIS CB  CG   sing N N 105 
HIS CB  HB2  sing N N 106 
HIS CB  HB3  sing N N 107 
HIS CG  ND1  sing Y N 108 
HIS CG  CD2  doub Y N 109 
HIS ND1 CE1  doub Y N 110 
HIS ND1 HD1  sing N N 111 
HIS CD2 NE2  sing Y N 112 
HIS CD2 HD2  sing N N 113 
HIS CE1 NE2  sing Y N 114 
HIS CE1 HE1  sing N N 115 
HIS NE2 HE2  sing N N 116 
HIS OXT HXT  sing N N 117 
HOH O   H1   sing N N 118 
HOH O   H2   sing N N 119 
ILE N   CA   sing N N 120 
ILE N   H    sing N N 121 
ILE N   H2   sing N N 122 
ILE CA  C    sing N N 123 
ILE CA  CB   sing N N 124 
ILE CA  HA   sing N N 125 
ILE C   O    doub N N 126 
ILE C   OXT  sing N N 127 
ILE CB  CG1  sing N N 128 
ILE CB  CG2  sing N N 129 
ILE CB  HB   sing N N 130 
ILE CG1 CD1  sing N N 131 
ILE CG1 HG12 sing N N 132 
ILE CG1 HG13 sing N N 133 
ILE CG2 HG21 sing N N 134 
ILE CG2 HG22 sing N N 135 
ILE CG2 HG23 sing N N 136 
ILE CD1 HD11 sing N N 137 
ILE CD1 HD12 sing N N 138 
ILE CD1 HD13 sing N N 139 
ILE OXT HXT  sing N N 140 
LEU N   CA   sing N N 141 
LEU N   H    sing N N 142 
LEU N   H2   sing N N 143 
LEU CA  C    sing N N 144 
LEU CA  CB   sing N N 145 
LEU CA  HA   sing N N 146 
LEU C   O    doub N N 147 
LEU C   OXT  sing N N 148 
LEU CB  CG   sing N N 149 
LEU CB  HB2  sing N N 150 
LEU CB  HB3  sing N N 151 
LEU CG  CD1  sing N N 152 
LEU CG  CD2  sing N N 153 
LEU CG  HG   sing N N 154 
LEU CD1 HD11 sing N N 155 
LEU CD1 HD12 sing N N 156 
LEU CD1 HD13 sing N N 157 
LEU CD2 HD21 sing N N 158 
LEU CD2 HD22 sing N N 159 
LEU CD2 HD23 sing N N 160 
LEU OXT HXT  sing N N 161 
LYS N   CA   sing N N 162 
LYS N   H    sing N N 163 
LYS N   H2   sing N N 164 
LYS CA  C    sing N N 165 
LYS CA  CB   sing N N 166 
LYS CA  HA   sing N N 167 
LYS C   O    doub N N 168 
LYS C   OXT  sing N N 169 
LYS CB  CG   sing N N 170 
LYS CB  HB2  sing N N 171 
LYS CB  HB3  sing N N 172 
LYS CG  CD   sing N N 173 
LYS CG  HG2  sing N N 174 
LYS CG  HG3  sing N N 175 
LYS CD  CE   sing N N 176 
LYS CD  HD2  sing N N 177 
LYS CD  HD3  sing N N 178 
LYS CE  NZ   sing N N 179 
LYS CE  HE2  sing N N 180 
LYS CE  HE3  sing N N 181 
LYS NZ  HZ1  sing N N 182 
LYS NZ  HZ2  sing N N 183 
LYS NZ  HZ3  sing N N 184 
LYS OXT HXT  sing N N 185 
MET N   CA   sing N N 186 
MET N   H    sing N N 187 
MET N   H2   sing N N 188 
MET CA  C    sing N N 189 
MET CA  CB   sing N N 190 
MET CA  HA   sing N N 191 
MET C   O    doub N N 192 
MET C   OXT  sing N N 193 
MET CB  CG   sing N N 194 
MET CB  HB2  sing N N 195 
MET CB  HB3  sing N N 196 
MET CG  SD   sing N N 197 
MET CG  HG2  sing N N 198 
MET CG  HG3  sing N N 199 
MET SD  CE   sing N N 200 
MET CE  HE1  sing N N 201 
MET CE  HE2  sing N N 202 
MET CE  HE3  sing N N 203 
MET OXT HXT  sing N N 204 
PHE N   CA   sing N N 205 
PHE N   H    sing N N 206 
PHE N   H2   sing N N 207 
PHE CA  C    sing N N 208 
PHE CA  CB   sing N N 209 
PHE CA  HA   sing N N 210 
PHE C   O    doub N N 211 
PHE C   OXT  sing N N 212 
PHE CB  CG   sing N N 213 
PHE CB  HB2  sing N N 214 
PHE CB  HB3  sing N N 215 
PHE CG  CD1  doub Y N 216 
PHE CG  CD2  sing Y N 217 
PHE CD1 CE1  sing Y N 218 
PHE CD1 HD1  sing N N 219 
PHE CD2 CE2  doub Y N 220 
PHE CD2 HD2  sing N N 221 
PHE CE1 CZ   doub Y N 222 
PHE CE1 HE1  sing N N 223 
PHE CE2 CZ   sing Y N 224 
PHE CE2 HE2  sing N N 225 
PHE CZ  HZ   sing N N 226 
PHE OXT HXT  sing N N 227 
PRO N   CA   sing N N 228 
PRO N   CD   sing N N 229 
PRO N   H    sing N N 230 
PRO CA  C    sing N N 231 
PRO CA  CB   sing N N 232 
PRO CA  HA   sing N N 233 
PRO C   O    doub N N 234 
PRO C   OXT  sing N N 235 
PRO CB  CG   sing N N 236 
PRO CB  HB2  sing N N 237 
PRO CB  HB3  sing N N 238 
PRO CG  CD   sing N N 239 
PRO CG  HG2  sing N N 240 
PRO CG  HG3  sing N N 241 
PRO CD  HD2  sing N N 242 
PRO CD  HD3  sing N N 243 
PRO OXT HXT  sing N N 244 
SER N   CA   sing N N 245 
SER N   H    sing N N 246 
SER N   H2   sing N N 247 
SER CA  C    sing N N 248 
SER CA  CB   sing N N 249 
SER CA  HA   sing N N 250 
SER C   O    doub N N 251 
SER C   OXT  sing N N 252 
SER CB  OG   sing N N 253 
SER CB  HB2  sing N N 254 
SER CB  HB3  sing N N 255 
SER OG  HG   sing N N 256 
SER OXT HXT  sing N N 257 
THR N   CA   sing N N 258 
THR N   H    sing N N 259 
THR N   H2   sing N N 260 
THR CA  C    sing N N 261 
THR CA  CB   sing N N 262 
THR CA  HA   sing N N 263 
THR C   O    doub N N 264 
THR C   OXT  sing N N 265 
THR CB  OG1  sing N N 266 
THR CB  CG2  sing N N 267 
THR CB  HB   sing N N 268 
THR OG1 HG1  sing N N 269 
THR CG2 HG21 sing N N 270 
THR CG2 HG22 sing N N 271 
THR CG2 HG23 sing N N 272 
THR OXT HXT  sing N N 273 
TRP N   CA   sing N N 274 
TRP N   H    sing N N 275 
TRP N   H2   sing N N 276 
TRP CA  C    sing N N 277 
TRP CA  CB   sing N N 278 
TRP CA  HA   sing N N 279 
TRP C   O    doub N N 280 
TRP C   OXT  sing N N 281 
TRP CB  CG   sing N N 282 
TRP CB  HB2  sing N N 283 
TRP CB  HB3  sing N N 284 
TRP CG  CD1  doub Y N 285 
TRP CG  CD2  sing Y N 286 
TRP CD1 NE1  sing Y N 287 
TRP CD1 HD1  sing N N 288 
TRP CD2 CE2  doub Y N 289 
TRP CD2 CE3  sing Y N 290 
TRP NE1 CE2  sing Y N 291 
TRP NE1 HE1  sing N N 292 
TRP CE2 CZ2  sing Y N 293 
TRP CE3 CZ3  doub Y N 294 
TRP CE3 HE3  sing N N 295 
TRP CZ2 CH2  doub Y N 296 
TRP CZ2 HZ2  sing N N 297 
TRP CZ3 CH2  sing Y N 298 
TRP CZ3 HZ3  sing N N 299 
TRP CH2 HH2  sing N N 300 
TRP OXT HXT  sing N N 301 
TYR N   CA   sing N N 302 
TYR N   H    sing N N 303 
TYR N   H2   sing N N 304 
TYR CA  C    sing N N 305 
TYR CA  CB   sing N N 306 
TYR CA  HA   sing N N 307 
TYR C   O    doub N N 308 
TYR C   OXT  sing N N 309 
TYR CB  CG   sing N N 310 
TYR CB  HB2  sing N N 311 
TYR CB  HB3  sing N N 312 
TYR CG  CD1  doub Y N 313 
TYR CG  CD2  sing Y N 314 
TYR CD1 CE1  sing Y N 315 
TYR CD1 HD1  sing N N 316 
TYR CD2 CE2  doub Y N 317 
TYR CD2 HD2  sing N N 318 
TYR CE1 CZ   doub Y N 319 
TYR CE1 HE1  sing N N 320 
TYR CE2 CZ   sing Y N 321 
TYR CE2 HE2  sing N N 322 
TYR CZ  OH   sing N N 323 
TYR OH  HH   sing N N 324 
TYR OXT HXT  sing N N 325 
VAL N   CA   sing N N 326 
VAL N   H    sing N N 327 
VAL N   H2   sing N N 328 
VAL CA  C    sing N N 329 
VAL CA  CB   sing N N 330 
VAL CA  HA   sing N N 331 
VAL C   O    doub N N 332 
VAL C   OXT  sing N N 333 
VAL CB  CG1  sing N N 334 
VAL CB  CG2  sing N N 335 
VAL CB  HB   sing N N 336 
VAL CG1 HG11 sing N N 337 
VAL CG1 HG12 sing N N 338 
VAL CG1 HG13 sing N N 339 
VAL CG2 HG21 sing N N 340 
VAL CG2 HG22 sing N N 341 
VAL CG2 HG23 sing N N 342 
VAL OXT HXT  sing N N 343 
# 
_pdbx_entity_nonpoly.entity_id   2 
_pdbx_entity_nonpoly.name        water 
_pdbx_entity_nonpoly.comp_id     HOH 
# 
_pdbx_initial_refinement_model.id               1 
_pdbx_initial_refinement_model.entity_id_list   ? 
_pdbx_initial_refinement_model.type             'experimental model' 
_pdbx_initial_refinement_model.source_name      PDB 
_pdbx_initial_refinement_model.accession_code   1DVQ 
_pdbx_initial_refinement_model.details          'PDB ENTRY 1DVQ.pdb' 
# 
